data_3WQH
#
_entry.id   3WQH
#
_cell.length_a   65.160
_cell.length_b   68.990
_cell.length_c   419.600
_cell.angle_alpha   90.00
_cell.angle_beta   90.00
_cell.angle_gamma   90.00
#
_symmetry.space_group_name_H-M   'P 21 21 21'
#
loop_
_entity.id
_entity.type
_entity.pdbx_description
1 polymer 'Dipeptidyl peptidase 4'
2 non-polymer 2-acetamido-2-deoxy-beta-D-glucopyranose
3 non-polymer N-[2-({2-[(2S)-2-cyanopyrrolidin-1-yl]-2-oxoethyl}amino)-2-methylpropyl]-2-methylpyrazolo[1,5-a]pyrimidine-6-carboxamide
4 water water
#
_entity_poly.entity_id   1
_entity_poly.type   'polypeptide(L)'
_entity_poly.pdbx_seq_one_letter_code
;GPSRKTYTLTDYLKNTYRLKLYSLRWISDHEYLYKQENNILVFNAEYGNSSVFLENSTFDEFGHSINDYSISPDGQFILL
EYNYVKQWRHSYTASYDIYDLNKRQLITEERIPNNTQWVTWSPVGHKLAYVWNNDIYVKIEPNLPSYRITWTGKEDIIYN
GITDWVYEEEVFSAYSALWWSPNGTFLAYAQFNDTEVPLIEYSFYSDESLQYPKTVRVPYPKAGAVNPTVKFFVVNTDSL
SSVTNATSIQITAPASMLIGDHYLCDVTWATQERISLQWLRRIQNYSVMDICDYDESSGRWNCLVARQHIEMSTTGWVGR
FRPSEPHFTLDGNSFYKIISNEEGYRHICYFQIDKKDCTFITKGTWEVIGIEALTSDYLYYISNEYKGMPGGRNLYKIQL
SDYTKVTCLSCELNPERCQYYSVSFSKEAKYYQLRCSGPGLPLYTLHSSVNDKGLRVLEDNSALDKMLQNVQMPSKKLDF
IILNETKFWYQMILPPHFDKSKKYPLLLDVYAGPCSQKADTVFRLNWATYLASTENIIVASFDGRGSGYQGDKIMHAINR
RLGTFEVEDQIEAARQFSKMGFVDNKRIAIWGWSYGGYVTSMVLGSGSGVFKCGIAVAPVSRWEYYDSVYTERYMGLPTP
EDNLDHYRNSTVMSRAENFKQVEYLLIHGTADDNVHFQQSAQISKALVDVGVDFQAMWYTDEDHGIASSTAHQHIYTHMS
HFIKQCFSLP
;
_entity_poly.pdbx_strand_id   A,B
#
loop_
_chem_comp.id
_chem_comp.type
_chem_comp.name
_chem_comp.formula
NAG D-saccharide, beta linking 2-acetamido-2-deoxy-beta-D-glucopyranose 'C8 H15 N O6'
SKK non-polymer N-[2-({2-[(2S)-2-cyanopyrrolidin-1-yl]-2-oxoethyl}amino)-2-methylpropyl]-2-methylpyrazolo[1,5-a]pyrimidine-6-carboxamide 'C19 H25 N7 O2'
#
# COMPACT_ATOMS: atom_id res chain seq x y z
N SER A 3 -35.95 28.44 7.60
CA SER A 3 -36.67 27.37 8.32
C SER A 3 -35.92 26.84 9.55
N ARG A 4 -34.75 27.41 9.85
CA ARG A 4 -33.98 27.15 11.07
C ARG A 4 -32.98 25.98 10.97
N LYS A 5 -33.19 25.06 10.01
CA LYS A 5 -32.53 23.77 9.99
C LYS A 5 -32.05 23.43 8.58
N THR A 6 -30.94 22.72 8.50
CA THR A 6 -30.41 22.23 7.22
C THR A 6 -30.29 20.72 7.24
N TYR A 7 -29.97 20.19 6.06
CA TYR A 7 -29.56 18.81 5.92
C TYR A 7 -28.06 18.77 6.15
N THR A 8 -27.67 18.18 7.27
CA THR A 8 -26.28 18.17 7.68
C THR A 8 -25.55 16.91 7.17
N LEU A 9 -24.22 16.93 7.27
CA LEU A 9 -23.42 15.77 6.89
C LEU A 9 -23.69 14.56 7.76
N THR A 10 -24.08 14.82 9.01
CA THR A 10 -24.44 13.77 9.94
C THR A 10 -25.69 13.03 9.50
N ASP A 11 -26.65 13.77 8.90
CA ASP A 11 -27.86 13.16 8.33
C ASP A 11 -27.61 12.29 7.12
N TYR A 12 -26.61 12.64 6.31
CA TYR A 12 -26.22 11.81 5.18
C TYR A 12 -25.59 10.50 5.61
N LEU A 13 -24.73 10.60 6.61
CA LEU A 13 -23.90 9.46 7.04
C LEU A 13 -24.61 8.52 8.02
N LYS A 14 -25.71 9.00 8.60
CA LYS A 14 -26.44 8.25 9.63
C LYS A 14 -27.88 7.97 9.22
N ASN A 15 -28.34 8.66 8.18
CA ASN A 15 -29.55 8.31 7.45
C ASN A 15 -30.82 8.70 8.17
N THR A 16 -30.78 9.95 8.61
CA THR A 16 -31.85 10.56 9.36
C THR A 16 -33.14 10.63 8.55
N TYR A 17 -32.99 11.09 7.31
CA TYR A 17 -34.12 11.27 6.43
C TYR A 17 -34.15 10.11 5.45
N ARG A 18 -35.09 9.21 5.70
CA ARG A 18 -35.07 7.90 5.06
C ARG A 18 -35.98 7.84 3.84
N LEU A 19 -35.44 7.37 2.72
CA LEU A 19 -36.32 6.94 1.63
C LEU A 19 -36.81 5.54 1.92
N LYS A 20 -38.10 5.35 1.74
CA LYS A 20 -38.70 4.02 1.85
C LYS A 20 -38.77 3.45 0.45
N LEU A 21 -38.39 2.19 0.33
CA LEU A 21 -38.52 1.49 -0.94
C LEU A 21 -39.72 0.56 -0.86
N TYR A 22 -40.03 -0.08 -2.00
CA TYR A 22 -41.05 -1.12 -1.99
C TYR A 22 -40.57 -2.24 -2.86
N SER A 23 -39.59 -2.96 -2.33
CA SER A 23 -38.98 -4.05 -3.07
C SER A 23 -39.80 -5.32 -2.86
N LEU A 24 -40.42 -5.79 -3.96
CA LEU A 24 -41.15 -7.07 -3.93
C LEU A 24 -40.58 -8.08 -4.89
N ARG A 25 -40.76 -9.36 -4.55
CA ARG A 25 -40.40 -10.46 -5.43
C ARG A 25 -41.67 -11.17 -5.87
N TRP A 26 -41.92 -11.16 -7.17
CA TRP A 26 -42.99 -11.95 -7.77
C TRP A 26 -42.70 -13.45 -7.70
N ILE A 27 -43.70 -14.19 -7.27
CA ILE A 27 -43.60 -15.64 -7.08
C ILE A 27 -44.56 -16.42 -7.99
N SER A 28 -45.47 -15.70 -8.64
CA SER A 28 -46.38 -16.25 -9.61
C SER A 28 -46.75 -15.19 -10.65
N ASP A 29 -47.79 -15.48 -11.42
CA ASP A 29 -48.40 -14.53 -12.34
C ASP A 29 -49.29 -13.49 -11.67
N HIS A 30 -49.55 -13.64 -10.37
CA HIS A 30 -50.51 -12.81 -9.67
C HIS A 30 -50.17 -12.55 -8.22
N GLU A 31 -49.05 -13.08 -7.72
CA GLU A 31 -48.72 -13.01 -6.29
C GLU A 31 -47.26 -12.62 -6.09
N TYR A 32 -47.02 -11.87 -5.01
CA TYR A 32 -45.70 -11.35 -4.69
C TYR A 32 -45.40 -11.45 -3.21
N LEU A 33 -44.12 -11.32 -2.85
CA LEU A 33 -43.71 -11.25 -1.46
C LEU A 33 -43.24 -9.85 -1.09
N TYR A 34 -43.62 -9.39 0.10
CA TYR A 34 -43.09 -8.15 0.67
C TYR A 34 -42.67 -8.39 2.11
N LYS A 35 -41.72 -7.56 2.52
CA LYS A 35 -41.04 -7.64 3.80
C LYS A 35 -41.60 -6.51 4.66
N GLN A 36 -42.72 -6.83 5.31
CA GLN A 36 -43.42 -5.88 6.16
C GLN A 36 -42.94 -6.09 7.58
N GLU A 37 -42.02 -5.20 7.98
CA GLU A 37 -41.31 -5.27 9.27
C GLU A 37 -40.24 -6.33 9.18
N ASN A 38 -40.39 -7.36 10.01
CA ASN A 38 -39.52 -8.53 10.00
C ASN A 38 -40.25 -9.78 9.50
N ASN A 39 -41.55 -9.62 9.24
CA ASN A 39 -42.37 -10.69 8.70
C ASN A 39 -42.38 -10.59 7.19
N ILE A 40 -42.36 -11.75 6.53
CA ILE A 40 -42.56 -11.79 5.08
C ILE A 40 -44.02 -12.16 4.84
N LEU A 41 -44.72 -11.28 4.12
CA LEU A 41 -46.13 -11.50 3.74
C LEU A 41 -46.20 -11.80 2.25
N VAL A 42 -47.16 -12.64 1.89
CA VAL A 42 -47.54 -12.80 0.49
C VAL A 42 -48.78 -11.94 0.24
N PHE A 43 -48.75 -11.19 -0.88
CA PHE A 43 -49.84 -10.36 -1.33
C PHE A 43 -50.39 -10.92 -2.64
N ASN A 44 -51.71 -11.08 -2.70
CA ASN A 44 -52.44 -11.36 -3.94
C ASN A 44 -52.72 -10.02 -4.63
N ALA A 45 -52.20 -9.91 -5.83
CA ALA A 45 -52.14 -8.63 -6.52
C ALA A 45 -53.41 -8.25 -7.26
N GLU A 46 -54.36 -9.17 -7.42
CA GLU A 46 -55.64 -8.80 -8.01
C GLU A 46 -56.53 -8.17 -6.96
N TYR A 47 -56.94 -9.02 -6.02
CA TYR A 47 -58.02 -8.68 -5.09
C TYR A 47 -57.54 -7.91 -3.86
N GLY A 48 -56.22 -7.87 -3.67
CA GLY A 48 -55.62 -6.97 -2.70
C GLY A 48 -55.08 -7.67 -1.47
N ASN A 49 -55.78 -8.73 -1.04
CA ASN A 49 -55.48 -9.39 0.23
C ASN A 49 -54.06 -9.92 0.41
N SER A 50 -53.70 -10.05 1.68
CA SER A 50 -52.39 -10.51 2.08
C SER A 50 -52.47 -11.43 3.27
N SER A 51 -51.39 -12.20 3.45
CA SER A 51 -51.28 -13.09 4.61
C SER A 51 -49.83 -13.37 4.96
N VAL A 52 -49.57 -13.61 6.24
CA VAL A 52 -48.23 -13.87 6.77
C VAL A 52 -47.71 -15.26 6.36
N PHE A 53 -46.59 -15.24 5.64
CA PHE A 53 -45.93 -16.46 5.17
C PHE A 53 -44.82 -16.92 6.11
N LEU A 54 -44.14 -15.95 6.74
CA LEU A 54 -43.05 -16.24 7.63
C LEU A 54 -43.21 -15.42 8.89
N GLU A 55 -43.91 -16.06 9.82
CA GLU A 55 -43.72 -15.81 11.23
C GLU A 55 -42.46 -16.55 11.66
N ASN A 56 -41.72 -15.92 12.56
CA ASN A 56 -40.39 -16.38 12.98
C ASN A 56 -39.22 -15.74 12.23
N SER A 57 -39.55 -14.76 11.39
CA SER A 57 -38.76 -13.55 11.30
C SER A 57 -37.61 -13.57 10.31
N THR A 58 -36.42 -13.54 10.90
CA THR A 58 -35.17 -13.29 10.22
C THR A 58 -34.01 -13.98 10.95
N PHE A 59 -34.33 -15.07 11.66
CA PHE A 59 -33.41 -15.65 12.65
C PHE A 59 -33.60 -17.15 12.85
N ASP A 60 -34.82 -17.53 13.22
CA ASP A 60 -34.94 -18.53 14.29
C ASP A 60 -34.73 -19.99 13.91
N GLU A 61 -34.94 -20.35 12.63
CA GLU A 61 -35.01 -21.76 12.17
C GLU A 61 -33.82 -22.67 12.52
N PHE A 62 -32.68 -22.04 12.83
CA PHE A 62 -31.50 -22.69 13.36
C PHE A 62 -30.77 -21.79 14.36
N GLY A 63 -31.09 -20.49 14.34
CA GLY A 63 -30.41 -19.49 15.14
C GLY A 63 -29.62 -18.50 14.31
N HIS A 64 -29.52 -18.75 13.01
CA HIS A 64 -28.67 -17.98 12.11
C HIS A 64 -29.44 -16.84 11.50
N SER A 65 -28.79 -15.67 11.44
CA SER A 65 -29.38 -14.51 10.76
C SER A 65 -29.40 -14.73 9.24
N ILE A 66 -30.63 -14.71 8.68
CA ILE A 66 -30.84 -15.13 7.30
C ILE A 66 -30.71 -13.95 6.36
N ASN A 67 -30.14 -14.23 5.19
CA ASN A 67 -29.85 -13.22 4.19
C ASN A 67 -30.81 -13.28 3.01
N ASP A 68 -31.36 -14.46 2.71
CA ASP A 68 -32.28 -14.61 1.58
C ASP A 68 -33.25 -15.78 1.75
N TYR A 69 -34.41 -15.64 1.11
CA TYR A 69 -35.50 -16.60 1.23
C TYR A 69 -36.01 -16.95 -0.15
N SER A 70 -35.25 -17.79 -0.86
CA SER A 70 -35.64 -18.18 -2.20
C SER A 70 -36.59 -19.38 -2.15
N ILE A 71 -37.85 -19.14 -2.53
CA ILE A 71 -38.83 -20.22 -2.58
C ILE A 71 -38.74 -20.87 -3.95
N SER A 72 -38.88 -22.20 -3.95
CA SER A 72 -38.96 -22.97 -5.18
C SER A 72 -40.22 -22.59 -5.98
N PRO A 73 -40.19 -22.61 -7.32
CA PRO A 73 -41.30 -22.09 -8.12
C PRO A 73 -42.59 -22.89 -8.10
N ASP A 74 -42.50 -24.16 -7.70
CA ASP A 74 -43.71 -24.95 -7.41
C ASP A 74 -44.27 -24.70 -6.02
N GLY A 75 -43.50 -24.06 -5.14
CA GLY A 75 -44.00 -23.69 -3.83
C GLY A 75 -43.69 -24.67 -2.72
N GLN A 76 -43.17 -25.85 -3.08
CA GLN A 76 -43.09 -26.94 -2.11
C GLN A 76 -41.92 -26.84 -1.12
N PHE A 77 -40.92 -26.03 -1.46
CA PHE A 77 -39.65 -25.92 -0.71
C PHE A 77 -39.16 -24.49 -0.62
N ILE A 78 -38.21 -24.25 0.30
CA ILE A 78 -37.60 -22.93 0.50
C ILE A 78 -36.12 -23.04 0.88
N LEU A 79 -35.26 -22.23 0.25
CA LEU A 79 -33.86 -22.10 0.67
C LEU A 79 -33.71 -20.99 1.71
N LEU A 80 -32.96 -21.32 2.76
CA LEU A 80 -32.51 -20.34 3.73
C LEU A 80 -31.02 -20.12 3.50
N GLU A 81 -30.65 -18.88 3.19
CA GLU A 81 -29.25 -18.52 3.00
C GLU A 81 -28.72 -17.87 4.26
N TYR A 82 -27.56 -18.33 4.71
CA TYR A 82 -26.95 -17.84 5.94
C TYR A 82 -25.44 -17.93 5.84
N ASN A 83 -24.74 -17.08 6.58
CA ASN A 83 -23.28 -17.03 6.55
C ASN A 83 -22.76 -16.38 5.29
N TYR A 84 -23.40 -15.30 4.87
CA TYR A 84 -22.92 -14.51 3.73
C TYR A 84 -21.47 -14.02 3.91
N VAL A 85 -20.65 -14.31 2.91
CA VAL A 85 -19.27 -13.84 2.83
C VAL A 85 -19.07 -13.22 1.46
N LYS A 86 -19.06 -11.88 1.40
CA LYS A 86 -18.83 -11.19 0.13
C LYS A 86 -17.45 -11.47 -0.43
N GLN A 87 -17.44 -11.71 -1.74
CA GLN A 87 -16.23 -11.73 -2.54
C GLN A 87 -16.18 -10.39 -3.28
N TRP A 88 -16.32 -10.37 -4.61
CA TRP A 88 -16.25 -9.14 -5.42
C TRP A 88 -17.63 -8.48 -5.52
N ARG A 89 -17.98 -7.86 -6.65
CA ARG A 89 -19.20 -7.03 -6.74
C ARG A 89 -20.52 -7.78 -6.66
N HIS A 90 -20.53 -9.01 -7.18
CA HIS A 90 -21.74 -9.85 -7.20
C HIS A 90 -21.51 -11.22 -6.55
N SER A 91 -20.24 -11.59 -6.42
CA SER A 91 -19.85 -12.88 -5.91
C SER A 91 -19.80 -12.91 -4.41
N TYR A 92 -20.11 -14.09 -3.89
CA TYR A 92 -20.15 -14.37 -2.47
C TYR A 92 -20.13 -15.86 -2.26
N THR A 93 -19.97 -16.23 -0.98
CA THR A 93 -20.19 -17.61 -0.55
C THR A 93 -21.12 -17.63 0.64
N ALA A 94 -21.80 -18.74 0.81
CA ALA A 94 -22.75 -18.89 1.89
C ALA A 94 -23.07 -20.35 2.15
N SER A 95 -23.80 -20.55 3.23
CA SER A 95 -24.32 -21.85 3.65
C SER A 95 -25.82 -21.91 3.30
N TYR A 96 -26.32 -23.12 3.03
CA TYR A 96 -27.68 -23.26 2.48
C TYR A 96 -28.45 -24.46 3.06
N ASP A 97 -29.46 -24.16 3.88
CA ASP A 97 -30.42 -25.17 4.34
C ASP A 97 -31.68 -25.09 3.51
N ILE A 98 -32.15 -26.27 3.09
CA ILE A 98 -33.39 -26.38 2.34
C ILE A 98 -34.44 -26.88 3.30
N TYR A 99 -35.58 -26.21 3.27
CA TYR A 99 -36.68 -26.43 4.19
C TYR A 99 -37.91 -26.89 3.42
N ASP A 100 -38.54 -27.97 3.91
CA ASP A 100 -39.78 -28.48 3.33
C ASP A 100 -40.94 -27.63 3.81
N LEU A 101 -41.70 -27.05 2.87
CA LEU A 101 -42.81 -26.19 3.23
C LEU A 101 -44.12 -26.94 3.42
N ASN A 102 -44.31 -28.05 2.71
CA ASN A 102 -45.52 -28.87 2.91
C ASN A 102 -45.55 -29.62 4.24
N LYS A 103 -44.40 -29.68 4.93
CA LYS A 103 -44.26 -30.32 6.23
C LYS A 103 -43.86 -29.33 7.33
N ARG A 104 -43.10 -28.30 6.96
CA ARG A 104 -42.56 -27.29 7.88
C ARG A 104 -41.35 -27.76 8.68
N GLN A 105 -40.43 -28.45 8.01
CA GLN A 105 -39.29 -29.08 8.67
C GLN A 105 -38.05 -29.10 7.79
N LEU A 106 -36.90 -29.23 8.46
CA LEU A 106 -35.60 -29.12 7.83
C LEU A 106 -35.20 -30.43 7.17
N ILE A 107 -34.62 -30.30 5.97
CA ILE A 107 -33.98 -31.42 5.30
C ILE A 107 -32.54 -31.49 5.76
N THR A 108 -32.28 -32.48 6.63
CA THR A 108 -30.91 -32.76 7.12
C THR A 108 -30.24 -33.90 6.35
N GLU A 109 -30.86 -34.34 5.27
CA GLU A 109 -30.33 -35.38 4.41
C GLU A 109 -29.66 -34.67 3.24
N GLU A 110 -28.37 -34.93 3.04
CA GLU A 110 -27.71 -34.48 1.82
C GLU A 110 -27.64 -32.96 1.67
N ARG A 111 -27.34 -32.27 2.77
CA ARG A 111 -27.32 -30.80 2.81
C ARG A 111 -26.42 -30.16 1.75
N ILE A 112 -26.75 -28.93 1.36
CA ILE A 112 -25.80 -28.17 0.52
C ILE A 112 -24.59 -27.77 1.40
N PRO A 113 -23.35 -28.03 0.97
CA PRO A 113 -22.18 -27.78 1.80
C PRO A 113 -21.87 -26.30 1.93
N ASN A 114 -21.34 -25.89 3.09
CA ASN A 114 -21.00 -24.48 3.25
C ASN A 114 -19.81 -24.11 2.38
N ASN A 115 -19.80 -22.84 2.01
CA ASN A 115 -18.87 -22.29 1.02
C ASN A 115 -19.42 -22.24 -0.38
N THR A 116 -20.68 -22.67 -0.57
CA THR A 116 -21.32 -22.67 -1.89
C THR A 116 -21.36 -21.29 -2.53
N GLN A 117 -20.90 -21.29 -3.78
CA GLN A 117 -20.69 -20.08 -4.55
C GLN A 117 -21.95 -19.56 -5.23
N TRP A 118 -22.87 -20.48 -5.57
CA TRP A 118 -24.10 -20.11 -6.24
C TRP A 118 -25.18 -21.17 -5.99
N VAL A 119 -26.44 -20.73 -5.89
CA VAL A 119 -27.58 -21.65 -5.88
C VAL A 119 -28.68 -21.08 -6.77
N THR A 120 -29.36 -21.97 -7.47
CA THR A 120 -30.46 -21.60 -8.32
C THR A 120 -31.44 -22.77 -8.39
N TRP A 121 -32.72 -22.52 -8.06
CA TRP A 121 -33.76 -23.49 -8.39
C TRP A 121 -33.97 -23.56 -9.90
N SER A 122 -34.42 -24.71 -10.40
CA SER A 122 -34.93 -24.74 -11.76
C SER A 122 -36.19 -23.88 -11.85
N PRO A 123 -36.53 -23.31 -13.02
CA PRO A 123 -37.70 -22.44 -13.14
C PRO A 123 -39.07 -23.11 -12.99
N VAL A 124 -39.06 -24.44 -12.91
CA VAL A 124 -40.25 -25.27 -12.74
C VAL A 124 -39.91 -26.35 -11.73
N GLY A 125 -40.75 -26.52 -10.71
CA GLY A 125 -40.51 -27.62 -9.80
C GLY A 125 -39.66 -27.23 -8.62
N HIS A 126 -38.71 -28.11 -8.31
CA HIS A 126 -37.85 -27.95 -7.14
C HIS A 126 -36.45 -28.52 -7.32
N LYS A 127 -35.96 -28.61 -8.56
CA LYS A 127 -34.57 -29.01 -8.77
C LYS A 127 -33.66 -27.89 -8.31
N LEU A 128 -32.48 -28.28 -7.84
CA LEU A 128 -31.44 -27.31 -7.52
C LEU A 128 -30.26 -27.56 -8.43
N ALA A 129 -29.59 -26.47 -8.75
CA ALA A 129 -28.22 -26.54 -9.21
C ALA A 129 -27.41 -25.56 -8.40
N TYR A 130 -26.25 -26.03 -7.94
CA TYR A 130 -25.35 -25.24 -7.13
C TYR A 130 -23.91 -25.42 -7.58
N VAL A 131 -23.09 -24.40 -7.31
CA VAL A 131 -21.65 -24.47 -7.62
C VAL A 131 -20.87 -24.46 -6.33
N TRP A 132 -19.92 -25.38 -6.24
CA TRP A 132 -19.12 -25.52 -5.03
C TRP A 132 -17.75 -26.06 -5.41
N ASN A 133 -16.70 -25.31 -5.06
CA ASN A 133 -15.32 -25.61 -5.49
C ASN A 133 -15.14 -25.56 -7.01
N ASN A 134 -15.84 -24.63 -7.64
CA ASN A 134 -15.72 -24.43 -9.07
C ASN A 134 -16.41 -25.49 -9.95
N ASP A 135 -17.13 -26.43 -9.33
CA ASP A 135 -17.84 -27.50 -10.04
C ASP A 135 -19.34 -27.40 -9.79
N ILE A 136 -20.09 -27.84 -10.81
CA ILE A 136 -21.55 -27.83 -10.77
C ILE A 136 -22.05 -29.15 -10.18
N TYR A 137 -23.13 -29.01 -9.41
CA TYR A 137 -23.83 -30.09 -8.74
C TYR A 137 -25.32 -29.94 -8.97
N VAL A 138 -26.03 -31.07 -9.12
CA VAL A 138 -27.45 -31.07 -9.47
C VAL A 138 -28.22 -32.00 -8.54
N LYS A 139 -29.27 -31.47 -7.90
CA LYS A 139 -30.14 -32.28 -7.06
C LYS A 139 -31.52 -32.36 -7.69
N ILE A 140 -31.97 -33.59 -7.93
CA ILE A 140 -33.27 -33.85 -8.54
C ILE A 140 -34.40 -33.71 -7.54
N GLU A 141 -34.16 -34.23 -6.35
CA GLU A 141 -34.96 -33.94 -5.17
C GLU A 141 -34.04 -33.28 -4.16
N PRO A 142 -34.54 -32.37 -3.31
CA PRO A 142 -33.70 -31.70 -2.33
C PRO A 142 -33.19 -32.56 -1.17
N ASN A 143 -33.75 -33.75 -0.97
CA ASN A 143 -33.28 -34.66 0.10
C ASN A 143 -32.44 -35.82 -0.42
N LEU A 144 -32.31 -35.92 -1.74
CA LEU A 144 -31.50 -36.98 -2.37
C LEU A 144 -30.10 -36.46 -2.72
N PRO A 145 -29.11 -37.35 -2.89
CA PRO A 145 -27.75 -37.01 -3.31
C PRO A 145 -27.60 -36.13 -4.55
N SER A 146 -26.54 -35.33 -4.52
CA SER A 146 -26.20 -34.52 -5.67
C SER A 146 -25.55 -35.35 -6.76
N TYR A 147 -26.05 -35.16 -7.97
CA TYR A 147 -25.39 -35.64 -9.16
C TYR A 147 -24.35 -34.60 -9.56
N ARG A 148 -23.08 -34.95 -9.34
CA ARG A 148 -21.99 -34.12 -9.81
C ARG A 148 -21.86 -34.20 -11.33
N ILE A 149 -21.45 -33.07 -11.91
CA ILE A 149 -21.66 -32.84 -13.33
C ILE A 149 -20.44 -32.30 -14.05
N THR A 150 -19.61 -31.56 -13.33
CA THR A 150 -18.25 -31.24 -13.78
C THR A 150 -17.27 -31.73 -12.76
N TRP A 151 -16.04 -31.92 -13.24
CA TRP A 151 -14.93 -32.44 -12.46
C TRP A 151 -13.66 -31.64 -12.62
N THR A 152 -13.68 -30.64 -13.51
CA THR A 152 -12.47 -29.91 -13.88
C THR A 152 -12.22 -28.66 -13.03
N GLY A 153 -12.93 -28.49 -11.92
CA GLY A 153 -12.84 -27.22 -11.22
C GLY A 153 -11.63 -27.14 -10.32
N LYS A 154 -10.99 -25.98 -10.40
CA LYS A 154 -9.85 -25.68 -9.53
C LYS A 154 -9.79 -24.20 -9.28
N GLU A 155 -9.62 -23.88 -8.01
CA GLU A 155 -9.37 -22.54 -7.47
C GLU A 155 -8.47 -21.64 -8.30
N ASP A 156 -9.06 -20.55 -8.79
CA ASP A 156 -8.36 -19.53 -9.57
C ASP A 156 -8.06 -19.89 -11.02
N ILE A 157 -8.48 -21.07 -11.48
CA ILE A 157 -8.03 -21.59 -12.77
C ILE A 157 -9.23 -21.96 -13.63
N ILE A 158 -9.88 -23.08 -13.31
CA ILE A 158 -11.07 -23.47 -14.08
C ILE A 158 -12.30 -23.20 -13.24
N TYR A 159 -13.22 -22.43 -13.81
CA TYR A 159 -14.50 -22.09 -13.17
C TYR A 159 -15.63 -22.73 -13.96
N ASN A 160 -16.42 -23.60 -13.34
CA ASN A 160 -17.58 -24.20 -14.05
C ASN A 160 -18.88 -23.70 -13.44
N GLY A 161 -19.61 -22.87 -14.19
CA GLY A 161 -20.91 -22.44 -13.71
C GLY A 161 -20.95 -21.14 -12.92
N ILE A 162 -19.78 -20.52 -12.78
CA ILE A 162 -19.56 -19.24 -12.13
C ILE A 162 -18.49 -18.50 -12.92
N THR A 163 -18.52 -17.18 -12.87
CA THR A 163 -17.55 -16.37 -13.62
C THR A 163 -16.20 -16.23 -12.90
N ASP A 164 -15.20 -15.81 -13.67
CA ASP A 164 -13.96 -15.29 -13.11
C ASP A 164 -14.12 -13.77 -12.86
N TRP A 165 -13.08 -13.13 -12.33
CA TRP A 165 -13.13 -11.70 -11.99
C TRP A 165 -13.68 -10.80 -13.08
N VAL A 166 -13.07 -10.87 -14.27
CA VAL A 166 -13.43 -9.96 -15.35
C VAL A 166 -14.79 -10.27 -16.01
N TYR A 167 -15.19 -11.53 -16.11
CA TYR A 167 -16.54 -11.80 -16.64
C TYR A 167 -17.65 -11.41 -15.67
N GLU A 168 -17.33 -11.42 -14.38
CA GLU A 168 -18.27 -11.00 -13.35
C GLU A 168 -18.55 -9.51 -13.44
N GLU A 169 -17.48 -8.74 -13.29
CA GLU A 169 -17.56 -7.29 -13.28
C GLU A 169 -17.93 -6.69 -14.63
N GLU A 170 -17.67 -7.39 -15.73
CA GLU A 170 -17.45 -6.68 -16.99
C GLU A 170 -18.17 -7.22 -18.20
N VAL A 171 -18.61 -8.47 -18.13
CA VAL A 171 -19.37 -9.06 -19.22
C VAL A 171 -20.80 -9.26 -18.74
N PHE A 172 -21.00 -10.18 -17.80
CA PHE A 172 -22.34 -10.53 -17.35
C PHE A 172 -22.94 -9.59 -16.33
N SER A 173 -22.12 -8.92 -15.53
CA SER A 173 -22.62 -8.17 -14.37
C SER A 173 -23.13 -9.10 -13.27
N ALA A 174 -22.53 -10.28 -13.17
CA ALA A 174 -23.09 -11.35 -12.35
C ALA A 174 -22.08 -12.43 -12.07
N TYR A 175 -22.19 -13.05 -10.90
CA TYR A 175 -21.34 -14.20 -10.60
C TYR A 175 -21.77 -15.48 -11.30
N SER A 176 -23.08 -15.63 -11.54
CA SER A 176 -23.65 -16.84 -12.11
C SER A 176 -23.22 -17.11 -13.55
N ALA A 177 -23.08 -18.40 -13.85
CA ALA A 177 -22.96 -18.87 -15.22
C ALA A 177 -23.72 -20.18 -15.43
N LEU A 178 -24.91 -20.25 -14.84
CA LEU A 178 -25.88 -21.33 -15.06
C LEU A 178 -27.15 -20.75 -15.65
N TRP A 179 -27.63 -21.40 -16.70
CA TRP A 179 -28.91 -21.05 -17.29
C TRP A 179 -29.71 -22.31 -17.55
N TRP A 180 -30.86 -22.41 -16.88
CA TRP A 180 -31.74 -23.55 -17.08
C TRP A 180 -32.64 -23.33 -18.28
N SER A 181 -32.98 -24.41 -18.98
CA SER A 181 -34.17 -24.38 -19.84
C SER A 181 -35.44 -24.06 -19.05
N PRO A 182 -36.45 -23.41 -19.66
CA PRO A 182 -37.59 -22.93 -18.91
C PRO A 182 -38.44 -23.96 -18.20
N ASN A 183 -38.41 -25.22 -18.66
CA ASN A 183 -39.16 -26.29 -18.00
C ASN A 183 -38.34 -27.15 -17.05
N GLY A 184 -37.02 -26.92 -17.02
CA GLY A 184 -36.16 -27.57 -16.03
C GLY A 184 -35.29 -28.71 -16.54
N THR A 185 -35.45 -29.08 -17.81
CA THR A 185 -34.81 -30.27 -18.34
C THR A 185 -33.31 -30.08 -18.56
N PHE A 186 -32.92 -29.06 -19.32
CA PHE A 186 -31.51 -28.82 -19.60
C PHE A 186 -30.90 -27.79 -18.63
N LEU A 187 -29.61 -27.99 -18.36
CA LEU A 187 -28.79 -27.05 -17.59
C LEU A 187 -27.63 -26.64 -18.48
N ALA A 188 -27.70 -25.42 -19.00
CA ALA A 188 -26.62 -24.86 -19.78
C ALA A 188 -25.67 -24.10 -18.88
N TYR A 189 -24.39 -24.16 -19.21
CA TYR A 189 -23.38 -23.50 -18.39
C TYR A 189 -22.16 -23.13 -19.20
N ALA A 190 -21.51 -22.07 -18.75
CA ALA A 190 -20.23 -21.65 -19.31
C ALA A 190 -19.09 -21.99 -18.36
N GLN A 191 -18.00 -22.45 -18.97
CA GLN A 191 -16.76 -22.70 -18.24
C GLN A 191 -15.74 -21.64 -18.60
N PHE A 192 -15.02 -21.14 -17.60
CA PHE A 192 -13.96 -20.16 -17.81
C PHE A 192 -12.61 -20.76 -17.43
N ASN A 193 -11.58 -20.31 -18.13
CA ASN A 193 -10.23 -20.85 -17.97
C ASN A 193 -9.25 -19.69 -17.82
N ASP A 194 -8.55 -19.71 -16.69
CA ASP A 194 -7.66 -18.65 -16.26
C ASP A 194 -6.22 -19.14 -16.06
N THR A 195 -5.81 -20.18 -16.80
CA THR A 195 -4.45 -20.72 -16.71
C THR A 195 -3.35 -19.69 -16.95
N GLU A 196 -3.40 -19.05 -18.13
CA GLU A 196 -2.35 -18.13 -18.54
C GLU A 196 -2.65 -16.66 -18.24
N VAL A 197 -3.68 -16.39 -17.43
CA VAL A 197 -4.01 -15.01 -17.10
C VAL A 197 -3.14 -14.55 -15.92
N PRO A 198 -2.45 -13.41 -16.01
CA PRO A 198 -1.62 -12.90 -14.91
C PRO A 198 -2.42 -12.34 -13.72
N LEU A 199 -1.76 -12.41 -12.56
CA LEU A 199 -2.36 -12.02 -11.29
C LEU A 199 -2.07 -10.56 -10.96
N ILE A 200 -3.12 -9.81 -10.54
CA ILE A 200 -2.87 -8.66 -9.67
C ILE A 200 -2.59 -9.21 -8.29
N GLU A 201 -1.54 -8.64 -7.68
CA GLU A 201 -1.16 -8.99 -6.33
C GLU A 201 -1.21 -7.72 -5.49
N TYR A 202 -1.89 -7.83 -4.36
CA TYR A 202 -2.03 -6.72 -3.42
C TYR A 202 -1.95 -7.22 -1.98
N SER A 203 -1.53 -6.35 -1.07
CA SER A 203 -1.44 -6.74 0.34
C SER A 203 -2.81 -6.56 0.98
N PHE A 204 -3.07 -7.38 1.99
CA PHE A 204 -4.24 -7.29 2.83
C PHE A 204 -3.77 -7.44 4.27
N TYR A 205 -4.17 -6.50 5.11
CA TYR A 205 -3.54 -6.36 6.42
C TYR A 205 -4.35 -7.03 7.52
N SER A 206 -5.67 -7.04 7.36
CA SER A 206 -6.61 -7.73 8.24
C SER A 206 -6.72 -7.02 9.55
N ASP A 207 -7.24 -7.74 10.55
CA ASP A 207 -7.20 -7.24 11.91
C ASP A 207 -5.77 -7.21 12.43
N GLU A 208 -5.62 -6.36 13.44
CA GLU A 208 -4.39 -6.15 14.15
C GLU A 208 -3.62 -7.39 14.59
N SER A 209 -4.33 -8.45 14.94
CA SER A 209 -3.67 -9.67 15.36
C SER A 209 -2.96 -10.44 14.26
N LEU A 210 -3.28 -10.16 12.98
CA LEU A 210 -2.61 -10.85 11.87
C LEU A 210 -1.22 -10.28 11.69
N GLN A 211 -0.24 -11.08 12.13
CA GLN A 211 1.16 -10.68 12.23
C GLN A 211 1.84 -10.36 10.89
N TYR A 212 1.60 -11.20 9.89
CA TYR A 212 2.15 -10.94 8.56
C TYR A 212 0.98 -10.64 7.62
N PRO A 213 1.03 -9.56 6.81
CA PRO A 213 0.05 -9.33 5.76
C PRO A 213 -0.14 -10.51 4.79
N LYS A 214 -1.35 -10.63 4.29
CA LYS A 214 -1.72 -11.66 3.33
C LYS A 214 -1.58 -11.04 1.94
N THR A 215 -0.89 -11.70 1.02
CA THR A 215 -0.94 -11.23 -0.36
C THR A 215 -2.14 -11.90 -1.05
N VAL A 216 -3.12 -11.08 -1.41
CA VAL A 216 -4.31 -11.52 -2.12
C VAL A 216 -3.99 -11.49 -3.61
N ARG A 217 -4.27 -12.61 -4.29
CA ARG A 217 -3.78 -12.82 -5.64
C ARG A 217 -4.98 -13.15 -6.51
N VAL A 218 -5.13 -12.46 -7.65
CA VAL A 218 -6.38 -12.49 -8.41
C VAL A 218 -6.08 -12.54 -9.90
N PRO A 219 -6.48 -13.58 -10.66
CA PRO A 219 -6.44 -13.56 -12.13
C PRO A 219 -7.23 -12.41 -12.71
N TYR A 220 -6.52 -11.53 -13.39
CA TYR A 220 -7.05 -10.23 -13.77
C TYR A 220 -6.29 -9.82 -15.02
N PRO A 221 -6.88 -9.87 -16.23
CA PRO A 221 -6.22 -9.36 -17.42
C PRO A 221 -6.42 -7.86 -17.49
N LYS A 222 -5.31 -7.15 -17.65
CA LYS A 222 -5.33 -5.72 -17.98
C LYS A 222 -5.21 -5.57 -19.49
N ALA A 223 -5.27 -4.32 -19.98
CA ALA A 223 -5.29 -4.08 -21.42
C ALA A 223 -4.11 -4.66 -22.19
N GLY A 224 -4.42 -5.60 -23.08
CA GLY A 224 -3.41 -6.28 -23.86
C GLY A 224 -3.01 -7.65 -23.34
N ALA A 225 -3.36 -7.96 -22.09
CA ALA A 225 -2.89 -9.18 -21.43
C ALA A 225 -3.58 -10.43 -21.97
N VAL A 226 -3.09 -11.62 -21.59
CA VAL A 226 -3.83 -12.84 -21.91
C VAL A 226 -5.16 -12.88 -21.17
N ASN A 227 -6.26 -12.87 -21.93
CA ASN A 227 -7.61 -13.01 -21.36
C ASN A 227 -7.92 -14.44 -20.98
N PRO A 228 -8.98 -14.67 -20.20
CA PRO A 228 -9.55 -15.99 -20.05
C PRO A 228 -10.16 -16.52 -21.34
N THR A 229 -10.53 -17.79 -21.28
CA THR A 229 -11.14 -18.44 -22.41
C THR A 229 -12.44 -19.08 -21.97
N VAL A 230 -13.31 -19.32 -22.95
CA VAL A 230 -14.67 -19.72 -22.61
C VAL A 230 -15.12 -20.90 -23.46
N LYS A 231 -15.71 -21.86 -22.75
CA LYS A 231 -16.45 -22.94 -23.36
C LYS A 231 -17.90 -22.88 -22.90
N PHE A 232 -18.78 -23.54 -23.65
CA PHE A 232 -20.20 -23.53 -23.33
C PHE A 232 -20.78 -24.91 -23.55
N PHE A 233 -21.61 -25.36 -22.61
CA PHE A 233 -22.12 -26.73 -22.54
C PHE A 233 -23.61 -26.75 -22.29
N VAL A 234 -24.22 -27.92 -22.49
CA VAL A 234 -25.56 -28.21 -22.02
C VAL A 234 -25.60 -29.65 -21.50
N VAL A 235 -26.32 -29.85 -20.40
CA VAL A 235 -26.56 -31.18 -19.81
C VAL A 235 -28.06 -31.41 -19.68
N ASN A 236 -28.53 -32.60 -20.04
CA ASN A 236 -29.89 -33.01 -19.70
C ASN A 236 -29.93 -33.59 -18.29
N THR A 237 -30.88 -33.09 -17.52
CA THR A 237 -31.01 -33.42 -16.10
C THR A 237 -31.95 -34.58 -15.85
N ASP A 238 -32.88 -34.83 -16.78
CA ASP A 238 -33.83 -35.93 -16.62
C ASP A 238 -33.22 -37.31 -16.91
N SER A 239 -32.07 -37.32 -17.58
CA SER A 239 -31.39 -38.56 -17.95
C SER A 239 -30.02 -38.69 -17.30
N LEU A 240 -29.90 -38.23 -16.06
CA LEU A 240 -28.65 -38.41 -15.30
C LEU A 240 -28.64 -39.79 -14.66
N SER A 241 -27.61 -40.56 -15.02
CA SER A 241 -27.48 -41.91 -14.51
C SER A 241 -26.99 -41.93 -13.06
N SER A 242 -27.69 -42.75 -12.26
CA SER A 242 -27.38 -42.90 -10.84
C SER A 242 -26.07 -43.62 -10.53
N VAL A 243 -25.52 -44.31 -11.53
CA VAL A 243 -24.24 -45.02 -11.36
C VAL A 243 -23.31 -44.86 -12.54
N THR A 244 -23.52 -43.82 -13.36
CA THR A 244 -22.48 -43.38 -14.27
C THR A 244 -22.37 -41.87 -14.31
N ASN A 245 -21.39 -41.40 -15.07
CA ASN A 245 -21.09 -39.99 -15.19
C ASN A 245 -22.09 -39.24 -16.05
N ALA A 246 -22.29 -37.97 -15.71
CA ALA A 246 -23.06 -37.05 -16.54
C ALA A 246 -22.39 -36.78 -17.88
N THR A 247 -23.18 -36.32 -18.84
CA THR A 247 -22.66 -36.10 -20.19
C THR A 247 -23.01 -34.69 -20.63
N SER A 248 -21.97 -33.89 -20.78
CA SER A 248 -22.12 -32.47 -21.06
C SER A 248 -21.70 -32.23 -22.50
N ILE A 249 -22.68 -31.91 -23.35
CA ILE A 249 -22.40 -31.73 -24.78
C ILE A 249 -21.95 -30.30 -25.00
N GLN A 250 -20.74 -30.12 -25.53
CA GLN A 250 -20.27 -28.78 -25.82
C GLN A 250 -20.95 -28.24 -27.07
N ILE A 251 -21.19 -26.94 -27.05
CA ILE A 251 -21.61 -26.21 -28.23
C ILE A 251 -20.57 -25.13 -28.44
N THR A 252 -19.79 -25.29 -29.52
CA THR A 252 -18.63 -24.44 -29.82
C THR A 252 -19.06 -23.10 -30.39
N ALA A 253 -18.26 -22.07 -30.18
CA ALA A 253 -18.62 -20.74 -30.70
C ALA A 253 -18.45 -20.69 -32.22
N PRO A 254 -19.11 -19.75 -32.94
CA PRO A 254 -19.06 -19.70 -34.40
C PRO A 254 -17.68 -19.48 -34.94
N ALA A 255 -17.46 -19.85 -36.20
CA ALA A 255 -16.07 -19.85 -36.69
C ALA A 255 -15.46 -18.47 -36.87
N SER A 256 -16.31 -17.46 -37.09
CA SER A 256 -15.86 -16.07 -37.09
C SER A 256 -15.37 -15.52 -35.75
N MET A 257 -15.54 -16.31 -34.69
CA MET A 257 -15.08 -15.99 -33.35
C MET A 257 -13.81 -16.77 -32.98
N LEU A 258 -13.75 -18.04 -33.38
CA LEU A 258 -12.57 -18.89 -33.15
C LEU A 258 -11.24 -18.46 -33.81
N ILE A 259 -11.29 -17.50 -34.72
CA ILE A 259 -10.09 -16.89 -35.31
C ILE A 259 -9.25 -16.06 -34.34
N GLY A 260 -9.87 -15.51 -33.30
CA GLY A 260 -9.16 -14.66 -32.36
C GLY A 260 -9.47 -15.03 -30.94
N ASP A 261 -9.15 -14.08 -30.07
CA ASP A 261 -9.76 -14.04 -28.75
C ASP A 261 -11.17 -13.47 -28.90
N HIS A 262 -12.07 -14.06 -28.11
CA HIS A 262 -13.48 -13.74 -28.19
C HIS A 262 -14.10 -13.86 -26.80
N TYR A 263 -15.32 -13.37 -26.66
CA TYR A 263 -16.09 -13.46 -25.41
C TYR A 263 -17.48 -14.03 -25.69
N LEU A 264 -18.01 -14.82 -24.75
CA LEU A 264 -19.42 -15.18 -24.71
C LEU A 264 -20.13 -14.13 -23.87
N CYS A 265 -21.12 -13.44 -24.43
CA CYS A 265 -21.66 -12.24 -23.77
C CYS A 265 -23.15 -12.29 -23.48
N ASP A 266 -23.83 -13.33 -23.96
CA ASP A 266 -25.24 -13.51 -23.66
C ASP A 266 -25.67 -14.96 -23.79
N VAL A 267 -26.56 -15.34 -22.88
CA VAL A 267 -27.23 -16.63 -22.91
C VAL A 267 -28.68 -16.37 -22.54
N THR A 268 -29.57 -16.62 -23.49
CA THR A 268 -31.00 -16.61 -23.23
C THR A 268 -31.65 -17.75 -23.97
N TRP A 269 -32.37 -18.58 -23.23
CA TRP A 269 -33.17 -19.66 -23.81
C TRP A 269 -34.41 -19.11 -24.52
N ALA A 270 -34.51 -19.47 -25.79
CA ALA A 270 -35.66 -19.09 -26.61
C ALA A 270 -36.87 -19.96 -26.36
N THR A 271 -36.65 -21.27 -26.27
CA THR A 271 -37.72 -22.24 -26.01
C THR A 271 -37.21 -23.29 -25.04
N GLN A 272 -37.92 -24.42 -24.99
CA GLN A 272 -37.40 -25.61 -24.31
C GLN A 272 -36.24 -26.27 -25.05
N GLU A 273 -36.08 -25.94 -26.33
CA GLU A 273 -35.15 -26.64 -27.22
C GLU A 273 -34.36 -25.68 -28.08
N ARG A 274 -34.30 -24.42 -27.68
CA ARG A 274 -33.60 -23.41 -28.48
C ARG A 274 -32.86 -22.49 -27.52
N ILE A 275 -31.58 -22.23 -27.80
CA ILE A 275 -30.74 -21.33 -27.01
C ILE A 275 -30.20 -20.26 -27.94
N SER A 276 -30.33 -19.01 -27.50
CA SER A 276 -29.64 -17.92 -28.17
C SER A 276 -28.32 -17.62 -27.45
N LEU A 277 -27.23 -17.47 -28.22
CA LEU A 277 -25.88 -17.22 -27.67
C LEU A 277 -25.21 -16.09 -28.37
N GLN A 278 -24.99 -14.96 -27.70
CA GLN A 278 -24.19 -13.93 -28.37
C GLN A 278 -22.71 -14.08 -28.06
N TRP A 279 -21.91 -13.81 -29.09
CA TRP A 279 -20.47 -13.83 -29.01
C TRP A 279 -19.90 -12.49 -29.47
N LEU A 280 -18.73 -12.15 -28.96
CA LEU A 280 -18.13 -10.84 -29.18
C LEU A 280 -16.64 -11.01 -29.49
N ARG A 281 -16.14 -10.41 -30.56
CA ARG A 281 -14.67 -10.40 -30.74
C ARG A 281 -13.99 -9.47 -29.76
N ARG A 282 -12.72 -9.73 -29.49
CA ARG A 282 -11.95 -8.89 -28.56
C ARG A 282 -11.90 -7.41 -28.92
N ILE A 283 -11.81 -7.11 -30.23
CA ILE A 283 -12.20 -5.78 -30.70
C ILE A 283 -13.71 -5.80 -30.77
N GLN A 284 -14.33 -5.04 -29.86
CA GLN A 284 -15.73 -5.31 -29.51
C GLN A 284 -16.74 -4.60 -30.41
N ASN A 285 -16.47 -4.62 -31.71
CA ASN A 285 -17.30 -3.99 -32.73
C ASN A 285 -17.84 -4.98 -33.77
N TYR A 286 -17.79 -6.27 -33.42
CA TYR A 286 -18.28 -7.34 -34.27
C TYR A 286 -18.73 -8.44 -33.34
N SER A 287 -20.00 -8.81 -33.53
CA SER A 287 -20.77 -9.62 -32.60
C SER A 287 -21.65 -10.59 -33.39
N VAL A 288 -21.78 -11.83 -32.90
CA VAL A 288 -22.52 -12.88 -33.63
C VAL A 288 -23.42 -13.66 -32.69
N MET A 289 -24.72 -13.65 -32.97
CA MET A 289 -25.69 -14.48 -32.25
C MET A 289 -25.85 -15.81 -32.96
N ASP A 290 -25.73 -16.92 -32.22
CA ASP A 290 -26.21 -18.22 -32.72
C ASP A 290 -27.55 -18.56 -32.14
N ILE A 291 -28.41 -19.13 -32.99
CA ILE A 291 -29.64 -19.78 -32.54
C ILE A 291 -29.39 -21.28 -32.66
N CYS A 292 -29.51 -22.00 -31.55
CA CYS A 292 -29.00 -23.37 -31.47
C CYS A 292 -30.08 -24.31 -31.02
N ASP A 293 -30.61 -25.10 -31.97
CA ASP A 293 -31.67 -26.06 -31.64
C ASP A 293 -31.11 -27.43 -31.27
N TYR A 294 -31.85 -28.08 -30.38
CA TYR A 294 -31.58 -29.46 -30.04
C TYR A 294 -31.99 -30.37 -31.17
N ASP A 295 -31.45 -31.58 -31.10
CA ASP A 295 -31.76 -32.62 -32.05
C ASP A 295 -31.89 -33.90 -31.24
N GLU A 296 -33.10 -34.44 -31.21
CA GLU A 296 -33.43 -35.56 -30.33
C GLU A 296 -32.90 -36.93 -30.77
N SER A 297 -32.43 -37.01 -32.02
CA SER A 297 -31.87 -38.23 -32.56
C SER A 297 -30.37 -38.41 -32.32
N SER A 298 -29.72 -37.39 -31.76
CA SER A 298 -28.26 -37.44 -31.55
C SER A 298 -27.79 -36.94 -30.20
N GLY A 299 -28.65 -36.18 -29.52
CA GLY A 299 -28.28 -35.53 -28.27
C GLY A 299 -27.67 -34.15 -28.42
N ARG A 300 -27.33 -33.80 -29.67
CA ARG A 300 -26.46 -32.67 -29.97
C ARG A 300 -27.24 -31.39 -30.19
N TRP A 301 -26.46 -30.32 -30.31
CA TRP A 301 -26.97 -29.00 -30.54
C TRP A 301 -26.37 -28.48 -31.82
N ASN A 302 -27.25 -28.28 -32.79
CA ASN A 302 -26.85 -27.70 -34.08
C ASN A 302 -27.17 -26.21 -34.05
N CYS A 303 -26.28 -25.41 -34.63
CA CYS A 303 -26.57 -24.00 -34.79
C CYS A 303 -26.34 -23.68 -36.25
N LEU A 304 -27.44 -23.65 -37.01
CA LEU A 304 -27.33 -23.37 -38.44
C LEU A 304 -26.92 -21.93 -38.68
N VAL A 305 -25.88 -21.77 -39.47
CA VAL A 305 -25.28 -20.47 -39.72
C VAL A 305 -26.19 -19.50 -40.48
N ALA A 306 -27.20 -20.00 -41.19
CA ALA A 306 -28.17 -19.14 -41.84
C ALA A 306 -28.95 -18.24 -40.88
N ARG A 307 -29.43 -18.83 -39.78
CA ARG A 307 -30.22 -18.11 -38.79
C ARG A 307 -29.40 -17.38 -37.72
N GLN A 308 -28.07 -17.38 -37.85
CA GLN A 308 -27.23 -16.59 -36.96
C GLN A 308 -27.31 -15.11 -37.36
N HIS A 309 -27.30 -14.21 -36.38
CA HIS A 309 -27.48 -12.77 -36.65
C HIS A 309 -26.25 -11.97 -36.25
N ILE A 310 -25.71 -11.23 -37.21
CA ILE A 310 -24.53 -10.41 -37.01
C ILE A 310 -24.93 -9.01 -36.58
N GLU A 311 -24.13 -8.45 -35.69
CA GLU A 311 -24.26 -7.05 -35.24
C GLU A 311 -22.87 -6.43 -35.20
N MET A 312 -22.75 -5.21 -35.69
CA MET A 312 -21.43 -4.58 -35.81
C MET A 312 -21.50 -3.08 -35.66
N SER A 313 -20.33 -2.48 -35.52
CA SER A 313 -20.22 -1.03 -35.47
C SER A 313 -19.04 -0.57 -36.31
N THR A 314 -19.33 0.44 -37.11
CA THR A 314 -18.32 1.07 -37.96
C THR A 314 -17.77 2.35 -37.32
N THR A 315 -18.28 2.72 -36.15
CA THR A 315 -17.93 3.98 -35.51
C THR A 315 -17.55 3.88 -34.03
N GLY A 316 -18.12 2.90 -33.34
CA GLY A 316 -17.72 2.60 -31.98
C GLY A 316 -17.71 1.12 -31.70
N TRP A 317 -18.57 0.74 -30.77
CA TRP A 317 -18.63 -0.62 -30.24
C TRP A 317 -20.07 -1.10 -30.23
N VAL A 318 -20.25 -2.42 -30.24
CA VAL A 318 -21.59 -3.00 -30.21
C VAL A 318 -22.17 -2.93 -28.80
N GLY A 319 -23.30 -2.22 -28.69
CA GLY A 319 -24.01 -2.18 -27.44
C GLY A 319 -23.69 -0.91 -26.66
N ARG A 320 -24.25 -0.86 -25.46
CA ARG A 320 -23.89 0.22 -24.53
C ARG A 320 -22.69 -0.14 -23.68
N PHE A 321 -22.66 -1.40 -23.26
CA PHE A 321 -21.55 -2.00 -22.51
C PHE A 321 -21.30 -3.38 -23.06
N ARG A 322 -22.40 -4.09 -23.33
CA ARG A 322 -22.35 -5.33 -24.07
C ARG A 322 -23.48 -5.32 -25.08
N PRO A 323 -23.44 -6.18 -26.13
CA PRO A 323 -24.59 -6.46 -26.98
C PRO A 323 -25.83 -6.81 -26.17
N SER A 324 -26.95 -6.22 -26.61
CA SER A 324 -28.23 -6.31 -25.88
C SER A 324 -28.90 -7.67 -25.97
N GLU A 325 -29.78 -7.91 -25.01
CA GLU A 325 -30.44 -9.21 -24.86
C GLU A 325 -31.61 -9.34 -25.83
N PRO A 326 -31.75 -10.45 -26.58
CA PRO A 326 -32.94 -10.69 -27.36
C PRO A 326 -34.10 -11.10 -26.45
N HIS A 327 -35.25 -10.52 -26.75
CA HIS A 327 -36.49 -10.93 -26.12
C HIS A 327 -37.27 -11.72 -27.13
N PHE A 328 -37.30 -13.03 -26.90
CA PHE A 328 -38.01 -13.93 -27.81
C PHE A 328 -39.50 -13.89 -27.59
N THR A 329 -40.20 -14.12 -28.71
CA THR A 329 -41.60 -14.50 -28.70
C THR A 329 -41.75 -15.94 -28.25
N LEU A 330 -42.92 -16.27 -27.71
CA LEU A 330 -43.14 -17.55 -27.03
C LEU A 330 -42.92 -18.77 -27.91
N ASP A 331 -43.29 -18.64 -29.19
CA ASP A 331 -43.19 -19.70 -30.18
C ASP A 331 -41.75 -20.09 -30.54
N GLY A 332 -40.82 -19.16 -30.31
CA GLY A 332 -39.39 -19.40 -30.51
C GLY A 332 -38.81 -18.76 -31.75
N ASN A 333 -39.70 -18.34 -32.64
CA ASN A 333 -39.39 -18.19 -34.04
C ASN A 333 -39.21 -16.73 -34.42
N SER A 334 -39.35 -15.84 -33.44
CA SER A 334 -38.97 -14.44 -33.64
C SER A 334 -38.47 -13.82 -32.35
N PHE A 335 -37.85 -12.65 -32.45
CA PHE A 335 -37.38 -11.91 -31.28
C PHE A 335 -37.30 -10.42 -31.54
N TYR A 336 -37.41 -9.65 -30.47
CA TYR A 336 -37.20 -8.21 -30.53
C TYR A 336 -35.89 -7.84 -29.82
N LYS A 337 -35.19 -6.79 -30.27
CA LYS A 337 -33.86 -6.46 -29.74
C LYS A 337 -33.49 -4.98 -29.96
N ILE A 338 -32.98 -4.30 -28.92
CA ILE A 338 -32.49 -2.91 -29.09
C ILE A 338 -31.21 -2.84 -29.96
N ILE A 339 -31.31 -2.05 -31.01
CA ILE A 339 -30.28 -1.93 -32.04
C ILE A 339 -30.15 -0.46 -32.37
N SER A 340 -28.91 -0.04 -32.64
CA SER A 340 -28.67 1.33 -33.09
C SER A 340 -28.96 1.44 -34.58
N ASN A 341 -29.85 2.38 -34.92
CA ASN A 341 -30.28 2.55 -36.31
C ASN A 341 -29.34 3.45 -37.12
N GLU A 342 -29.70 3.63 -38.39
CA GLU A 342 -29.02 4.52 -39.33
C GLU A 342 -28.88 5.99 -38.91
N GLU A 343 -29.81 6.48 -38.10
CA GLU A 343 -29.78 7.85 -37.60
C GLU A 343 -28.87 8.00 -36.38
N GLY A 344 -28.52 6.87 -35.75
CA GLY A 344 -27.63 6.84 -34.60
C GLY A 344 -28.29 6.38 -33.31
N TYR A 345 -29.62 6.29 -33.29
CA TYR A 345 -30.35 6.11 -32.03
C TYR A 345 -30.79 4.68 -31.82
N ARG A 346 -30.88 4.32 -30.55
CA ARG A 346 -31.11 2.95 -30.15
C ARG A 346 -32.59 2.72 -29.98
N HIS A 347 -33.06 1.72 -30.71
CA HIS A 347 -34.49 1.46 -30.91
C HIS A 347 -34.80 -0.02 -31.01
N ILE A 348 -36.05 -0.38 -30.77
CA ILE A 348 -36.46 -1.78 -30.83
C ILE A 348 -36.53 -2.24 -32.29
N CYS A 349 -36.12 -3.49 -32.51
CA CYS A 349 -36.02 -4.02 -33.84
C CYS A 349 -36.48 -5.47 -33.85
N TYR A 350 -37.43 -5.78 -34.73
CA TYR A 350 -38.04 -7.11 -34.85
C TYR A 350 -37.28 -7.98 -35.84
N PHE A 351 -36.85 -9.13 -35.35
CA PHE A 351 -36.10 -10.10 -36.12
C PHE A 351 -36.96 -11.32 -36.27
N GLN A 352 -36.83 -11.93 -37.45
CA GLN A 352 -37.45 -13.21 -37.70
C GLN A 352 -36.33 -14.19 -37.94
N ILE A 353 -36.47 -15.37 -37.32
CA ILE A 353 -35.38 -16.32 -37.17
C ILE A 353 -34.58 -16.72 -38.42
N ASP A 354 -35.21 -16.82 -39.58
CA ASP A 354 -34.48 -17.22 -40.79
C ASP A 354 -34.33 -16.09 -41.80
N LYS A 355 -34.39 -14.85 -41.32
CA LYS A 355 -34.48 -13.68 -42.18
C LYS A 355 -33.50 -12.62 -41.73
N LYS A 356 -32.76 -12.07 -42.70
CA LYS A 356 -31.76 -11.05 -42.41
C LYS A 356 -32.39 -9.69 -42.13
N ASP A 357 -31.66 -8.90 -41.35
CA ASP A 357 -32.07 -7.54 -41.01
C ASP A 357 -33.21 -7.54 -39.98
N CYS A 358 -33.77 -6.36 -39.74
CA CYS A 358 -34.88 -6.23 -38.80
C CYS A 358 -35.82 -5.11 -39.22
N THR A 359 -37.04 -5.15 -38.70
CA THR A 359 -37.96 -4.04 -38.87
C THR A 359 -37.89 -3.18 -37.61
N PHE A 360 -37.54 -1.91 -37.78
CA PHE A 360 -37.62 -0.98 -36.65
C PHE A 360 -39.06 -0.67 -36.31
N ILE A 361 -39.42 -0.95 -35.05
CA ILE A 361 -40.77 -0.72 -34.55
C ILE A 361 -40.88 0.55 -33.71
N THR A 362 -39.74 1.17 -33.38
CA THR A 362 -39.65 2.49 -32.76
C THR A 362 -38.66 3.37 -33.52
N LYS A 363 -38.87 4.70 -33.45
CA LYS A 363 -38.08 5.65 -34.25
C LYS A 363 -38.06 7.04 -33.61
N GLY A 364 -37.00 7.81 -33.92
CA GLY A 364 -36.91 9.21 -33.50
C GLY A 364 -35.65 9.63 -32.74
N THR A 365 -35.64 10.92 -32.41
CA THR A 365 -34.54 11.55 -31.68
C THR A 365 -34.77 11.36 -30.18
N TRP A 366 -34.38 10.16 -29.73
CA TRP A 366 -34.57 9.64 -28.38
C TRP A 366 -34.19 8.16 -28.42
N GLU A 367 -34.07 7.54 -27.24
CA GLU A 367 -33.62 6.14 -27.20
C GLU A 367 -34.45 5.29 -26.25
N VAL A 368 -34.56 4.02 -26.64
CA VAL A 368 -35.15 2.98 -25.79
C VAL A 368 -34.08 2.50 -24.80
N ILE A 369 -34.49 2.39 -23.54
CA ILE A 369 -33.57 1.95 -22.47
C ILE A 369 -33.56 0.44 -22.32
N GLY A 370 -34.75 -0.17 -22.32
CA GLY A 370 -34.83 -1.61 -22.13
C GLY A 370 -36.18 -2.15 -22.56
N ILE A 371 -36.20 -3.38 -23.06
CA ILE A 371 -37.44 -4.10 -23.35
C ILE A 371 -37.80 -4.88 -22.08
N GLU A 372 -38.94 -4.54 -21.47
CA GLU A 372 -39.25 -5.04 -20.13
C GLU A 372 -40.12 -6.30 -20.11
N ALA A 373 -41.04 -6.42 -21.05
CA ALA A 373 -42.04 -7.49 -21.01
C ALA A 373 -42.67 -7.69 -22.36
N LEU A 374 -42.88 -8.95 -22.71
CA LEU A 374 -43.35 -9.28 -24.04
C LEU A 374 -44.55 -10.18 -23.87
N THR A 375 -45.67 -9.79 -24.49
CA THR A 375 -46.92 -10.54 -24.43
C THR A 375 -47.38 -10.92 -25.83
N SER A 376 -48.57 -11.52 -25.87
CA SER A 376 -49.17 -11.93 -27.14
C SER A 376 -49.49 -10.79 -28.09
N ASP A 377 -49.68 -9.61 -27.52
CA ASP A 377 -50.27 -8.48 -28.23
C ASP A 377 -49.64 -7.14 -27.89
N TYR A 378 -48.74 -7.13 -26.91
CA TYR A 378 -48.00 -5.94 -26.52
C TYR A 378 -46.52 -6.22 -26.24
N LEU A 379 -45.69 -5.22 -26.52
CA LEU A 379 -44.32 -5.18 -26.03
C LEU A 379 -44.21 -3.95 -25.15
N TYR A 380 -43.78 -4.15 -23.91
CA TYR A 380 -43.59 -3.06 -22.96
C TYR A 380 -42.11 -2.67 -22.86
N TYR A 381 -41.85 -1.35 -22.81
CA TYR A 381 -40.49 -0.84 -22.84
C TYR A 381 -40.36 0.48 -22.07
N ILE A 382 -39.19 0.71 -21.46
CA ILE A 382 -38.86 2.04 -20.93
C ILE A 382 -38.11 2.85 -22.00
N SER A 383 -38.40 4.16 -22.04
CA SER A 383 -37.63 5.09 -22.87
C SER A 383 -37.58 6.50 -22.29
N ASN A 384 -36.61 7.26 -22.83
CA ASN A 384 -36.42 8.66 -22.49
C ASN A 384 -37.08 9.62 -23.49
N GLU A 385 -38.11 9.14 -24.20
CA GLU A 385 -38.77 9.92 -25.25
C GLU A 385 -39.45 11.20 -24.79
N TYR A 386 -40.10 11.08 -23.63
CA TYR A 386 -40.98 12.09 -23.08
C TYR A 386 -40.34 13.44 -22.90
N LYS A 387 -40.92 14.44 -23.59
CA LYS A 387 -40.55 15.85 -23.45
C LYS A 387 -39.23 16.26 -24.09
N GLY A 388 -38.50 15.29 -24.65
CA GLY A 388 -37.19 15.60 -25.19
C GLY A 388 -36.08 15.54 -24.17
N MET A 389 -36.38 14.98 -22.99
CA MET A 389 -35.44 14.88 -21.89
C MET A 389 -34.74 13.52 -21.96
N PRO A 390 -33.44 13.46 -22.25
CA PRO A 390 -32.71 12.20 -22.22
C PRO A 390 -32.44 11.66 -20.83
N GLY A 391 -32.82 12.41 -19.80
CA GLY A 391 -32.61 12.00 -18.42
C GLY A 391 -33.86 11.60 -17.65
N GLY A 392 -34.99 11.44 -18.34
CA GLY A 392 -36.17 10.83 -17.73
C GLY A 392 -36.41 9.43 -18.26
N ARG A 393 -37.21 8.66 -17.52
CA ARG A 393 -37.61 7.30 -17.92
C ARG A 393 -39.13 7.19 -17.83
N ASN A 394 -39.79 6.66 -18.86
CA ASN A 394 -41.23 6.32 -18.80
C ASN A 394 -41.54 4.99 -19.43
N LEU A 395 -42.55 4.29 -18.92
CA LEU A 395 -43.02 3.03 -19.49
C LEU A 395 -43.92 3.32 -20.70
N TYR A 396 -43.78 2.47 -21.71
CA TYR A 396 -44.56 2.50 -22.97
C TYR A 396 -45.03 1.08 -23.33
N LYS A 397 -46.05 0.98 -24.21
CA LYS A 397 -46.46 -0.32 -24.78
C LYS A 397 -46.75 -0.15 -26.25
N ILE A 398 -46.14 -0.99 -27.08
CA ILE A 398 -46.38 -0.98 -28.52
C ILE A 398 -47.39 -2.07 -28.83
N GLN A 399 -48.47 -1.70 -29.52
CA GLN A 399 -49.41 -2.71 -29.99
C GLN A 399 -48.81 -3.47 -31.15
N LEU A 400 -48.70 -4.79 -31.01
CA LEU A 400 -47.92 -5.54 -31.98
C LEU A 400 -48.60 -5.74 -33.33
N SER A 401 -49.93 -5.64 -33.34
CA SER A 401 -50.70 -5.63 -34.58
C SER A 401 -50.74 -4.27 -35.27
N ASP A 402 -50.28 -3.22 -34.60
CA ASP A 402 -50.20 -1.90 -35.19
C ASP A 402 -49.08 -1.16 -34.50
N TYR A 403 -47.89 -1.20 -35.12
CA TYR A 403 -46.73 -0.55 -34.53
C TYR A 403 -46.87 0.97 -34.31
N THR A 404 -47.85 1.62 -34.95
CA THR A 404 -48.11 3.04 -34.73
C THR A 404 -48.88 3.35 -33.43
N LYS A 405 -49.32 2.32 -32.72
CA LYS A 405 -50.16 2.49 -31.55
C LYS A 405 -49.35 2.21 -30.30
N VAL A 406 -48.52 3.20 -30.01
CA VAL A 406 -47.73 3.25 -28.80
C VAL A 406 -48.52 4.03 -27.76
N THR A 407 -48.47 3.54 -26.52
CA THR A 407 -49.24 4.14 -25.43
C THR A 407 -48.32 4.34 -24.25
N CYS A 408 -48.10 5.60 -23.85
CA CYS A 408 -47.32 5.84 -22.63
C CYS A 408 -48.17 5.53 -21.40
N LEU A 409 -47.63 4.70 -20.52
CA LEU A 409 -48.37 4.17 -19.37
C LEU A 409 -47.99 4.84 -18.05
N SER A 410 -46.97 5.69 -18.08
CA SER A 410 -46.48 6.34 -16.88
C SER A 410 -46.20 7.82 -17.04
N CYS A 411 -46.28 8.37 -18.25
CA CYS A 411 -46.04 9.79 -18.48
C CYS A 411 -46.91 10.74 -17.67
N GLU A 412 -48.21 10.42 -17.59
CA GLU A 412 -49.20 11.38 -17.15
C GLU A 412 -49.77 11.09 -15.78
N LEU A 413 -49.21 10.12 -15.06
CA LEU A 413 -49.81 9.70 -13.79
C LEU A 413 -49.65 10.73 -12.67
N ASN A 414 -48.50 11.41 -12.67
CA ASN A 414 -48.22 12.53 -11.77
C ASN A 414 -47.06 13.28 -12.43
N PRO A 415 -47.28 14.04 -13.51
CA PRO A 415 -46.22 14.46 -14.43
C PRO A 415 -45.25 15.52 -13.95
N GLU A 416 -45.52 16.14 -12.80
CA GLU A 416 -44.56 17.03 -12.15
C GLU A 416 -43.70 16.29 -11.14
N ARG A 417 -44.31 15.31 -10.46
CA ARG A 417 -43.61 14.57 -9.42
C ARG A 417 -42.78 13.42 -9.98
N CYS A 418 -43.20 12.85 -11.10
CA CYS A 418 -42.71 11.55 -11.52
C CYS A 418 -42.36 11.58 -12.99
N GLN A 419 -41.05 11.52 -13.24
CA GLN A 419 -40.49 11.54 -14.59
C GLN A 419 -39.46 10.44 -14.82
N TYR A 420 -39.21 9.60 -13.81
CA TYR A 420 -38.17 8.58 -13.85
C TYR A 420 -38.73 7.30 -13.29
N TYR A 421 -39.11 6.41 -14.19
CA TYR A 421 -39.78 5.17 -13.82
C TYR A 421 -38.92 3.97 -14.14
N SER A 422 -39.16 2.92 -13.34
CA SER A 422 -38.79 1.55 -13.66
C SER A 422 -39.99 0.66 -13.40
N VAL A 423 -39.88 -0.62 -13.79
CA VAL A 423 -41.03 -1.51 -13.74
C VAL A 423 -40.65 -2.94 -13.43
N SER A 424 -41.42 -3.55 -12.55
CA SER A 424 -41.29 -4.96 -12.23
C SER A 424 -42.60 -5.66 -12.57
N PHE A 425 -42.56 -6.47 -13.64
CA PHE A 425 -43.74 -7.23 -14.07
C PHE A 425 -43.78 -8.61 -13.41
N SER A 426 -45.00 -9.03 -13.11
CA SER A 426 -45.29 -10.41 -12.71
C SER A 426 -45.06 -11.39 -13.85
N LYS A 427 -45.15 -12.67 -13.53
CA LYS A 427 -45.00 -13.72 -14.54
C LYS A 427 -46.16 -13.72 -15.54
N GLU A 428 -45.80 -13.79 -16.82
CA GLU A 428 -46.74 -13.58 -17.92
C GLU A 428 -47.23 -12.13 -18.09
N ALA A 429 -46.73 -11.22 -17.25
CA ALA A 429 -46.97 -9.78 -17.37
C ALA A 429 -48.41 -9.38 -17.10
N LYS A 430 -49.04 -10.02 -16.12
CA LYS A 430 -50.42 -9.66 -15.78
C LYS A 430 -50.50 -8.45 -14.87
N TYR A 431 -49.46 -8.22 -14.07
CA TYR A 431 -49.43 -7.10 -13.13
C TYR A 431 -48.08 -6.44 -13.17
N TYR A 432 -48.06 -5.12 -13.03
CA TYR A 432 -46.83 -4.36 -13.16
C TYR A 432 -46.72 -3.33 -12.06
N GLN A 433 -45.61 -3.39 -11.34
CA GLN A 433 -45.32 -2.44 -10.29
C GLN A 433 -44.46 -1.34 -10.86
N LEU A 434 -45.05 -0.14 -10.99
CA LEU A 434 -44.30 1.05 -11.37
C LEU A 434 -43.55 1.61 -10.18
N ARG A 435 -42.42 2.22 -10.51
CA ARG A 435 -41.44 2.63 -9.53
C ARG A 435 -40.88 3.98 -9.93
N CYS A 436 -41.61 5.03 -9.54
CA CYS A 436 -41.15 6.40 -9.67
C CYS A 436 -40.06 6.68 -8.65
N SER A 437 -39.12 7.50 -9.07
CA SER A 437 -37.94 7.76 -8.28
C SER A 437 -37.42 9.17 -8.45
N GLY A 438 -38.32 10.10 -8.77
CA GLY A 438 -37.94 11.48 -9.03
C GLY A 438 -38.68 12.10 -10.18
N PRO A 439 -38.72 13.44 -10.28
CA PRO A 439 -37.96 14.39 -9.46
C PRO A 439 -38.54 14.75 -8.11
N GLY A 440 -39.73 14.23 -7.78
CA GLY A 440 -40.22 14.34 -6.42
C GLY A 440 -39.90 13.10 -5.64
N LEU A 441 -40.64 12.83 -4.57
CA LEU A 441 -40.24 11.70 -3.73
C LEU A 441 -40.69 10.40 -4.39
N PRO A 442 -39.90 9.32 -4.34
CA PRO A 442 -40.30 8.02 -4.89
C PRO A 442 -41.72 7.54 -4.60
N LEU A 443 -42.40 7.14 -5.67
CA LEU A 443 -43.79 6.68 -5.63
C LEU A 443 -43.88 5.27 -6.19
N TYR A 444 -44.47 4.36 -5.41
CA TYR A 444 -44.52 2.95 -5.77
C TYR A 444 -45.97 2.57 -5.91
N THR A 445 -46.32 2.03 -7.08
CA THR A 445 -47.73 1.78 -7.43
C THR A 445 -47.89 0.46 -8.16
N LEU A 446 -49.03 -0.20 -7.96
CA LEU A 446 -49.31 -1.48 -8.61
C LEU A 446 -50.41 -1.27 -9.67
N HIS A 447 -50.31 -2.04 -10.77
CA HIS A 447 -51.22 -1.95 -11.92
C HIS A 447 -51.58 -3.33 -12.43
N SER A 448 -52.73 -3.43 -13.12
CA SER A 448 -52.99 -4.58 -13.99
C SER A 448 -52.78 -4.18 -15.44
N SER A 449 -52.32 -5.17 -16.20
CA SER A 449 -52.00 -4.97 -17.61
C SER A 449 -53.20 -4.96 -18.54
N VAL A 450 -54.31 -5.57 -18.10
CA VAL A 450 -55.54 -5.60 -18.89
C VAL A 450 -56.13 -4.20 -19.11
N ASN A 451 -56.09 -3.40 -18.05
CA ASN A 451 -56.67 -2.07 -18.10
C ASN A 451 -55.60 -1.00 -18.29
N ASP A 452 -54.42 -1.21 -17.70
CA ASP A 452 -53.48 -0.12 -17.39
C ASP A 452 -53.99 0.83 -16.30
N LYS A 453 -55.02 0.40 -15.60
CA LYS A 453 -55.61 1.10 -14.48
C LYS A 453 -54.87 0.70 -13.22
N GLY A 454 -54.87 1.61 -12.25
CA GLY A 454 -54.03 1.44 -11.09
C GLY A 454 -54.82 0.87 -9.94
N LEU A 455 -54.23 -0.15 -9.33
CA LEU A 455 -54.93 -0.92 -8.32
C LEU A 455 -54.72 -0.36 -6.93
N ARG A 456 -53.46 -0.14 -6.56
CA ARG A 456 -53.13 0.30 -5.21
C ARG A 456 -51.85 1.09 -5.20
N VAL A 457 -51.70 1.93 -4.16
CA VAL A 457 -50.45 2.65 -3.96
C VAL A 457 -49.71 1.95 -2.84
N LEU A 458 -48.52 1.49 -3.19
CA LEU A 458 -47.75 0.59 -2.34
C LEU A 458 -46.85 1.31 -1.31
N GLU A 459 -46.34 2.49 -1.69
CA GLU A 459 -45.58 3.34 -0.78
C GLU A 459 -45.46 4.70 -1.42
N ASP A 460 -45.82 5.74 -0.68
CA ASP A 460 -45.86 7.09 -1.25
C ASP A 460 -44.83 8.03 -0.67
N ASN A 461 -44.09 7.59 0.34
CA ASN A 461 -43.03 8.40 0.94
C ASN A 461 -43.53 9.57 1.76
N SER A 462 -44.71 9.36 2.36
CA SER A 462 -45.39 10.42 3.11
C SER A 462 -44.61 10.90 4.30
N ALA A 463 -44.14 9.97 5.13
CA ALA A 463 -43.30 10.35 6.26
C ALA A 463 -41.98 11.01 5.87
N LEU A 464 -41.41 10.64 4.71
CA LEU A 464 -40.24 11.33 4.19
C LEU A 464 -40.53 12.79 3.86
N ASP A 465 -41.67 13.04 3.22
CA ASP A 465 -42.14 14.39 2.94
C ASP A 465 -42.32 15.28 4.15
N LYS A 466 -43.07 14.76 5.12
CA LYS A 466 -43.43 15.49 6.33
C LYS A 466 -42.20 15.90 7.14
N MET A 467 -41.22 14.98 7.20
CA MET A 467 -39.91 15.24 7.79
C MET A 467 -39.12 16.34 7.09
N LEU A 468 -39.08 16.30 5.75
CA LEU A 468 -38.25 17.22 4.97
C LEU A 468 -38.77 18.64 4.86
N GLN A 469 -40.00 18.86 5.32
CA GLN A 469 -40.55 20.22 5.34
C GLN A 469 -39.98 21.08 6.47
N ASN A 470 -39.33 20.43 7.45
CA ASN A 470 -38.49 21.10 8.44
C ASN A 470 -37.20 21.65 7.87
N VAL A 471 -36.66 20.92 6.89
CA VAL A 471 -35.32 21.14 6.38
C VAL A 471 -35.35 22.23 5.32
N GLN A 472 -34.32 23.08 5.33
CA GLN A 472 -34.08 23.99 4.21
C GLN A 472 -33.49 23.21 3.03
N MET A 473 -34.38 22.55 2.27
CA MET A 473 -33.91 21.64 1.24
C MET A 473 -33.50 22.37 -0.04
N PRO A 474 -32.47 21.90 -0.74
CA PRO A 474 -32.08 22.47 -2.02
C PRO A 474 -33.00 22.00 -3.14
N SER A 475 -32.98 22.75 -4.25
CA SER A 475 -33.68 22.35 -5.47
C SER A 475 -32.70 21.84 -6.52
N LYS A 476 -33.26 21.24 -7.57
CA LYS A 476 -32.47 20.84 -8.73
C LYS A 476 -32.89 21.64 -9.95
N LYS A 477 -31.95 22.34 -10.56
CA LYS A 477 -32.15 22.79 -11.94
C LYS A 477 -31.71 21.67 -12.87
N LEU A 478 -32.46 21.49 -13.95
CA LEU A 478 -32.11 20.57 -15.01
C LEU A 478 -32.36 21.31 -16.31
N ASP A 479 -31.37 21.31 -17.19
CA ASP A 479 -31.39 22.15 -18.39
C ASP A 479 -30.31 21.67 -19.33
N PHE A 480 -30.11 22.43 -20.40
CA PHE A 480 -29.07 22.16 -21.36
C PHE A 480 -28.36 23.44 -21.78
N ILE A 481 -27.20 23.23 -22.39
CA ILE A 481 -26.48 24.28 -23.08
C ILE A 481 -26.17 23.77 -24.46
N ILE A 482 -26.28 24.68 -25.42
CA ILE A 482 -26.05 24.32 -26.81
C ILE A 482 -24.60 24.66 -27.10
N LEU A 483 -23.77 23.61 -27.18
CA LEU A 483 -22.33 23.80 -27.38
C LEU A 483 -21.93 23.73 -28.85
N ASN A 484 -22.80 23.21 -29.71
CA ASN A 484 -22.60 23.33 -31.14
C ASN A 484 -23.92 23.78 -31.73
N GLU A 485 -24.61 22.88 -32.42
CA GLU A 485 -26.07 22.98 -32.53
C GLU A 485 -26.75 22.00 -31.56
N THR A 486 -25.96 21.06 -31.06
CA THR A 486 -26.42 19.94 -30.25
C THR A 486 -26.58 20.32 -28.76
N LYS A 487 -27.66 19.82 -28.17
CA LYS A 487 -27.90 19.98 -26.73
C LYS A 487 -27.00 19.05 -25.92
N PHE A 488 -26.48 19.60 -24.83
CA PHE A 488 -25.72 18.84 -23.85
C PHE A 488 -26.32 19.16 -22.50
N TRP A 489 -26.66 18.12 -21.74
CA TRP A 489 -27.49 18.31 -20.56
C TRP A 489 -26.69 18.40 -19.28
N TYR A 490 -27.27 19.09 -18.32
CA TYR A 490 -26.62 19.36 -17.06
C TYR A 490 -27.63 19.41 -15.93
N GLN A 491 -27.13 19.28 -14.72
CA GLN A 491 -27.93 19.52 -13.53
C GLN A 491 -27.17 20.33 -12.51
N MET A 492 -27.91 20.97 -11.60
CA MET A 492 -27.33 21.74 -10.50
C MET A 492 -28.14 21.51 -9.26
N ILE A 493 -27.51 21.06 -8.19
CA ILE A 493 -28.18 21.14 -6.89
C ILE A 493 -27.84 22.53 -6.35
N LEU A 494 -28.85 23.40 -6.33
CA LEU A 494 -28.67 24.79 -5.90
C LEU A 494 -29.03 24.92 -4.42
N PRO A 495 -28.27 25.69 -3.62
CA PRO A 495 -28.58 25.98 -2.21
C PRO A 495 -29.98 26.53 -1.94
N PRO A 496 -30.54 26.31 -0.74
CA PRO A 496 -31.82 26.89 -0.36
C PRO A 496 -31.72 28.39 -0.22
N HIS A 497 -32.73 29.10 -0.70
CA HIS A 497 -32.75 30.57 -0.66
C HIS A 497 -31.80 31.20 -1.68
N PHE A 498 -31.60 30.48 -2.78
CA PHE A 498 -30.67 30.85 -3.84
C PHE A 498 -30.95 32.24 -4.42
N ASP A 499 -29.87 32.98 -4.61
CA ASP A 499 -29.94 34.35 -5.05
C ASP A 499 -29.03 34.55 -6.24
N LYS A 500 -29.67 34.75 -7.38
CA LYS A 500 -29.04 35.06 -8.65
C LYS A 500 -28.05 36.21 -8.68
N SER A 501 -28.17 37.13 -7.72
CA SER A 501 -27.25 38.25 -7.58
C SER A 501 -26.23 38.07 -6.47
N LYS A 502 -25.86 36.81 -6.22
CA LYS A 502 -24.84 36.43 -5.23
C LYS A 502 -23.93 35.40 -5.84
N LYS A 503 -22.65 35.46 -5.49
CA LYS A 503 -21.66 34.57 -6.09
C LYS A 503 -21.43 33.36 -5.20
N TYR A 504 -21.87 32.20 -5.66
CA TYR A 504 -21.70 30.93 -4.95
C TYR A 504 -20.50 30.13 -5.48
N PRO A 505 -19.84 29.31 -4.64
CA PRO A 505 -18.83 28.36 -5.10
C PRO A 505 -19.46 27.20 -5.86
N LEU A 506 -18.63 26.51 -6.65
CA LEU A 506 -19.15 25.55 -7.63
C LEU A 506 -18.33 24.28 -7.61
N LEU A 507 -18.92 23.18 -7.13
CA LEU A 507 -18.38 21.84 -7.34
C LEU A 507 -18.90 21.27 -8.67
N LEU A 508 -18.04 20.57 -9.42
CA LEU A 508 -18.55 19.62 -10.40
C LEU A 508 -18.45 18.23 -9.81
N ASP A 509 -19.60 17.57 -9.66
CA ASP A 509 -19.60 16.10 -9.56
C ASP A 509 -19.39 15.56 -10.96
N VAL A 510 -18.48 14.60 -11.06
CA VAL A 510 -18.10 14.05 -12.35
C VAL A 510 -18.09 12.54 -12.26
N TYR A 511 -18.61 11.94 -13.33
CA TYR A 511 -18.29 10.59 -13.65
C TYR A 511 -17.74 10.63 -15.05
N ALA A 512 -18.63 10.92 -16.01
CA ALA A 512 -18.20 11.36 -17.34
C ALA A 512 -17.79 10.27 -18.31
N GLY A 513 -17.87 9.01 -17.90
CA GLY A 513 -17.35 7.95 -18.75
C GLY A 513 -18.28 7.54 -19.88
N PRO A 514 -17.89 6.54 -20.68
CA PRO A 514 -18.65 6.12 -21.84
C PRO A 514 -20.02 5.54 -21.48
N CYS A 515 -21.04 6.23 -21.95
CA CYS A 515 -22.43 5.87 -21.68
C CYS A 515 -22.96 6.29 -20.32
N SER A 516 -22.29 7.25 -19.68
CA SER A 516 -22.71 7.70 -18.36
C SER A 516 -23.84 8.70 -18.46
N GLN A 517 -24.50 8.90 -17.33
CA GLN A 517 -25.50 9.95 -17.26
C GLN A 517 -25.50 10.53 -15.87
N LYS A 518 -25.37 11.84 -15.82
CA LYS A 518 -25.37 12.58 -14.57
C LYS A 518 -26.45 13.64 -14.51
N ALA A 519 -26.94 14.09 -15.68
CA ALA A 519 -28.08 15.00 -15.72
C ALA A 519 -29.34 14.18 -15.86
N ASP A 520 -30.02 14.02 -14.73
CA ASP A 520 -31.17 13.13 -14.67
C ASP A 520 -32.22 13.68 -13.73
N THR A 521 -33.42 13.11 -13.86
CA THR A 521 -34.55 13.55 -13.08
C THR A 521 -34.74 12.76 -11.78
N VAL A 522 -33.72 12.00 -11.36
CA VAL A 522 -33.81 11.18 -10.14
C VAL A 522 -33.71 12.03 -8.86
N PHE A 523 -34.43 11.61 -7.82
CA PHE A 523 -34.32 12.22 -6.49
C PHE A 523 -33.27 11.52 -5.65
N ARG A 524 -32.44 12.33 -4.98
CA ARG A 524 -31.31 11.84 -4.19
C ARG A 524 -31.13 12.58 -2.88
N LEU A 525 -30.91 11.82 -1.81
CA LEU A 525 -30.39 12.36 -0.55
C LEU A 525 -28.98 11.85 -0.36
N ASN A 526 -28.01 12.74 -0.62
CA ASN A 526 -26.61 12.34 -0.73
C ASN A 526 -25.66 13.37 -0.11
N TRP A 527 -24.38 13.26 -0.47
CA TRP A 527 -23.40 14.24 -0.03
C TRP A 527 -23.65 15.61 -0.64
N ALA A 528 -24.07 15.62 -1.90
CA ALA A 528 -24.29 16.87 -2.60
C ALA A 528 -25.46 17.68 -2.05
N THR A 529 -26.39 16.99 -1.40
CA THR A 529 -27.48 17.61 -0.67
C THR A 529 -26.99 18.34 0.59
N TYR A 530 -26.00 17.78 1.30
CA TYR A 530 -25.36 18.50 2.41
C TYR A 530 -24.55 19.71 1.96
N LEU A 531 -23.79 19.57 0.87
CA LEU A 531 -22.95 20.68 0.43
C LEU A 531 -23.74 21.89 -0.04
N ALA A 532 -24.95 21.65 -0.56
CA ALA A 532 -25.82 22.72 -0.96
C ALA A 532 -26.68 23.25 0.16
N SER A 533 -27.16 22.36 1.04
CA SER A 533 -28.07 22.75 2.11
C SER A 533 -27.39 23.50 3.25
N THR A 534 -26.28 22.93 3.76
CA THR A 534 -25.56 23.52 4.88
C THR A 534 -24.51 24.54 4.45
N GLU A 535 -23.74 24.22 3.41
CA GLU A 535 -22.53 24.99 3.15
C GLU A 535 -22.65 25.97 1.98
N ASN A 536 -23.77 25.93 1.26
CA ASN A 536 -24.05 26.91 0.21
C ASN A 536 -23.17 26.74 -1.03
N ILE A 537 -22.98 25.50 -1.44
CA ILE A 537 -22.20 25.17 -2.63
C ILE A 537 -23.15 24.68 -3.70
N ILE A 538 -22.96 25.16 -4.92
CA ILE A 538 -23.69 24.58 -6.04
C ILE A 538 -22.92 23.34 -6.47
N VAL A 539 -23.55 22.18 -6.39
CA VAL A 539 -22.94 20.96 -6.91
C VAL A 539 -23.58 20.65 -8.25
N ALA A 540 -22.89 21.05 -9.31
CA ALA A 540 -23.33 20.83 -10.67
C ALA A 540 -22.72 19.58 -11.26
N SER A 541 -23.26 19.16 -12.41
CA SER A 541 -22.86 17.90 -13.03
C SER A 541 -23.17 17.95 -14.52
N PHE A 542 -22.25 17.52 -15.39
CA PHE A 542 -22.40 17.71 -16.85
C PHE A 542 -22.33 16.39 -17.63
N ASP A 543 -23.19 16.29 -18.64
CA ASP A 543 -23.11 15.23 -19.64
C ASP A 543 -22.59 15.82 -20.93
N GLY A 544 -21.39 15.41 -21.33
CA GLY A 544 -20.76 15.94 -22.53
C GLY A 544 -20.58 14.85 -23.57
N ARG A 545 -19.64 15.07 -24.49
CA ARG A 545 -19.32 14.05 -25.48
C ARG A 545 -18.84 12.77 -24.81
N GLY A 546 -19.42 11.66 -25.26
CA GLY A 546 -19.15 10.37 -24.65
C GLY A 546 -20.31 9.84 -23.83
N SER A 547 -21.18 10.73 -23.37
CA SER A 547 -22.29 10.32 -22.52
C SER A 547 -23.36 9.54 -23.28
N GLY A 548 -24.30 8.99 -22.51
CA GLY A 548 -25.19 8.00 -23.05
C GLY A 548 -26.62 8.47 -23.18
N TYR A 549 -27.38 7.65 -23.90
CA TYR A 549 -28.83 7.73 -23.90
C TYR A 549 -29.37 8.78 -24.87
N GLN A 550 -28.50 9.20 -25.80
CA GLN A 550 -28.71 10.39 -26.61
C GLN A 550 -28.33 10.20 -28.08
N GLY A 551 -28.04 8.96 -28.48
CA GLY A 551 -27.61 8.73 -29.84
C GLY A 551 -26.11 8.58 -29.91
N ASP A 552 -25.68 7.78 -30.88
CA ASP A 552 -24.27 7.47 -31.02
C ASP A 552 -23.37 8.61 -31.51
N LYS A 553 -23.92 9.74 -32.00
CA LYS A 553 -23.06 10.88 -32.31
C LYS A 553 -22.47 11.53 -31.05
N ILE A 554 -23.23 11.49 -29.96
CA ILE A 554 -22.66 11.86 -28.66
C ILE A 554 -21.82 10.72 -28.10
N MET A 555 -22.41 9.53 -27.94
CA MET A 555 -21.73 8.45 -27.23
C MET A 555 -20.43 7.96 -27.87
N HIS A 556 -20.45 7.73 -29.18
CA HIS A 556 -19.26 7.25 -29.87
C HIS A 556 -18.19 8.31 -30.19
N ALA A 557 -18.41 9.56 -29.73
CA ALA A 557 -17.38 10.60 -29.83
C ALA A 557 -16.06 10.31 -29.13
N ILE A 558 -16.09 9.33 -28.24
CA ILE A 558 -14.97 8.99 -27.37
C ILE A 558 -14.22 7.73 -27.82
N ASN A 559 -14.63 7.11 -28.95
CA ASN A 559 -13.99 5.87 -29.45
C ASN A 559 -12.52 6.06 -29.83
N ARG A 560 -11.67 5.38 -29.07
CA ARG A 560 -10.22 5.34 -29.27
C ARG A 560 -9.54 6.63 -28.80
N ARG A 561 -10.14 7.20 -27.75
CA ARG A 561 -9.97 8.62 -27.44
C ARG A 561 -10.43 8.93 -26.00
N LEU A 562 -10.29 7.97 -25.08
CA LEU A 562 -10.67 8.20 -23.68
C LEU A 562 -9.68 9.13 -23.00
N GLY A 563 -10.21 10.15 -22.34
CA GLY A 563 -9.37 11.16 -21.72
C GLY A 563 -9.39 12.50 -22.41
N THR A 564 -10.15 12.59 -23.50
CA THR A 564 -10.13 13.78 -24.33
C THR A 564 -11.42 14.57 -24.13
N PHE A 565 -12.48 14.25 -24.88
CA PHE A 565 -13.61 15.18 -24.96
C PHE A 565 -14.54 15.15 -23.75
N GLU A 566 -14.65 13.99 -23.12
CA GLU A 566 -15.29 13.91 -21.81
C GLU A 566 -14.61 14.76 -20.74
N VAL A 567 -13.28 14.91 -20.84
CA VAL A 567 -12.51 15.81 -19.97
C VAL A 567 -12.65 17.27 -20.37
N GLU A 568 -12.61 17.56 -21.68
CA GLU A 568 -12.52 18.93 -22.16
C GLU A 568 -13.85 19.65 -22.07
N ASP A 569 -14.93 18.90 -22.28
CA ASP A 569 -16.29 19.41 -22.11
C ASP A 569 -16.71 19.61 -20.66
N GLN A 570 -15.99 19.00 -19.72
CA GLN A 570 -16.20 19.29 -18.30
C GLN A 570 -15.54 20.59 -17.87
N ILE A 571 -14.41 20.95 -18.50
CA ILE A 571 -13.83 22.28 -18.34
C ILE A 571 -14.75 23.35 -18.92
N GLU A 572 -15.34 23.05 -20.08
CA GLU A 572 -16.27 23.95 -20.75
C GLU A 572 -17.57 24.13 -19.97
N ALA A 573 -17.96 23.11 -19.20
CA ALA A 573 -19.15 23.19 -18.36
C ALA A 573 -18.98 24.11 -17.18
N ALA A 574 -17.83 24.02 -16.52
CA ALA A 574 -17.50 24.95 -15.44
C ALA A 574 -17.34 26.38 -15.92
N ARG A 575 -16.65 26.52 -17.05
CA ARG A 575 -16.49 27.78 -17.75
C ARG A 575 -17.79 28.47 -18.10
N GLN A 576 -18.74 27.67 -18.60
CA GLN A 576 -20.08 28.12 -18.94
C GLN A 576 -20.90 28.48 -17.73
N PHE A 577 -20.77 27.71 -16.64
CA PHE A 577 -21.49 28.01 -15.41
C PHE A 577 -20.99 29.27 -14.71
N SER A 578 -19.73 29.59 -14.95
CA SER A 578 -19.13 30.81 -14.41
C SER A 578 -19.31 32.02 -15.33
N LYS A 579 -19.70 31.79 -16.59
CA LYS A 579 -20.20 32.88 -17.44
C LYS A 579 -21.52 33.42 -16.91
N MET A 580 -22.35 32.53 -16.37
CA MET A 580 -23.50 32.90 -15.57
C MET A 580 -23.02 33.52 -14.25
N GLY A 581 -23.77 34.53 -13.79
CA GLY A 581 -23.16 35.45 -12.84
C GLY A 581 -23.42 35.13 -11.38
N PHE A 582 -24.03 33.98 -11.14
CA PHE A 582 -24.24 33.47 -9.79
C PHE A 582 -23.13 32.51 -9.33
N VAL A 583 -22.06 32.35 -10.11
CA VAL A 583 -20.95 31.47 -9.78
C VAL A 583 -19.69 32.29 -9.61
N ASP A 584 -19.04 32.05 -8.47
CA ASP A 584 -17.71 32.59 -8.19
C ASP A 584 -16.64 31.89 -9.02
N ASN A 585 -15.78 32.72 -9.59
CA ASN A 585 -14.73 32.29 -10.50
C ASN A 585 -13.51 31.75 -9.76
N LYS A 586 -13.30 32.31 -8.57
CA LYS A 586 -12.16 31.99 -7.72
C LYS A 586 -12.36 30.74 -6.86
N ARG A 587 -13.55 30.16 -6.89
CA ARG A 587 -13.88 29.00 -6.07
C ARG A 587 -14.60 28.00 -6.94
N ILE A 588 -13.82 27.15 -7.61
CA ILE A 588 -14.38 26.14 -8.50
C ILE A 588 -13.65 24.83 -8.26
N ALA A 589 -14.30 23.92 -7.52
CA ALA A 589 -13.74 22.59 -7.33
C ALA A 589 -14.31 21.59 -8.33
N ILE A 590 -13.69 20.42 -8.36
CA ILE A 590 -14.12 19.32 -9.21
C ILE A 590 -13.85 18.02 -8.47
N TRP A 591 -14.75 17.05 -8.58
CA TRP A 591 -14.50 15.76 -7.96
C TRP A 591 -15.14 14.61 -8.70
N GLY A 592 -14.48 13.45 -8.61
CA GLY A 592 -15.20 12.25 -8.96
C GLY A 592 -14.64 11.01 -8.34
N TRP A 593 -15.34 9.92 -8.58
CA TRP A 593 -14.96 8.61 -8.09
C TRP A 593 -14.81 7.71 -9.31
N SER A 594 -13.63 7.13 -9.43
CA SER A 594 -13.40 6.07 -10.39
C SER A 594 -13.08 6.58 -11.76
N TYR A 595 -14.04 6.49 -12.67
CA TYR A 595 -13.87 7.18 -13.95
C TYR A 595 -13.86 8.69 -13.75
N GLY A 596 -14.65 9.14 -12.78
CA GLY A 596 -14.65 10.55 -12.44
C GLY A 596 -13.44 10.98 -11.65
N GLY A 597 -12.80 10.02 -10.98
CA GLY A 597 -11.52 10.31 -10.36
C GLY A 597 -10.48 10.60 -11.40
N TYR A 598 -10.38 9.69 -12.37
CA TYR A 598 -9.61 9.89 -13.61
C TYR A 598 -9.88 11.20 -14.35
N VAL A 599 -11.15 11.47 -14.68
CA VAL A 599 -11.53 12.71 -15.35
C VAL A 599 -11.22 13.98 -14.53
N THR A 600 -11.41 13.92 -13.22
CA THR A 600 -10.99 15.02 -12.35
C THR A 600 -9.49 15.32 -12.38
N SER A 601 -8.68 14.26 -12.43
CA SER A 601 -7.23 14.42 -12.46
C SER A 601 -6.71 14.95 -13.77
N MET A 602 -7.33 14.52 -14.88
CA MET A 602 -6.99 15.03 -16.20
C MET A 602 -7.39 16.50 -16.40
N VAL A 603 -8.50 16.92 -15.81
CA VAL A 603 -8.90 18.34 -15.77
C VAL A 603 -7.93 19.17 -14.93
N LEU A 604 -7.64 18.68 -13.73
CA LEU A 604 -6.66 19.34 -12.86
C LEU A 604 -5.28 19.48 -13.48
N GLY A 605 -4.92 18.52 -14.33
CA GLY A 605 -3.62 18.55 -14.98
C GLY A 605 -3.62 19.12 -16.38
N SER A 606 -4.77 19.58 -16.88
CA SER A 606 -4.82 20.17 -18.22
C SER A 606 -4.24 21.58 -18.30
N GLY A 607 -4.19 22.29 -17.17
CA GLY A 607 -3.64 23.63 -17.19
C GLY A 607 -4.67 24.71 -17.53
N SER A 608 -5.95 24.40 -17.34
CA SER A 608 -7.02 25.29 -17.81
C SER A 608 -7.14 26.62 -17.09
N GLY A 609 -6.77 26.65 -15.81
CA GLY A 609 -6.96 27.85 -15.01
C GLY A 609 -8.25 27.88 -14.23
N VAL A 610 -9.22 27.06 -14.66
CA VAL A 610 -10.61 27.18 -14.21
C VAL A 610 -10.85 26.64 -12.82
N PHE A 611 -10.04 25.66 -12.41
CA PHE A 611 -10.32 24.93 -11.18
C PHE A 611 -9.24 25.23 -10.17
N LYS A 612 -9.67 25.65 -8.98
CA LYS A 612 -8.74 25.90 -7.88
C LYS A 612 -8.31 24.60 -7.22
N CYS A 613 -9.24 23.67 -7.06
CA CYS A 613 -8.95 22.43 -6.34
C CYS A 613 -9.73 21.25 -6.88
N GLY A 614 -9.31 20.05 -6.52
CA GLY A 614 -10.18 18.91 -6.73
C GLY A 614 -9.84 17.69 -5.91
N ILE A 615 -10.68 16.67 -6.08
CA ILE A 615 -10.54 15.40 -5.35
C ILE A 615 -10.70 14.26 -6.34
N ALA A 616 -9.84 13.25 -6.26
CA ALA A 616 -10.00 12.04 -7.05
C ALA A 616 -9.98 10.85 -6.12
N VAL A 617 -11.13 10.17 -6.05
CA VAL A 617 -11.27 8.96 -5.24
C VAL A 617 -11.18 7.76 -6.16
N ALA A 618 -10.42 6.76 -5.73
CA ALA A 618 -10.11 5.53 -6.46
C ALA A 618 -9.94 5.65 -7.97
N PRO A 619 -9.06 6.54 -8.48
CA PRO A 619 -9.01 6.88 -9.89
C PRO A 619 -8.27 5.87 -10.74
N VAL A 620 -8.72 5.76 -11.99
CA VAL A 620 -7.86 5.25 -13.04
C VAL A 620 -6.82 6.32 -13.34
N SER A 621 -5.63 5.88 -13.78
CA SER A 621 -4.53 6.80 -14.06
C SER A 621 -3.82 6.55 -15.39
N ARG A 622 -3.96 5.33 -15.89
CA ARG A 622 -3.28 4.88 -17.10
C ARG A 622 -3.98 3.62 -17.51
N TRP A 623 -4.42 3.59 -18.76
CA TRP A 623 -5.39 2.56 -19.15
C TRP A 623 -4.82 1.16 -19.31
N GLU A 624 -3.49 1.02 -19.37
CA GLU A 624 -2.91 -0.31 -19.26
C GLU A 624 -2.98 -0.92 -17.87
N TYR A 625 -3.35 -0.15 -16.84
CA TYR A 625 -3.51 -0.71 -15.51
C TYR A 625 -4.92 -1.21 -15.27
N TYR A 626 -5.90 -0.79 -16.07
CA TYR A 626 -7.27 -1.26 -15.89
C TYR A 626 -7.61 -2.45 -16.81
N ASP A 627 -8.70 -3.17 -16.48
CA ASP A 627 -9.08 -4.42 -17.14
C ASP A 627 -9.31 -4.37 -18.64
N SER A 628 -9.03 -5.49 -19.29
CA SER A 628 -9.13 -5.69 -20.73
C SER A 628 -10.52 -5.50 -21.33
N VAL A 629 -11.52 -6.18 -20.78
CA VAL A 629 -12.88 -6.13 -21.33
C VAL A 629 -13.45 -4.71 -21.40
N TYR A 630 -13.26 -3.93 -20.32
CA TYR A 630 -13.73 -2.55 -20.34
C TYR A 630 -12.86 -1.65 -21.19
N THR A 631 -11.53 -1.72 -20.97
CA THR A 631 -10.67 -0.70 -21.55
C THR A 631 -10.58 -0.82 -23.06
N GLU A 632 -10.51 -2.06 -23.54
CA GLU A 632 -10.34 -2.30 -24.97
C GLU A 632 -11.63 -2.19 -25.76
N ARG A 633 -12.78 -2.22 -25.07
CA ARG A 633 -14.07 -1.84 -25.66
C ARG A 633 -14.08 -0.44 -26.28
N TYR A 634 -13.32 0.47 -25.67
CA TYR A 634 -13.29 1.86 -26.12
C TYR A 634 -11.94 2.22 -26.76
N MET A 635 -10.85 1.61 -26.29
CA MET A 635 -9.51 2.08 -26.65
C MET A 635 -8.83 1.24 -27.70
N GLY A 636 -9.26 -0.02 -27.85
CA GLY A 636 -8.51 -0.91 -28.71
C GLY A 636 -7.49 -1.67 -27.91
N LEU A 637 -6.46 -2.16 -28.59
CA LEU A 637 -5.37 -2.82 -27.88
C LEU A 637 -4.18 -1.87 -27.76
N PRO A 638 -3.40 -1.92 -26.67
CA PRO A 638 -2.17 -1.12 -26.51
C PRO A 638 -0.96 -1.64 -27.33
N THR A 639 -1.22 -2.18 -28.52
CA THR A 639 -0.17 -2.47 -29.50
C THR A 639 0.05 -1.25 -30.40
N PRO A 640 1.26 -1.00 -30.91
CA PRO A 640 1.52 0.12 -31.81
C PRO A 640 1.00 -0.05 -33.24
N GLU A 641 0.63 -1.28 -33.60
CA GLU A 641 -0.19 -1.50 -34.78
C GLU A 641 -1.63 -1.00 -34.62
N ASP A 642 -2.03 -0.69 -33.38
CA ASP A 642 -3.40 -0.32 -33.05
C ASP A 642 -3.45 1.07 -32.44
N ASN A 643 -3.42 1.18 -31.11
CA ASN A 643 -3.72 2.43 -30.43
C ASN A 643 -2.85 2.70 -29.21
N LEU A 644 -1.64 2.13 -29.18
CA LEU A 644 -0.64 2.45 -28.16
C LEU A 644 -0.38 3.93 -27.93
N ASP A 645 -0.32 4.72 -29.00
CA ASP A 645 -0.14 6.17 -28.85
C ASP A 645 -1.18 6.86 -27.98
N HIS A 646 -2.45 6.46 -28.09
CA HIS A 646 -3.43 7.09 -27.23
C HIS A 646 -3.45 6.50 -25.81
N TYR A 647 -3.08 5.22 -25.65
CA TYR A 647 -2.88 4.66 -24.32
C TYR A 647 -1.91 5.46 -23.46
N ARG A 648 -0.80 5.84 -24.09
CA ARG A 648 0.31 6.57 -23.47
C ARG A 648 0.06 8.06 -23.35
N ASN A 649 -0.68 8.63 -24.29
CA ASN A 649 -0.96 10.07 -24.27
C ASN A 649 -2.06 10.46 -23.29
N SER A 650 -2.84 9.50 -22.80
CA SER A 650 -4.01 9.79 -21.97
C SER A 650 -3.79 9.61 -20.45
N THR A 651 -2.54 9.52 -20.02
CA THR A 651 -2.26 9.23 -18.62
C THR A 651 -2.29 10.47 -17.74
N VAL A 652 -2.73 10.28 -16.49
CA VAL A 652 -2.67 11.32 -15.46
C VAL A 652 -1.24 11.72 -15.12
N MET A 653 -0.34 10.73 -15.14
CA MET A 653 1.06 10.93 -14.83
C MET A 653 1.75 11.97 -15.69
N SER A 654 1.47 11.91 -17.00
CA SER A 654 2.07 12.82 -18.00
C SER A 654 1.52 14.25 -17.99
N ARG A 655 0.66 14.54 -17.02
CA ARG A 655 0.16 15.89 -16.78
C ARG A 655 0.61 16.40 -15.41
N ALA A 656 1.46 15.65 -14.72
CA ALA A 656 1.89 15.96 -13.35
C ALA A 656 2.37 17.38 -13.08
N GLU A 657 3.06 17.94 -14.07
CA GLU A 657 3.56 19.32 -14.06
C GLU A 657 2.52 20.40 -13.80
N ASN A 658 1.32 20.22 -14.33
CA ASN A 658 0.30 21.25 -14.20
C ASN A 658 -0.44 21.22 -12.87
N PHE A 659 -0.27 20.15 -12.10
CA PHE A 659 -0.92 20.05 -10.78
C PHE A 659 -0.37 21.01 -9.72
N LYS A 660 0.74 21.71 -9.97
CA LYS A 660 1.15 22.76 -9.03
C LYS A 660 0.34 24.05 -9.14
N GLN A 661 -0.46 24.16 -10.21
CA GLN A 661 -1.45 25.22 -10.29
C GLN A 661 -2.72 24.96 -9.46
N VAL A 662 -2.83 23.80 -8.81
CA VAL A 662 -4.08 23.37 -8.17
C VAL A 662 -3.85 22.64 -6.87
N GLU A 663 -4.79 22.75 -5.95
CA GLU A 663 -4.80 21.86 -4.79
C GLU A 663 -5.48 20.54 -5.14
N TYR A 664 -5.02 19.46 -4.52
CA TYR A 664 -5.35 18.13 -4.99
C TYR A 664 -5.40 17.20 -3.81
N LEU A 665 -6.51 16.46 -3.70
CA LEU A 665 -6.62 15.37 -2.74
C LEU A 665 -6.75 14.09 -3.55
N LEU A 666 -5.93 13.09 -3.19
CA LEU A 666 -5.93 11.79 -3.84
C LEU A 666 -6.32 10.76 -2.79
N ILE A 667 -7.26 9.89 -3.16
CA ILE A 667 -7.79 8.91 -2.22
C ILE A 667 -7.88 7.55 -2.93
N HIS A 668 -7.64 6.49 -2.16
CA HIS A 668 -7.71 5.15 -2.72
C HIS A 668 -7.74 4.11 -1.62
N GLY A 669 -8.45 3.02 -1.88
CA GLY A 669 -8.45 1.91 -0.94
C GLY A 669 -7.38 0.89 -1.28
N THR A 670 -6.64 0.42 -0.28
CA THR A 670 -5.52 -0.46 -0.55
C THR A 670 -5.90 -1.88 -1.00
N ALA A 671 -7.16 -2.27 -0.78
CA ALA A 671 -7.68 -3.58 -1.20
C ALA A 671 -8.64 -3.50 -2.40
N ASP A 672 -8.48 -2.45 -3.20
CA ASP A 672 -9.19 -2.27 -4.44
C ASP A 672 -8.82 -3.34 -5.44
N ASP A 673 -9.76 -4.27 -5.57
CA ASP A 673 -9.67 -5.37 -6.52
C ASP A 673 -10.03 -4.95 -7.95
N ASN A 674 -10.55 -3.73 -8.09
CA ASN A 674 -11.13 -3.22 -9.33
C ASN A 674 -10.14 -2.29 -10.01
N VAL A 675 -10.15 -1.01 -9.64
CA VAL A 675 -9.17 -0.05 -10.11
C VAL A 675 -8.07 -0.05 -9.07
N HIS A 676 -6.97 -0.78 -9.28
CA HIS A 676 -6.06 -1.10 -8.18
C HIS A 676 -5.30 0.08 -7.61
N PHE A 677 -4.86 -0.04 -6.36
CA PHE A 677 -4.10 1.01 -5.68
C PHE A 677 -2.85 1.47 -6.41
N GLN A 678 -2.31 0.57 -7.25
CA GLN A 678 -1.34 0.89 -8.28
C GLN A 678 -1.52 2.21 -9.02
N GLN A 679 -2.75 2.49 -9.39
CA GLN A 679 -3.04 3.62 -10.23
C GLN A 679 -2.79 4.92 -9.47
N SER A 680 -3.20 4.96 -8.20
CA SER A 680 -2.93 6.11 -7.34
C SER A 680 -1.50 6.21 -6.85
N ALA A 681 -0.84 5.06 -6.71
CA ALA A 681 0.58 5.00 -6.40
C ALA A 681 1.44 5.56 -7.54
N GLN A 682 0.94 5.45 -8.76
CA GLN A 682 1.64 6.00 -9.89
C GLN A 682 1.34 7.48 -10.10
N ILE A 683 0.14 7.94 -9.73
CA ILE A 683 -0.12 9.37 -9.67
C ILE A 683 0.83 10.06 -8.69
N SER A 684 0.81 9.61 -7.44
CA SER A 684 1.59 10.20 -6.36
C SER A 684 3.09 10.25 -6.62
N LYS A 685 3.64 9.19 -7.18
CA LYS A 685 5.05 9.19 -7.55
C LYS A 685 5.42 10.21 -8.62
N ALA A 686 4.54 10.37 -9.61
CA ALA A 686 4.75 11.38 -10.65
C ALA A 686 4.71 12.80 -10.11
N LEU A 687 3.77 13.06 -9.21
CA LEU A 687 3.72 14.35 -8.52
C LEU A 687 4.95 14.65 -7.66
N VAL A 688 5.43 13.62 -6.95
CA VAL A 688 6.66 13.70 -6.18
C VAL A 688 7.88 14.00 -7.03
N ASP A 689 7.94 13.32 -8.19
CA ASP A 689 9.07 13.43 -9.11
C ASP A 689 9.09 14.70 -9.94
N VAL A 690 8.21 15.64 -9.64
CA VAL A 690 8.15 16.86 -10.43
C VAL A 690 7.86 18.09 -9.59
N GLY A 691 7.75 17.92 -8.26
CA GLY A 691 7.80 19.04 -7.35
C GLY A 691 6.48 19.49 -6.78
N VAL A 692 5.40 18.88 -7.23
CA VAL A 692 4.07 19.31 -6.84
C VAL A 692 3.73 18.81 -5.45
N ASP A 693 2.98 19.61 -4.69
CA ASP A 693 2.47 19.16 -3.41
C ASP A 693 0.97 18.96 -3.49
N PHE A 694 0.55 17.92 -2.79
CA PHE A 694 -0.81 17.39 -2.84
C PHE A 694 -1.10 16.76 -1.51
N GLN A 695 -2.33 16.28 -1.36
CA GLN A 695 -2.75 15.66 -0.12
C GLN A 695 -3.22 14.26 -0.44
N ALA A 696 -2.93 13.35 0.48
CA ALA A 696 -3.16 11.93 0.20
C ALA A 696 -3.92 11.29 1.33
N MET A 697 -4.62 10.21 1.00
CA MET A 697 -5.33 9.45 2.01
C MET A 697 -5.58 8.05 1.48
N TRP A 698 -4.81 7.08 1.96
CA TRP A 698 -5.15 5.68 1.69
C TRP A 698 -6.24 5.23 2.65
N TYR A 699 -6.97 4.20 2.26
CA TYR A 699 -7.92 3.54 3.15
C TYR A 699 -7.54 2.09 3.18
N THR A 700 -6.99 1.70 4.31
CA THR A 700 -6.48 0.37 4.55
C THR A 700 -7.59 -0.70 4.52
N ASP A 701 -7.42 -1.70 3.63
CA ASP A 701 -8.36 -2.82 3.52
C ASP A 701 -9.69 -2.55 2.83
N GLU A 702 -9.89 -1.33 2.33
CA GLU A 702 -11.16 -0.99 1.69
C GLU A 702 -11.10 -1.30 0.21
N ASP A 703 -12.24 -1.75 -0.33
CA ASP A 703 -12.33 -2.12 -1.75
C ASP A 703 -12.62 -0.92 -2.62
N HIS A 704 -13.16 -1.16 -3.80
CA HIS A 704 -13.44 -0.08 -4.73
C HIS A 704 -14.53 0.90 -4.29
N GLY A 705 -15.50 0.41 -3.52
CA GLY A 705 -16.55 1.30 -3.10
C GLY A 705 -16.28 2.04 -1.80
N ILE A 706 -15.24 1.62 -1.07
CA ILE A 706 -14.85 2.22 0.21
C ILE A 706 -16.03 2.13 1.17
N ALA A 707 -16.46 0.88 1.29
CA ALA A 707 -17.84 0.56 1.53
C ALA A 707 -18.17 0.39 2.99
N SER A 708 -17.15 0.18 3.84
CA SER A 708 -17.37 -0.06 5.25
C SER A 708 -18.01 1.15 5.91
N SER A 709 -18.76 0.88 6.97
CA SER A 709 -19.54 1.94 7.58
C SER A 709 -18.69 3.04 8.18
N THR A 710 -17.60 2.61 8.81
CA THR A 710 -16.63 3.53 9.39
C THR A 710 -15.81 4.25 8.34
N ALA A 711 -15.42 3.53 7.28
CA ALA A 711 -14.64 4.15 6.21
C ALA A 711 -15.44 5.10 5.35
N HIS A 712 -16.74 4.84 5.22
CA HIS A 712 -17.64 5.69 4.45
C HIS A 712 -17.89 7.01 5.15
N GLN A 713 -18.16 6.94 6.46
CA GLN A 713 -18.19 8.11 7.33
C GLN A 713 -16.91 8.95 7.29
N HIS A 714 -15.79 8.25 7.27
CA HIS A 714 -14.50 8.91 7.26
C HIS A 714 -14.14 9.55 5.93
N ILE A 715 -14.29 8.85 4.80
CA ILE A 715 -13.97 9.44 3.51
C ILE A 715 -14.74 10.70 3.20
N TYR A 716 -16.04 10.70 3.49
CA TYR A 716 -16.84 11.91 3.27
C TYR A 716 -16.59 13.01 4.28
N THR A 717 -16.21 12.68 5.52
CA THR A 717 -15.81 13.73 6.47
C THR A 717 -14.50 14.40 6.07
N HIS A 718 -13.54 13.60 5.63
CA HIS A 718 -12.29 14.13 5.13
C HIS A 718 -12.44 14.99 3.88
N MET A 719 -13.27 14.54 2.92
CA MET A 719 -13.51 15.31 1.70
C MET A 719 -14.25 16.61 1.94
N SER A 720 -15.11 16.63 2.96
CA SER A 720 -15.78 17.85 3.37
C SER A 720 -14.81 18.91 3.86
N HIS A 721 -13.85 18.50 4.70
CA HIS A 721 -12.85 19.45 5.20
C HIS A 721 -11.94 19.98 4.11
N PHE A 722 -11.70 19.16 3.08
CA PHE A 722 -10.94 19.62 1.93
C PHE A 722 -11.69 20.64 1.08
N ILE A 723 -12.98 20.38 0.81
CA ILE A 723 -13.83 21.30 0.06
C ILE A 723 -14.05 22.63 0.78
N LYS A 724 -14.19 22.57 2.10
CA LYS A 724 -14.41 23.78 2.88
C LYS A 724 -13.18 24.63 3.04
N GLN A 725 -11.99 24.03 3.18
CA GLN A 725 -10.78 24.83 3.19
C GLN A 725 -10.48 25.51 1.85
N CYS A 726 -10.78 24.79 0.76
CA CYS A 726 -10.56 25.32 -0.59
C CYS A 726 -11.49 26.47 -0.92
N PHE A 727 -12.75 26.35 -0.52
CA PHE A 727 -13.75 27.39 -0.74
C PHE A 727 -13.82 28.43 0.38
N SER A 728 -12.93 28.36 1.36
CA SER A 728 -12.83 29.41 2.37
C SER A 728 -14.05 29.49 3.30
N LEU A 729 -14.58 28.32 3.64
CA LEU A 729 -15.78 28.19 4.47
C LEU A 729 -15.36 27.70 5.85
N PRO A 730 -15.90 28.28 6.93
CA PRO A 730 -15.49 27.86 8.28
C PRO A 730 -16.14 26.52 8.70
N SER B 3 23.24 43.61 4.07
CA SER B 3 22.18 42.94 4.85
C SER B 3 22.55 41.50 5.16
N ARG B 4 21.59 40.73 5.68
CA ARG B 4 21.75 39.31 5.95
C ARG B 4 20.50 38.56 5.50
N LYS B 5 20.71 37.47 4.77
CA LYS B 5 19.67 36.51 4.42
C LYS B 5 19.40 35.54 5.57
N THR B 6 18.66 34.48 5.26
CA THR B 6 18.27 33.48 6.25
C THR B 6 18.50 32.07 5.69
N TYR B 7 18.61 31.09 6.59
CA TYR B 7 18.78 29.69 6.15
C TYR B 7 17.41 29.08 5.85
N THR B 8 17.14 28.98 4.56
CA THR B 8 15.83 28.58 4.08
C THR B 8 15.72 27.06 3.94
N LEU B 9 14.49 26.59 3.71
CA LEU B 9 14.24 25.18 3.37
C LEU B 9 14.90 24.77 2.06
N THR B 10 14.94 25.71 1.12
CA THR B 10 15.65 25.54 -0.14
C THR B 10 17.13 25.30 0.07
N ASP B 11 17.71 26.01 1.05
CA ASP B 11 19.14 25.87 1.34
C ASP B 11 19.49 24.54 1.98
N TYR B 12 18.61 24.05 2.85
CA TYR B 12 18.75 22.69 3.36
C TYR B 12 18.65 21.62 2.26
N LEU B 13 17.53 21.62 1.54
CA LEU B 13 17.24 20.66 0.48
C LEU B 13 18.27 20.59 -0.63
N LYS B 14 18.65 21.75 -1.15
CA LYS B 14 19.62 21.81 -2.25
C LYS B 14 21.07 21.69 -1.81
N ASN B 15 21.31 21.79 -0.50
CA ASN B 15 22.62 21.54 0.09
C ASN B 15 23.59 22.69 -0.14
N THR B 16 23.08 23.92 0.03
CA THR B 16 23.80 25.14 -0.28
C THR B 16 25.05 25.34 0.56
N TYR B 17 24.92 25.09 1.87
CA TYR B 17 26.02 25.25 2.80
C TYR B 17 26.54 23.87 3.15
N ARG B 18 27.74 23.57 2.64
CA ARG B 18 28.25 22.21 2.62
C ARG B 18 29.35 22.02 3.66
N LEU B 19 29.17 21.00 4.50
CA LEU B 19 30.25 20.58 5.40
C LEU B 19 31.26 19.74 4.63
N LYS B 20 32.50 20.20 4.64
CA LYS B 20 33.59 19.38 4.16
C LYS B 20 34.07 18.48 5.29
N LEU B 21 34.08 17.18 5.02
CA LEU B 21 34.74 16.25 5.91
C LEU B 21 36.14 15.97 5.40
N TYR B 22 36.82 15.08 6.11
CA TYR B 22 38.12 14.62 5.66
C TYR B 22 38.15 13.12 5.78
N SER B 23 37.88 12.50 4.62
CA SER B 23 37.71 11.06 4.55
C SER B 23 39.02 10.42 4.12
N LEU B 24 39.76 10.03 5.13
CA LEU B 24 41.07 9.42 4.96
C LEU B 24 40.93 7.90 5.12
N ARG B 25 41.90 7.15 4.61
CA ARG B 25 41.87 5.70 4.76
C ARG B 25 43.28 5.19 4.91
N TRP B 26 43.63 4.72 6.11
CA TRP B 26 44.99 4.22 6.36
C TRP B 26 45.33 2.95 5.59
N ILE B 27 46.50 2.95 4.98
CA ILE B 27 47.00 1.81 4.19
C ILE B 27 48.30 1.24 4.76
N SER B 28 48.90 1.97 5.69
CA SER B 28 50.08 1.54 6.41
C SER B 28 50.10 2.15 7.81
N ASP B 29 51.19 1.90 8.51
CA ASP B 29 51.43 2.58 9.77
C ASP B 29 51.74 4.06 9.64
N HIS B 30 51.96 4.56 8.41
CA HIS B 30 52.38 5.94 8.22
C HIS B 30 51.79 6.65 7.02
N GLU B 31 50.87 5.99 6.32
CA GLU B 31 50.31 6.53 5.08
C GLU B 31 48.82 6.31 4.98
N TYR B 32 48.13 7.23 4.31
CA TYR B 32 46.70 7.13 4.08
C TYR B 32 46.33 7.55 2.67
N LEU B 33 45.12 7.23 2.22
CA LEU B 33 44.63 7.75 0.95
C LEU B 33 43.49 8.75 1.14
N TYR B 34 43.41 9.72 0.23
CA TYR B 34 42.44 10.79 0.30
C TYR B 34 42.01 11.16 -1.10
N LYS B 35 40.69 11.24 -1.33
CA LYS B 35 40.21 11.64 -2.64
C LYS B 35 40.18 13.15 -2.76
N GLN B 36 40.71 13.62 -3.88
CA GLN B 36 40.69 15.00 -4.29
C GLN B 36 40.40 15.05 -5.78
N GLU B 37 39.15 15.32 -6.16
CA GLU B 37 38.80 15.55 -7.58
C GLU B 37 38.60 14.29 -8.41
N ASN B 38 38.54 13.14 -7.71
CA ASN B 38 38.61 11.80 -8.29
C ASN B 38 40.04 11.37 -8.67
N ASN B 39 40.99 12.25 -8.37
CA ASN B 39 42.35 11.82 -8.16
C ASN B 39 42.43 11.36 -6.71
N ILE B 40 42.82 10.11 -6.51
CA ILE B 40 43.10 9.62 -5.16
C ILE B 40 44.60 9.77 -4.96
N LEU B 41 44.97 10.41 -3.85
CA LEU B 41 46.36 10.69 -3.53
C LEU B 41 46.73 9.89 -2.28
N VAL B 42 47.99 9.46 -2.18
CA VAL B 42 48.51 8.91 -0.93
C VAL B 42 49.26 10.02 -0.21
N PHE B 43 49.06 10.09 1.09
CA PHE B 43 49.70 11.07 1.94
C PHE B 43 50.64 10.39 2.91
N ASN B 44 51.76 11.05 3.21
CA ASN B 44 52.67 10.64 4.27
C ASN B 44 52.29 11.40 5.53
N ALA B 45 52.23 10.69 6.65
CA ALA B 45 51.69 11.25 7.90
C ALA B 45 52.59 12.26 8.63
N GLU B 46 53.87 11.94 8.84
CA GLU B 46 54.76 12.84 9.60
C GLU B 46 55.04 14.13 8.85
N TYR B 47 55.33 13.96 7.56
CA TYR B 47 55.92 15.03 6.77
C TYR B 47 54.93 15.72 5.86
N GLY B 48 53.86 15.03 5.46
CA GLY B 48 52.74 15.73 4.87
C GLY B 48 52.71 15.74 3.35
N ASN B 49 53.75 15.17 2.74
CA ASN B 49 53.83 15.14 1.29
C ASN B 49 52.91 14.11 0.68
N SER B 50 52.64 14.32 -0.60
CA SER B 50 51.69 13.48 -1.29
C SER B 50 52.18 13.09 -2.67
N SER B 51 51.58 12.03 -3.16
CA SER B 51 51.81 11.55 -4.51
C SER B 51 50.50 11.02 -5.09
N VAL B 52 50.18 11.44 -6.32
CA VAL B 52 48.96 11.01 -6.98
C VAL B 52 49.04 9.52 -7.37
N PHE B 53 48.14 8.75 -6.77
CA PHE B 53 48.16 7.30 -6.87
C PHE B 53 47.22 6.78 -7.96
N LEU B 54 46.11 7.49 -8.18
CA LEU B 54 45.16 7.17 -9.23
C LEU B 54 44.62 8.46 -9.78
N GLU B 55 44.77 8.65 -11.10
CA GLU B 55 44.39 9.89 -11.76
C GLU B 55 42.93 9.84 -12.15
N ASN B 56 42.26 10.99 -12.07
CA ASN B 56 40.86 11.13 -12.50
C ASN B 56 40.57 10.78 -13.95
N SER B 57 41.55 11.05 -14.81
CA SER B 57 41.49 10.72 -16.22
C SER B 57 41.72 9.25 -16.53
N THR B 58 42.44 8.55 -15.65
CA THR B 58 42.54 7.09 -15.73
C THR B 58 41.20 6.50 -15.31
N PHE B 59 40.75 5.54 -16.11
CA PHE B 59 39.46 4.86 -15.92
C PHE B 59 38.28 5.49 -16.66
N ASP B 60 38.60 6.38 -17.61
CA ASP B 60 37.65 6.79 -18.63
C ASP B 60 37.51 5.70 -19.69
N GLU B 61 38.67 5.11 -20.05
CA GLU B 61 38.77 3.95 -20.93
C GLU B 61 38.12 2.69 -20.35
N PHE B 62 38.05 2.62 -19.03
CA PHE B 62 37.35 1.55 -18.32
C PHE B 62 35.90 1.36 -18.74
N GLY B 63 35.19 2.48 -18.92
CA GLY B 63 33.84 2.48 -19.46
C GLY B 63 32.75 2.75 -18.44
N HIS B 64 33.12 2.86 -17.16
CA HIS B 64 32.15 2.90 -16.07
C HIS B 64 32.56 3.92 -15.02
N SER B 65 31.55 4.46 -14.34
CA SER B 65 31.81 5.24 -13.13
C SER B 65 31.98 4.32 -11.93
N ILE B 66 33.08 4.55 -11.21
CA ILE B 66 33.54 3.64 -10.18
C ILE B 66 32.93 4.08 -8.86
N ASN B 67 32.45 3.10 -8.11
CA ASN B 67 31.79 3.32 -6.82
C ASN B 67 32.80 3.23 -5.68
N ASP B 68 33.80 2.34 -5.80
CA ASP B 68 34.83 2.18 -4.76
C ASP B 68 36.13 1.68 -5.32
N TYR B 69 37.19 2.00 -4.58
CA TYR B 69 38.53 1.48 -4.78
C TYR B 69 38.89 0.72 -3.53
N SER B 70 39.65 -0.36 -3.68
CA SER B 70 40.05 -1.17 -2.54
C SER B 70 41.41 -1.77 -2.83
N ILE B 71 42.45 -1.10 -2.35
CA ILE B 71 43.84 -1.50 -2.57
C ILE B 71 44.16 -2.72 -1.71
N SER B 72 44.86 -3.69 -2.30
CA SER B 72 45.34 -4.85 -1.55
C SER B 72 46.38 -4.46 -0.50
N PRO B 73 46.49 -5.16 0.63
CA PRO B 73 47.45 -4.83 1.68
C PRO B 73 48.93 -4.86 1.35
N ASP B 74 49.31 -5.48 0.23
CA ASP B 74 50.68 -5.40 -0.27
C ASP B 74 50.86 -4.38 -1.38
N GLY B 75 49.77 -3.74 -1.83
CA GLY B 75 49.89 -2.68 -2.81
C GLY B 75 49.91 -3.13 -4.25
N GLN B 76 49.89 -4.44 -4.48
CA GLN B 76 50.07 -4.97 -5.82
C GLN B 76 48.81 -4.91 -6.68
N PHE B 77 47.64 -4.70 -6.06
CA PHE B 77 46.36 -4.77 -6.78
C PHE B 77 45.33 -3.75 -6.27
N ILE B 78 44.24 -3.61 -7.03
CA ILE B 78 43.08 -2.80 -6.65
C ILE B 78 41.81 -3.43 -7.16
N LEU B 79 40.80 -3.54 -6.29
CA LEU B 79 39.45 -3.79 -6.77
C LEU B 79 38.82 -2.48 -7.17
N LEU B 80 38.17 -2.49 -8.33
CA LEU B 80 37.31 -1.39 -8.76
C LEU B 80 35.89 -1.89 -8.73
N GLU B 81 35.11 -1.35 -7.80
CA GLU B 81 33.70 -1.69 -7.69
C GLU B 81 32.86 -0.75 -8.56
N TYR B 82 31.90 -1.32 -9.26
CA TYR B 82 31.02 -0.55 -10.13
C TYR B 82 29.73 -1.30 -10.35
N ASN B 83 28.73 -0.59 -10.87
CA ASN B 83 27.39 -1.16 -11.04
C ASN B 83 26.71 -1.44 -9.71
N TYR B 84 26.81 -0.47 -8.82
CA TYR B 84 26.21 -0.58 -7.51
C TYR B 84 24.69 -0.66 -7.61
N VAL B 85 24.13 -1.61 -6.87
CA VAL B 85 22.69 -1.76 -6.76
C VAL B 85 22.41 -2.04 -5.30
N LYS B 86 21.79 -1.06 -4.63
CA LYS B 86 21.46 -1.19 -3.21
C LYS B 86 20.41 -2.27 -2.99
N GLN B 87 20.66 -3.08 -1.96
CA GLN B 87 19.65 -3.97 -1.40
C GLN B 87 19.16 -3.25 -0.15
N TRP B 88 19.55 -3.70 1.05
CA TRP B 88 19.04 -3.12 2.28
C TRP B 88 20.00 -2.04 2.80
N ARG B 89 20.20 -1.96 4.13
CA ARG B 89 20.98 -0.88 4.73
C ARG B 89 22.48 -0.91 4.42
N HIS B 90 23.02 -2.13 4.29
CA HIS B 90 24.45 -2.36 4.14
C HIS B 90 24.75 -3.22 2.92
N SER B 91 23.79 -4.06 2.55
CA SER B 91 23.91 -4.97 1.44
C SER B 91 23.64 -4.29 0.12
N TYR B 92 24.27 -4.90 -0.87
CA TYR B 92 24.24 -4.46 -2.24
C TYR B 92 24.82 -5.57 -3.10
N THR B 93 24.67 -5.36 -4.40
CA THR B 93 25.27 -6.23 -5.40
C THR B 93 26.15 -5.36 -6.29
N ALA B 94 27.25 -5.91 -6.75
CA ALA B 94 28.15 -5.15 -7.61
C ALA B 94 28.92 -6.00 -8.62
N SER B 95 29.57 -5.27 -9.52
CA SER B 95 30.53 -5.82 -10.46
C SER B 95 31.92 -5.36 -10.05
N TYR B 96 32.92 -6.21 -10.30
CA TYR B 96 34.25 -6.00 -9.76
C TYR B 96 35.30 -6.35 -10.79
N ASP B 97 36.07 -5.37 -11.25
CA ASP B 97 37.31 -5.66 -11.99
C ASP B 97 38.50 -5.43 -11.08
N ILE B 98 39.48 -6.31 -11.20
CA ILE B 98 40.76 -6.14 -10.52
C ILE B 98 41.74 -5.52 -11.53
N TYR B 99 42.63 -4.68 -11.02
CA TYR B 99 43.64 -4.01 -11.84
C TYR B 99 45.01 -4.21 -11.19
N ASP B 100 45.99 -4.55 -12.02
CA ASP B 100 47.36 -4.82 -11.60
C ASP B 100 48.14 -3.50 -11.50
N LEU B 101 48.74 -3.27 -10.33
CA LEU B 101 49.46 -2.02 -10.08
C LEU B 101 50.96 -2.10 -10.33
N ASN B 102 51.49 -3.32 -10.55
CA ASN B 102 52.87 -3.49 -11.01
C ASN B 102 52.95 -3.44 -12.53
N LYS B 103 51.94 -4.00 -13.21
CA LYS B 103 51.66 -3.64 -14.59
C LYS B 103 50.75 -2.40 -14.56
N ARG B 104 50.14 -2.04 -15.69
CA ARG B 104 49.09 -1.02 -15.67
C ARG B 104 47.92 -1.48 -16.54
N GLN B 105 47.43 -2.67 -16.22
CA GLN B 105 46.38 -3.32 -17.00
C GLN B 105 45.37 -4.06 -16.13
N LEU B 106 44.18 -4.27 -16.69
CA LEU B 106 43.15 -5.08 -16.04
C LEU B 106 43.46 -6.56 -16.15
N ILE B 107 43.04 -7.29 -15.11
CA ILE B 107 43.10 -8.74 -15.13
C ILE B 107 41.93 -9.23 -15.98
N THR B 108 42.28 -9.90 -17.07
CA THR B 108 41.31 -10.16 -18.15
C THR B 108 40.51 -11.42 -17.93
N GLU B 109 41.09 -12.39 -17.22
CA GLU B 109 40.51 -13.73 -17.11
C GLU B 109 40.50 -14.22 -15.69
N GLU B 110 39.54 -15.11 -15.43
CA GLU B 110 39.21 -15.55 -14.09
C GLU B 110 38.54 -14.47 -13.26
N ARG B 111 37.85 -13.54 -13.94
CA ARG B 111 37.30 -12.38 -13.29
C ARG B 111 36.23 -12.72 -12.26
N ILE B 112 36.12 -11.82 -11.27
CA ILE B 112 35.01 -11.85 -10.32
C ILE B 112 33.72 -11.68 -11.14
N PRO B 113 32.70 -12.52 -10.92
CA PRO B 113 31.47 -12.44 -11.68
C PRO B 113 30.68 -11.17 -11.44
N ASN B 114 29.67 -11.01 -12.29
CA ASN B 114 28.72 -9.93 -12.12
C ASN B 114 27.70 -10.34 -11.06
N ASN B 115 27.28 -9.35 -10.28
CA ASN B 115 26.26 -9.57 -9.25
C ASN B 115 26.80 -10.21 -7.99
N THR B 116 28.05 -9.84 -7.69
CA THR B 116 28.76 -10.33 -6.53
C THR B 116 28.31 -9.55 -5.32
N GLN B 117 28.11 -10.30 -4.25
CA GLN B 117 27.42 -9.79 -3.08
C GLN B 117 28.39 -9.13 -2.13
N TRP B 118 29.58 -9.70 -1.97
CA TRP B 118 30.59 -9.13 -1.08
C TRP B 118 31.98 -9.48 -1.57
N VAL B 119 32.96 -8.60 -1.36
CA VAL B 119 34.37 -8.85 -1.71
C VAL B 119 35.30 -8.33 -0.62
N THR B 120 36.31 -9.13 -0.26
CA THR B 120 37.34 -8.74 0.70
C THR B 120 38.68 -9.37 0.38
N TRP B 121 39.74 -8.55 0.55
CA TRP B 121 41.11 -9.06 0.55
C TRP B 121 41.46 -9.73 1.87
N SER B 122 42.43 -10.64 1.82
CA SER B 122 43.10 -11.05 3.04
C SER B 122 43.87 -9.88 3.67
N PRO B 123 44.04 -9.85 5.00
CA PRO B 123 44.66 -8.71 5.67
C PRO B 123 46.13 -8.46 5.36
N VAL B 124 46.82 -9.50 4.90
CA VAL B 124 48.17 -9.36 4.41
C VAL B 124 48.27 -10.17 3.13
N GLY B 125 48.75 -9.52 2.07
CA GLY B 125 48.81 -10.19 0.78
C GLY B 125 47.78 -9.69 -0.19
N HIS B 126 47.26 -10.63 -0.97
CA HIS B 126 46.38 -10.30 -2.08
C HIS B 126 45.38 -11.40 -2.36
N LYS B 127 45.12 -12.28 -1.40
CA LYS B 127 44.05 -13.25 -1.59
C LYS B 127 42.69 -12.56 -1.62
N LEU B 128 41.69 -13.23 -2.19
CA LEU B 128 40.36 -12.66 -2.34
C LEU B 128 39.35 -13.68 -1.89
N ALA B 129 38.53 -13.32 -0.92
CA ALA B 129 37.30 -14.05 -0.66
C ALA B 129 36.15 -13.22 -1.21
N TYR B 130 35.28 -13.87 -1.98
CA TYR B 130 34.08 -13.21 -2.49
C TYR B 130 32.86 -14.09 -2.35
N VAL B 131 31.72 -13.43 -2.16
CA VAL B 131 30.45 -14.14 -2.10
C VAL B 131 29.65 -13.82 -3.35
N TRP B 132 29.12 -14.87 -3.95
CA TRP B 132 28.34 -14.76 -5.17
C TRP B 132 27.36 -15.91 -5.22
N ASN B 133 26.07 -15.60 -5.31
CA ASN B 133 25.05 -16.64 -5.36
C ASN B 133 24.93 -17.39 -4.03
N ASN B 134 25.29 -16.69 -2.96
CA ASN B 134 25.17 -17.21 -1.61
C ASN B 134 26.27 -18.21 -1.23
N ASP B 135 27.34 -18.25 -2.02
CA ASP B 135 28.46 -19.15 -1.78
C ASP B 135 29.78 -18.43 -1.80
N ILE B 136 30.70 -18.94 -0.99
CA ILE B 136 32.03 -18.34 -0.85
C ILE B 136 32.97 -18.95 -1.91
N TYR B 137 33.81 -18.07 -2.44
CA TYR B 137 34.83 -18.40 -3.43
C TYR B 137 36.12 -17.76 -3.00
N VAL B 138 37.22 -18.52 -3.01
CA VAL B 138 38.55 -18.00 -2.65
C VAL B 138 39.45 -17.95 -3.89
N LYS B 139 40.34 -16.96 -3.91
CA LYS B 139 41.11 -16.60 -5.10
C LYS B 139 42.51 -16.19 -4.67
N ILE B 140 43.38 -17.20 -4.57
CA ILE B 140 44.73 -17.03 -4.04
C ILE B 140 45.58 -15.98 -4.77
N GLU B 141 45.54 -16.00 -6.10
CA GLU B 141 46.07 -14.90 -6.93
C GLU B 141 44.93 -14.37 -7.83
N PRO B 142 44.83 -13.05 -8.07
CA PRO B 142 43.87 -12.41 -8.98
C PRO B 142 43.61 -12.99 -10.35
N ASN B 143 44.65 -13.57 -10.95
CA ASN B 143 44.56 -14.14 -12.29
C ASN B 143 44.23 -15.63 -12.30
N LEU B 144 44.43 -16.33 -11.19
CA LEU B 144 44.19 -17.78 -11.16
C LEU B 144 42.73 -18.12 -10.84
N PRO B 145 42.20 -19.28 -11.27
CA PRO B 145 40.83 -19.70 -10.97
C PRO B 145 40.44 -19.71 -9.50
N SER B 146 39.16 -19.47 -9.27
CA SER B 146 38.66 -19.44 -7.92
C SER B 146 38.34 -20.82 -7.42
N TYR B 147 38.82 -21.11 -6.22
CA TYR B 147 38.34 -22.25 -5.44
C TYR B 147 36.93 -22.00 -4.94
N ARG B 148 36.15 -23.08 -4.76
CA ARG B 148 34.77 -22.94 -4.28
C ARG B 148 34.63 -23.63 -2.95
N ILE B 149 34.41 -22.79 -1.94
CA ILE B 149 34.38 -23.24 -0.55
C ILE B 149 33.04 -23.86 -0.17
N THR B 150 31.94 -23.39 -0.77
CA THR B 150 30.58 -23.78 -0.33
C THR B 150 29.63 -24.01 -1.51
N TRP B 151 28.62 -24.86 -1.27
CA TRP B 151 27.74 -25.35 -2.33
C TRP B 151 26.28 -25.27 -1.95
N THR B 152 26.05 -25.07 -0.65
CA THR B 152 24.73 -25.04 -0.06
C THR B 152 23.95 -23.74 -0.26
N GLY B 153 24.59 -22.74 -0.86
CA GLY B 153 23.98 -21.45 -1.08
C GLY B 153 22.76 -21.48 -1.97
N LYS B 154 21.78 -20.68 -1.59
CA LYS B 154 20.47 -20.74 -2.22
C LYS B 154 19.76 -19.46 -1.86
N GLU B 155 19.30 -18.71 -2.88
CA GLU B 155 18.55 -17.46 -2.67
C GLU B 155 17.45 -17.55 -1.63
N ASP B 156 17.47 -16.63 -0.69
CA ASP B 156 16.43 -16.50 0.34
C ASP B 156 16.45 -17.56 1.44
N ILE B 157 17.43 -18.45 1.41
CA ILE B 157 17.37 -19.68 2.21
C ILE B 157 18.70 -19.92 2.90
N ILE B 158 19.77 -20.08 2.15
CA ILE B 158 21.07 -20.42 2.76
C ILE B 158 22.08 -19.35 2.40
N TYR B 159 22.59 -18.69 3.44
CA TYR B 159 23.51 -17.56 3.26
C TYR B 159 24.89 -17.96 3.76
N ASN B 160 25.85 -18.23 2.86
CA ASN B 160 27.21 -18.56 3.30
C ASN B 160 28.10 -17.36 3.08
N GLY B 161 28.52 -16.76 4.21
CA GLY B 161 29.50 -15.69 4.14
C GLY B 161 28.89 -14.31 4.01
N ILE B 162 27.56 -14.26 4.02
CA ILE B 162 26.78 -13.04 3.99
C ILE B 162 25.65 -13.22 4.97
N THR B 163 24.99 -12.11 5.30
CA THR B 163 23.91 -12.14 6.28
C THR B 163 22.57 -12.11 5.58
N ASP B 164 21.62 -12.77 6.22
CA ASP B 164 20.20 -12.53 5.96
C ASP B 164 19.75 -11.19 6.54
N TRP B 165 18.44 -10.91 6.46
CA TRP B 165 17.94 -9.59 6.78
C TRP B 165 18.20 -9.15 8.21
N VAL B 166 17.82 -10.00 9.16
CA VAL B 166 17.88 -9.57 10.55
C VAL B 166 19.29 -9.55 11.11
N TYR B 167 20.18 -10.39 10.55
CA TYR B 167 21.58 -10.35 10.96
C TYR B 167 22.31 -9.15 10.38
N GLU B 168 21.95 -8.76 9.16
CA GLU B 168 22.44 -7.54 8.58
C GLU B 168 22.08 -6.28 9.38
N GLU B 169 20.80 -6.16 9.73
CA GLU B 169 20.30 -4.98 10.40
C GLU B 169 20.67 -4.94 11.87
N GLU B 170 20.41 -6.04 12.58
CA GLU B 170 20.39 -6.03 14.04
C GLU B 170 21.51 -6.73 14.74
N VAL B 171 22.43 -7.35 14.01
CA VAL B 171 23.49 -8.12 14.67
C VAL B 171 24.85 -7.61 14.24
N PHE B 172 25.08 -7.54 12.94
CA PHE B 172 26.43 -7.22 12.47
C PHE B 172 26.58 -5.82 11.93
N SER B 173 25.47 -5.15 11.60
CA SER B 173 25.52 -3.86 10.91
C SER B 173 26.25 -3.94 9.56
N ALA B 174 26.01 -5.02 8.84
CA ALA B 174 26.95 -5.48 7.82
C ALA B 174 26.35 -6.61 7.03
N TYR B 175 26.49 -6.51 5.70
CA TYR B 175 26.14 -7.63 4.82
C TYR B 175 27.15 -8.75 4.84
N SER B 176 28.35 -8.47 5.36
CA SER B 176 29.45 -9.41 5.37
C SER B 176 29.36 -10.41 6.50
N ALA B 177 29.79 -11.63 6.18
CA ALA B 177 30.00 -12.68 7.17
C ALA B 177 31.25 -13.52 6.92
N LEU B 178 32.28 -12.91 6.32
CA LEU B 178 33.64 -13.48 6.34
C LEU B 178 34.49 -12.82 7.42
N TRP B 179 35.43 -13.58 7.97
CA TRP B 179 36.48 -13.05 8.85
C TRP B 179 37.78 -13.80 8.61
N TRP B 180 38.76 -13.13 8.01
CA TRP B 180 40.08 -13.74 7.83
C TRP B 180 40.86 -13.77 9.14
N SER B 181 41.80 -14.73 9.25
CA SER B 181 42.83 -14.62 10.29
C SER B 181 43.82 -13.49 9.97
N PRO B 182 44.54 -12.94 10.97
CA PRO B 182 45.41 -11.79 10.75
C PRO B 182 46.45 -11.95 9.67
N ASN B 183 46.98 -13.17 9.51
CA ASN B 183 47.99 -13.42 8.48
C ASN B 183 47.42 -13.98 7.17
N GLY B 184 46.14 -14.36 7.17
CA GLY B 184 45.47 -14.71 5.93
C GLY B 184 45.34 -16.19 5.67
N THR B 185 45.86 -17.02 6.58
CA THR B 185 45.84 -18.47 6.39
C THR B 185 44.46 -19.04 6.54
N PHE B 186 43.71 -18.55 7.53
CA PHE B 186 42.36 -19.02 7.73
C PHE B 186 41.34 -18.02 7.20
N LEU B 187 40.23 -18.56 6.72
CA LEU B 187 39.02 -17.81 6.39
C LEU B 187 37.90 -18.41 7.20
N ALA B 188 37.29 -17.61 8.06
CA ALA B 188 36.13 -18.06 8.82
C ALA B 188 34.83 -17.49 8.26
N TYR B 189 33.74 -18.23 8.47
CA TYR B 189 32.45 -17.77 7.99
C TYR B 189 31.27 -18.25 8.80
N ALA B 190 30.21 -17.44 8.77
CA ALA B 190 28.91 -17.86 9.24
C ALA B 190 28.07 -18.40 8.09
N GLN B 191 27.14 -19.27 8.46
CA GLN B 191 26.12 -19.76 7.56
C GLN B 191 24.78 -19.51 8.20
N PHE B 192 23.89 -18.80 7.52
CA PHE B 192 22.53 -18.62 8.06
C PHE B 192 21.53 -19.47 7.28
N ASN B 193 20.48 -19.89 7.99
CA ASN B 193 19.51 -20.81 7.44
C ASN B 193 18.12 -20.29 7.73
N ASP B 194 17.53 -19.67 6.72
CA ASP B 194 16.25 -18.98 6.77
C ASP B 194 15.08 -19.81 6.25
N THR B 195 15.24 -21.13 6.20
CA THR B 195 14.21 -22.04 5.68
C THR B 195 12.79 -21.83 6.22
N GLU B 196 12.69 -21.76 7.53
CA GLU B 196 11.41 -21.67 8.22
C GLU B 196 11.09 -20.28 8.76
N VAL B 197 11.89 -19.28 8.34
CA VAL B 197 11.62 -17.90 8.70
C VAL B 197 10.51 -17.40 7.78
N PRO B 198 9.39 -16.89 8.33
CA PRO B 198 8.29 -16.43 7.48
C PRO B 198 8.70 -15.26 6.59
N LEU B 199 8.16 -15.25 5.37
CA LEU B 199 8.39 -14.13 4.48
C LEU B 199 7.48 -12.97 4.85
N ILE B 200 7.95 -11.76 4.66
CA ILE B 200 7.06 -10.61 4.68
C ILE B 200 6.90 -10.18 3.24
N GLU B 201 5.67 -9.80 2.91
CA GLU B 201 5.34 -9.48 1.54
C GLU B 201 4.82 -8.07 1.41
N TYR B 202 5.24 -7.42 0.33
CA TYR B 202 4.81 -6.06 0.00
C TYR B 202 4.96 -5.82 -1.49
N SER B 203 4.29 -4.77 -1.98
CA SER B 203 4.25 -4.47 -3.41
C SER B 203 5.32 -3.46 -3.79
N PHE B 204 5.76 -3.59 -5.04
CA PHE B 204 6.69 -2.68 -5.65
C PHE B 204 6.14 -2.32 -7.02
N TYR B 205 5.89 -1.03 -7.22
CA TYR B 205 5.13 -0.60 -8.38
C TYR B 205 6.03 -0.26 -9.56
N SER B 206 7.20 0.31 -9.28
CA SER B 206 8.23 0.56 -10.28
C SER B 206 7.87 1.70 -11.22
N ASP B 207 8.48 1.75 -12.40
CA ASP B 207 8.10 2.75 -13.41
C ASP B 207 6.64 2.62 -13.82
N GLU B 208 6.14 3.73 -14.35
CA GLU B 208 4.88 3.80 -15.06
C GLU B 208 4.65 2.72 -16.14
N SER B 209 5.74 2.24 -16.75
CA SER B 209 5.69 1.20 -17.77
C SER B 209 5.45 -0.22 -17.26
N LEU B 210 5.59 -0.46 -15.96
CA LEU B 210 5.39 -1.78 -15.39
C LEU B 210 3.88 -1.99 -15.13
N GLN B 211 3.34 -3.00 -15.77
CA GLN B 211 1.89 -3.14 -15.83
C GLN B 211 1.27 -3.81 -14.60
N TYR B 212 1.96 -4.81 -14.04
CA TYR B 212 1.51 -5.50 -12.83
C TYR B 212 2.53 -5.21 -11.75
N PRO B 213 2.11 -4.82 -10.54
CA PRO B 213 3.08 -4.60 -9.45
C PRO B 213 3.70 -5.90 -8.99
N LYS B 214 5.01 -5.85 -8.76
CA LYS B 214 5.75 -7.03 -8.31
C LYS B 214 5.60 -7.14 -6.81
N THR B 215 5.54 -8.38 -6.32
CA THR B 215 5.49 -8.59 -4.88
C THR B 215 6.90 -8.97 -4.46
N VAL B 216 7.51 -8.08 -3.69
CA VAL B 216 8.77 -8.35 -2.99
C VAL B 216 8.48 -9.22 -1.76
N ARG B 217 9.35 -10.22 -1.58
CA ARG B 217 9.25 -11.18 -0.50
C ARG B 217 10.60 -11.34 0.16
N VAL B 218 10.62 -11.27 1.48
CA VAL B 218 11.84 -11.13 2.25
C VAL B 218 11.71 -12.01 3.49
N PRO B 219 12.57 -13.00 3.74
CA PRO B 219 12.63 -13.68 5.03
C PRO B 219 12.90 -12.67 6.16
N TYR B 220 11.95 -12.61 7.08
CA TYR B 220 11.91 -11.56 8.08
C TYR B 220 11.26 -12.17 9.30
N PRO B 221 11.99 -12.47 10.38
CA PRO B 221 11.40 -12.95 11.62
C PRO B 221 10.85 -11.78 12.44
N LYS B 222 9.51 -11.75 12.58
CA LYS B 222 8.86 -10.81 13.48
C LYS B 222 8.84 -11.36 14.90
N ALA B 223 8.54 -10.53 15.89
CA ALA B 223 8.64 -10.94 17.29
C ALA B 223 7.91 -12.24 17.61
N GLY B 224 8.69 -13.23 18.04
CA GLY B 224 8.11 -14.52 18.37
C GLY B 224 8.19 -15.57 17.28
N ALA B 225 8.32 -15.12 16.02
CA ALA B 225 8.33 -16.04 14.89
C ALA B 225 9.63 -16.80 14.81
N VAL B 226 9.61 -17.91 14.06
CA VAL B 226 10.84 -18.71 13.82
C VAL B 226 12.03 -17.90 13.28
N ASN B 227 13.14 -17.99 14.01
CA ASN B 227 14.38 -17.29 13.63
C ASN B 227 15.26 -18.11 12.70
N PRO B 228 16.20 -17.44 12.01
CA PRO B 228 17.25 -18.13 11.30
C PRO B 228 18.17 -18.84 12.28
N THR B 229 18.79 -19.91 11.81
CA THR B 229 19.81 -20.56 12.62
C THR B 229 21.18 -20.15 12.11
N VAL B 230 22.19 -20.64 12.81
CA VAL B 230 23.56 -20.25 12.53
C VAL B 230 24.48 -21.43 12.76
N LYS B 231 25.46 -21.56 11.87
CA LYS B 231 26.60 -22.46 12.05
C LYS B 231 27.87 -21.72 11.69
N PHE B 232 29.01 -22.10 12.30
CA PHE B 232 30.27 -21.37 12.10
C PHE B 232 31.39 -22.27 11.60
N PHE B 233 32.24 -21.76 10.71
CA PHE B 233 33.20 -22.57 9.97
C PHE B 233 34.53 -21.88 9.84
N VAL B 234 35.59 -22.67 9.63
CA VAL B 234 36.93 -22.15 9.36
C VAL B 234 37.61 -23.01 8.29
N VAL B 235 38.09 -22.36 7.23
CA VAL B 235 38.81 -23.02 6.14
C VAL B 235 40.27 -22.62 6.23
N ASN B 236 41.16 -23.58 6.04
CA ASN B 236 42.56 -23.28 5.83
C ASN B 236 42.78 -23.06 4.33
N THR B 237 42.95 -21.78 3.98
CA THR B 237 43.06 -21.37 2.58
C THR B 237 44.45 -21.61 1.96
N ASP B 238 45.43 -21.98 2.79
CA ASP B 238 46.70 -22.48 2.30
C ASP B 238 46.71 -24.00 2.06
N SER B 239 45.54 -24.64 1.97
CA SER B 239 45.47 -26.09 1.72
C SER B 239 44.29 -26.53 0.85
N LEU B 240 43.89 -25.63 -0.05
CA LEU B 240 42.75 -25.90 -0.93
C LEU B 240 43.21 -26.75 -2.11
N SER B 241 42.49 -27.86 -2.32
CA SER B 241 42.79 -28.76 -3.41
C SER B 241 42.23 -28.24 -4.74
N SER B 242 43.04 -28.47 -5.78
CA SER B 242 42.68 -28.08 -7.15
C SER B 242 41.85 -29.14 -7.89
N VAL B 243 41.51 -30.23 -7.20
CA VAL B 243 40.67 -31.30 -7.74
C VAL B 243 39.60 -31.81 -6.77
N THR B 244 39.65 -31.31 -5.52
CA THR B 244 38.66 -31.66 -4.48
C THR B 244 38.23 -30.42 -3.70
N ASN B 245 37.09 -30.55 -3.03
CA ASN B 245 36.50 -29.45 -2.27
C ASN B 245 37.32 -29.14 -1.03
N ALA B 246 37.11 -27.92 -0.52
CA ALA B 246 37.77 -27.50 0.70
C ALA B 246 37.06 -28.07 1.92
N THR B 247 37.85 -28.58 2.86
CA THR B 247 37.29 -29.01 4.14
C THR B 247 37.12 -27.79 5.02
N SER B 248 35.95 -27.70 5.65
CA SER B 248 35.60 -26.57 6.51
C SER B 248 35.28 -27.11 7.89
N ILE B 249 36.18 -26.92 8.85
CA ILE B 249 35.91 -27.41 10.20
C ILE B 249 34.90 -26.50 10.92
N GLN B 250 33.84 -27.11 11.46
CA GLN B 250 32.79 -26.36 12.14
C GLN B 250 33.10 -26.22 13.63
N ILE B 251 33.15 -24.98 14.11
CA ILE B 251 33.19 -24.74 15.55
C ILE B 251 31.76 -24.68 16.04
N THR B 252 31.51 -25.50 17.06
CA THR B 252 30.18 -25.68 17.64
C THR B 252 30.00 -24.67 18.77
N ALA B 253 28.77 -24.19 18.91
CA ALA B 253 28.44 -23.28 20.00
C ALA B 253 28.42 -24.03 21.33
N PRO B 254 28.62 -23.36 22.48
CA PRO B 254 28.49 -23.95 23.82
C PRO B 254 27.20 -24.72 24.04
N ALA B 255 27.22 -25.70 24.95
CA ALA B 255 25.98 -26.42 25.27
C ALA B 255 24.88 -25.54 25.82
N SER B 256 25.29 -24.55 26.62
CA SER B 256 24.43 -23.52 27.17
C SER B 256 23.81 -22.54 26.17
N MET B 257 24.23 -22.59 24.90
CA MET B 257 23.52 -21.89 23.83
C MET B 257 22.66 -22.84 23.01
N LEU B 258 23.10 -24.08 22.83
CA LEU B 258 22.34 -25.03 22.03
C LEU B 258 21.06 -25.55 22.68
N ILE B 259 20.87 -25.31 23.98
CA ILE B 259 19.63 -25.72 24.67
C ILE B 259 18.32 -25.12 24.12
N GLY B 260 18.39 -23.91 23.59
CA GLY B 260 17.28 -23.30 22.88
C GLY B 260 17.81 -22.47 21.73
N ASP B 261 16.99 -21.53 21.26
CA ASP B 261 17.45 -20.55 20.27
C ASP B 261 18.54 -19.58 20.79
N HIS B 262 19.35 -19.13 19.83
CA HIS B 262 20.52 -18.32 20.09
C HIS B 262 20.98 -17.60 18.83
N TYR B 263 21.98 -16.74 18.99
CA TYR B 263 22.60 -15.97 17.92
C TYR B 263 24.10 -16.03 18.10
N LEU B 264 24.78 -15.81 17.00
CA LEU B 264 26.21 -15.54 17.00
C LEU B 264 26.36 -14.02 16.85
N CYS B 265 26.86 -13.32 17.87
CA CYS B 265 26.85 -11.84 17.86
C CYS B 265 28.19 -11.12 17.66
N ASP B 266 29.34 -11.80 17.84
CA ASP B 266 30.65 -11.18 17.55
C ASP B 266 31.66 -12.23 17.07
N VAL B 267 32.48 -11.85 16.10
CA VAL B 267 33.63 -12.67 15.71
C VAL B 267 34.87 -11.79 15.71
N THR B 268 35.84 -12.16 16.53
CA THR B 268 37.09 -11.41 16.61
C THR B 268 38.25 -12.39 16.58
N TRP B 269 39.13 -12.23 15.61
CA TRP B 269 40.37 -13.00 15.63
C TRP B 269 41.38 -12.42 16.62
N ALA B 270 41.88 -13.29 17.48
CA ALA B 270 42.79 -12.89 18.55
C ALA B 270 44.24 -13.11 18.17
N THR B 271 44.51 -14.21 17.46
CA THR B 271 45.87 -14.62 17.13
C THR B 271 45.83 -15.38 15.79
N GLN B 272 46.99 -15.80 15.27
CA GLN B 272 46.97 -16.61 14.04
C GLN B 272 46.28 -17.96 14.12
N GLU B 273 46.18 -18.45 15.35
CA GLU B 273 45.59 -19.74 15.66
C GLU B 273 44.60 -19.63 16.80
N ARG B 274 44.01 -18.45 16.98
CA ARG B 274 43.04 -18.24 18.04
C ARG B 274 41.89 -17.40 17.50
N ILE B 275 40.67 -17.94 17.64
CA ILE B 275 39.41 -17.24 17.32
C ILE B 275 38.68 -17.03 18.62
N SER B 276 38.10 -15.85 18.76
CA SER B 276 37.12 -15.53 19.77
C SER B 276 35.75 -15.50 19.09
N LEU B 277 34.81 -16.25 19.66
CA LEU B 277 33.41 -16.26 19.21
C LEU B 277 32.50 -15.91 20.36
N GLN B 278 31.45 -15.15 20.07
CA GLN B 278 30.59 -14.65 21.12
C GLN B 278 29.15 -14.92 20.76
N TRP B 279 28.43 -15.63 21.63
CA TRP B 279 27.06 -16.08 21.39
C TRP B 279 26.14 -15.38 22.36
N LEU B 280 24.86 -15.33 22.00
CA LEU B 280 23.81 -14.63 22.76
C LEU B 280 22.55 -15.45 22.69
N ARG B 281 21.96 -15.79 23.83
CA ARG B 281 20.65 -16.48 23.83
C ARG B 281 19.53 -15.60 23.29
N ARG B 282 18.44 -16.24 22.84
CA ARG B 282 17.31 -15.52 22.26
C ARG B 282 16.64 -14.55 23.22
N ILE B 283 16.68 -14.91 24.51
CA ILE B 283 16.50 -13.92 25.56
C ILE B 283 17.90 -13.40 25.92
N GLN B 284 18.10 -12.13 25.60
CA GLN B 284 19.42 -11.56 25.39
C GLN B 284 19.93 -10.88 26.66
N ASN B 285 19.93 -11.65 27.73
CA ASN B 285 20.52 -11.31 29.02
C ASN B 285 21.56 -12.34 29.46
N TYR B 286 21.99 -13.18 28.49
CA TYR B 286 22.98 -14.23 28.71
C TYR B 286 23.80 -14.43 27.45
N SER B 287 25.11 -14.28 27.60
CA SER B 287 26.06 -14.42 26.52
C SER B 287 27.33 -15.13 26.97
N VAL B 288 27.95 -15.83 26.03
CA VAL B 288 29.13 -16.66 26.29
C VAL B 288 30.12 -16.37 25.21
N MET B 289 31.33 -16.03 25.62
CA MET B 289 32.47 -16.01 24.73
C MET B 289 33.19 -17.35 24.85
N ASP B 290 33.32 -18.04 23.72
CA ASP B 290 34.28 -19.14 23.56
C ASP B 290 35.58 -18.61 22.98
N ILE B 291 36.68 -19.28 23.36
CA ILE B 291 37.98 -18.97 22.79
C ILE B 291 38.65 -20.26 22.32
N CYS B 292 38.78 -20.33 20.99
CA CYS B 292 39.04 -21.58 20.31
C CYS B 292 40.41 -21.55 19.66
N ASP B 293 41.25 -22.52 20.05
CA ASP B 293 42.59 -22.66 19.47
C ASP B 293 42.60 -23.77 18.42
N TYR B 294 43.41 -23.55 17.39
CA TYR B 294 43.74 -24.57 16.40
C TYR B 294 44.73 -25.58 16.96
N ASP B 295 44.81 -26.73 16.31
CA ASP B 295 46.02 -27.54 16.39
C ASP B 295 46.41 -28.02 15.02
N GLU B 296 47.73 -28.08 14.78
CA GLU B 296 48.24 -28.76 13.60
C GLU B 296 48.18 -30.29 13.75
N SER B 297 47.90 -30.77 14.96
CA SER B 297 47.76 -32.19 15.26
C SER B 297 46.61 -32.89 14.54
N SER B 298 45.54 -32.15 14.27
CA SER B 298 44.39 -32.71 13.57
C SER B 298 43.72 -31.73 12.61
N GLY B 299 43.83 -30.44 12.90
CA GLY B 299 43.09 -29.46 12.13
C GLY B 299 41.79 -29.05 12.78
N ARG B 300 41.49 -29.64 13.95
CA ARG B 300 40.33 -29.30 14.72
C ARG B 300 40.52 -27.97 15.42
N TRP B 301 39.40 -27.33 15.74
CA TRP B 301 39.42 -26.15 16.60
C TRP B 301 38.74 -26.49 17.93
N ASN B 302 39.55 -26.56 18.99
CA ASN B 302 39.03 -26.91 20.32
C ASN B 302 38.86 -25.66 21.17
N CYS B 303 37.65 -25.49 21.71
CA CYS B 303 37.35 -24.36 22.59
C CYS B 303 37.27 -24.88 24.02
N LEU B 304 38.13 -24.32 24.86
CA LEU B 304 38.24 -24.74 26.25
C LEU B 304 37.19 -24.02 27.08
N VAL B 305 36.50 -24.79 27.94
CA VAL B 305 35.54 -24.19 28.87
C VAL B 305 36.22 -23.51 30.05
N ALA B 306 37.44 -23.92 30.35
CA ALA B 306 38.33 -23.16 31.21
C ALA B 306 38.94 -21.92 30.52
N ARG B 307 38.28 -21.45 29.46
CA ARG B 307 38.57 -20.20 28.76
C ARG B 307 37.31 -19.42 28.41
N GLN B 308 36.15 -19.93 28.80
CA GLN B 308 34.88 -19.27 28.54
C GLN B 308 34.65 -18.11 29.49
N HIS B 309 34.02 -17.07 28.97
CA HIS B 309 33.61 -15.93 29.80
C HIS B 309 32.15 -15.63 29.59
N ILE B 310 31.44 -15.56 30.72
CA ILE B 310 30.01 -15.31 30.68
C ILE B 310 29.79 -13.83 31.00
N GLU B 311 28.90 -13.22 30.22
CA GLU B 311 28.45 -11.87 30.44
C GLU B 311 26.94 -11.91 30.51
N MET B 312 26.43 -11.57 31.70
CA MET B 312 24.98 -11.60 31.97
C MET B 312 24.45 -10.18 32.08
N SER B 313 23.13 -10.10 32.21
CA SER B 313 22.51 -8.89 32.68
C SER B 313 21.40 -9.25 33.64
N THR B 314 21.45 -8.60 34.78
CA THR B 314 20.51 -8.85 35.86
C THR B 314 19.27 -7.99 35.71
N THR B 315 19.41 -6.86 35.00
CA THR B 315 18.38 -5.82 34.97
C THR B 315 17.88 -5.46 33.59
N GLY B 316 18.67 -5.78 32.58
CA GLY B 316 18.20 -5.65 31.21
C GLY B 316 18.84 -6.67 30.34
N TRP B 317 19.46 -6.15 29.30
CA TRP B 317 20.04 -6.94 28.23
C TRP B 317 21.54 -6.75 28.21
N VAL B 318 22.23 -7.68 27.54
CA VAL B 318 23.68 -7.54 27.41
C VAL B 318 24.00 -6.58 26.28
N GLY B 319 24.86 -5.61 26.59
CA GLY B 319 25.35 -4.68 25.58
C GLY B 319 24.54 -3.42 25.50
N ARG B 320 25.05 -2.45 24.73
CA ARG B 320 24.19 -1.35 24.30
C ARG B 320 23.19 -1.76 23.21
N PHE B 321 23.70 -2.43 22.18
CA PHE B 321 22.83 -3.11 21.20
C PHE B 321 23.21 -4.57 21.12
N ARG B 322 24.44 -4.89 21.52
CA ARG B 322 24.95 -6.26 21.53
C ARG B 322 26.15 -6.33 22.46
N PRO B 323 26.51 -7.51 23.00
CA PRO B 323 27.77 -7.70 23.73
C PRO B 323 28.99 -7.16 23.02
N SER B 324 29.85 -6.44 23.75
CA SER B 324 30.91 -5.63 23.13
C SER B 324 32.03 -6.44 22.50
N GLU B 325 32.81 -5.78 21.66
CA GLU B 325 33.90 -6.43 20.95
C GLU B 325 35.13 -6.54 21.84
N PRO B 326 35.82 -7.68 21.84
CA PRO B 326 37.06 -7.82 22.60
C PRO B 326 38.24 -7.21 21.85
N HIS B 327 39.21 -6.82 22.66
CA HIS B 327 40.41 -6.19 22.18
C HIS B 327 41.60 -6.94 22.74
N PHE B 328 42.03 -7.94 21.96
CA PHE B 328 43.15 -8.79 22.35
C PHE B 328 44.45 -8.01 22.31
N THR B 329 45.30 -8.30 23.30
CA THR B 329 46.72 -7.98 23.23
C THR B 329 47.39 -8.89 22.20
N LEU B 330 48.54 -8.43 21.71
CA LEU B 330 49.23 -9.04 20.59
C LEU B 330 49.50 -10.54 20.68
N ASP B 331 49.81 -10.99 21.89
CA ASP B 331 50.12 -12.39 22.20
C ASP B 331 48.89 -13.27 22.32
N GLY B 332 47.74 -12.64 22.55
CA GLY B 332 46.47 -13.33 22.42
C GLY B 332 45.92 -13.85 23.72
N ASN B 333 46.69 -13.69 24.81
CA ASN B 333 46.36 -14.31 26.09
C ASN B 333 45.52 -13.44 27.01
N SER B 334 45.30 -12.19 26.61
CA SER B 334 44.51 -11.25 27.40
C SER B 334 43.78 -10.28 26.49
N PHE B 335 42.73 -9.66 27.03
CA PHE B 335 41.87 -8.80 26.24
C PHE B 335 41.14 -7.77 27.08
N TYR B 336 40.79 -6.66 26.45
CA TYR B 336 40.01 -5.60 27.08
C TYR B 336 38.62 -5.55 26.44
N LYS B 337 37.55 -5.42 27.24
CA LYS B 337 36.23 -5.17 26.66
C LYS B 337 35.37 -4.32 27.57
N ILE B 338 34.43 -3.59 26.95
CA ILE B 338 33.51 -2.71 27.69
C ILE B 338 32.38 -3.52 28.30
N ILE B 339 32.36 -3.54 29.63
CA ILE B 339 31.39 -4.27 30.44
C ILE B 339 30.70 -3.26 31.34
N SER B 340 29.44 -3.55 31.69
CA SER B 340 28.79 -2.75 32.73
C SER B 340 29.32 -3.12 34.11
N ASN B 341 29.79 -2.11 34.86
CA ASN B 341 30.29 -2.34 36.22
C ASN B 341 29.18 -2.57 37.22
N GLU B 342 29.53 -2.75 38.49
CA GLU B 342 28.54 -2.87 39.57
C GLU B 342 27.57 -1.71 39.69
N GLU B 343 28.06 -0.50 39.47
CA GLU B 343 27.24 0.70 39.57
C GLU B 343 26.35 0.95 38.34
N GLY B 344 26.44 0.11 37.31
CA GLY B 344 25.61 0.24 36.12
C GLY B 344 26.26 0.96 34.94
N TYR B 345 27.42 1.57 35.17
CA TYR B 345 28.13 2.36 34.16
C TYR B 345 29.12 1.50 33.39
N ARG B 346 29.25 1.78 32.10
CA ARG B 346 30.07 0.94 31.23
C ARG B 346 31.52 1.41 31.20
N HIS B 347 32.43 0.47 31.47
CA HIS B 347 33.88 0.73 31.61
C HIS B 347 34.72 -0.40 31.03
N ILE B 348 36.01 -0.11 30.87
CA ILE B 348 36.93 -1.08 30.26
C ILE B 348 37.35 -2.09 31.32
N CYS B 349 37.22 -3.38 31.00
CA CYS B 349 37.60 -4.46 31.91
C CYS B 349 38.69 -5.28 31.23
N TYR B 350 39.79 -5.52 31.94
CA TYR B 350 40.90 -6.35 31.48
C TYR B 350 40.65 -7.79 31.92
N PHE B 351 40.54 -8.65 30.92
CA PHE B 351 40.34 -10.07 31.07
C PHE B 351 41.62 -10.80 30.76
N GLN B 352 41.88 -11.84 31.51
CA GLN B 352 42.94 -12.79 31.17
C GLN B 352 42.27 -14.11 30.86
N ILE B 353 42.77 -14.79 29.82
CA ILE B 353 42.07 -15.95 29.26
C ILE B 353 41.65 -17.06 30.22
N ASP B 354 42.62 -17.64 30.94
CA ASP B 354 42.29 -18.76 31.83
C ASP B 354 41.57 -18.34 33.11
N LYS B 355 41.61 -17.05 33.43
CA LYS B 355 40.99 -16.50 34.64
C LYS B 355 39.52 -16.19 34.42
N LYS B 356 38.77 -16.26 35.52
CA LYS B 356 37.32 -16.10 35.46
C LYS B 356 36.90 -14.64 35.51
N ASP B 357 37.44 -13.92 36.48
CA ASP B 357 37.07 -12.53 36.71
C ASP B 357 37.85 -11.58 35.81
N CYS B 358 37.38 -10.34 35.80
CA CYS B 358 38.09 -9.26 35.13
C CYS B 358 38.40 -8.16 36.13
N THR B 359 39.21 -7.22 35.65
CA THR B 359 39.67 -6.11 36.45
C THR B 359 39.31 -4.84 35.72
N PHE B 360 38.57 -3.94 36.39
CA PHE B 360 38.27 -2.65 35.77
C PHE B 360 39.46 -1.71 35.76
N ILE B 361 39.63 -1.11 34.58
CA ILE B 361 40.70 -0.21 34.20
C ILE B 361 40.25 1.24 34.27
N THR B 362 38.94 1.45 34.20
CA THR B 362 38.31 2.75 34.33
C THR B 362 37.11 2.60 35.25
N LYS B 363 36.68 3.72 35.81
CA LYS B 363 35.49 3.80 36.63
C LYS B 363 34.97 5.23 36.62
N GLY B 364 33.78 5.41 37.20
CA GLY B 364 33.21 6.74 37.32
C GLY B 364 31.80 6.86 36.86
N THR B 365 31.40 8.13 36.73
CA THR B 365 30.00 8.53 36.56
C THR B 365 29.80 9.01 35.13
N TRP B 366 30.25 8.14 34.24
CA TRP B 366 30.34 8.39 32.82
C TRP B 366 30.50 7.03 32.14
N GLU B 367 30.56 7.00 30.81
CA GLU B 367 30.76 5.74 30.11
C GLU B 367 31.82 5.81 29.02
N VAL B 368 32.52 4.68 28.87
CA VAL B 368 33.37 4.46 27.69
C VAL B 368 32.47 4.13 26.51
N ILE B 369 32.71 4.82 25.40
CA ILE B 369 31.92 4.62 24.20
C ILE B 369 32.55 3.50 23.36
N GLY B 370 33.84 3.61 23.05
CA GLY B 370 34.54 2.55 22.34
C GLY B 370 36.01 2.49 22.72
N ILE B 371 36.56 1.28 22.64
CA ILE B 371 38.02 1.10 22.65
C ILE B 371 38.51 1.22 21.21
N GLU B 372 39.45 2.13 20.98
CA GLU B 372 39.79 2.54 19.62
C GLU B 372 41.17 2.06 19.15
N ALA B 373 42.09 1.79 20.08
CA ALA B 373 43.41 1.27 19.74
C ALA B 373 44.05 0.64 20.96
N LEU B 374 44.98 -0.27 20.72
CA LEU B 374 45.69 -0.94 21.79
C LEU B 374 47.11 -1.18 21.35
N THR B 375 48.04 -0.42 21.94
CA THR B 375 49.47 -0.68 21.80
C THR B 375 49.96 -1.44 23.03
N SER B 376 51.26 -1.56 23.11
CA SER B 376 51.91 -2.18 24.25
C SER B 376 51.93 -1.30 25.51
N ASP B 377 51.80 0.01 25.33
CA ASP B 377 51.90 0.94 26.45
C ASP B 377 50.59 1.60 26.80
N TYR B 378 49.75 1.78 25.78
CA TYR B 378 48.53 2.54 25.91
C TYR B 378 47.37 1.79 25.27
N LEU B 379 46.21 1.91 25.92
CA LEU B 379 44.94 1.63 25.28
C LEU B 379 44.23 2.97 25.12
N TYR B 380 43.83 3.21 23.88
CA TYR B 380 43.17 4.45 23.50
C TYR B 380 41.66 4.19 23.44
N TYR B 381 40.89 5.13 24.00
CA TYR B 381 39.44 4.99 24.14
C TYR B 381 38.73 6.32 23.95
N ILE B 382 37.49 6.30 23.43
CA ILE B 382 36.65 7.52 23.45
C ILE B 382 35.68 7.47 24.63
N SER B 383 35.52 8.60 25.33
CA SER B 383 34.51 8.72 26.41
C SER B 383 33.82 10.06 26.51
N ASN B 384 32.77 10.08 27.32
CA ASN B 384 32.02 11.32 27.64
C ASN B 384 32.33 11.94 29.02
N GLU B 385 33.44 11.52 29.63
CA GLU B 385 33.88 12.01 30.93
C GLU B 385 33.97 13.52 31.14
N TYR B 386 34.53 14.20 30.14
CA TYR B 386 34.79 15.64 30.16
C TYR B 386 33.60 16.51 30.49
N LYS B 387 33.74 17.29 31.56
CA LYS B 387 32.76 18.28 32.00
C LYS B 387 31.46 17.69 32.55
N GLY B 388 31.35 16.37 32.63
CA GLY B 388 30.10 15.76 33.06
C GLY B 388 29.02 15.65 31.99
N MET B 389 29.35 15.99 30.74
CA MET B 389 28.38 16.10 29.67
C MET B 389 28.24 14.74 28.98
N PRO B 390 27.10 14.07 29.05
CA PRO B 390 26.97 12.73 28.51
C PRO B 390 26.89 12.66 26.99
N GLY B 391 26.71 13.81 26.36
CA GLY B 391 26.68 13.91 24.91
C GLY B 391 27.84 14.70 24.33
N GLY B 392 28.96 14.72 25.06
CA GLY B 392 30.23 15.11 24.47
C GLY B 392 31.11 13.89 24.31
N ARG B 393 32.14 14.03 23.48
CA ARG B 393 33.03 12.92 23.14
C ARG B 393 34.46 13.42 23.08
N ASN B 394 35.39 12.65 23.64
CA ASN B 394 36.82 13.00 23.65
C ASN B 394 37.65 11.73 23.65
N LEU B 395 38.88 11.86 23.16
CA LEU B 395 39.85 10.76 23.12
C LEU B 395 40.67 10.74 24.38
N TYR B 396 40.92 9.54 24.87
CA TYR B 396 41.75 9.31 26.05
C TYR B 396 42.77 8.24 25.77
N LYS B 397 43.80 8.23 26.62
CA LYS B 397 44.77 7.14 26.65
C LYS B 397 45.09 6.77 28.09
N ILE B 398 45.32 5.48 28.27
CA ILE B 398 45.29 4.82 29.57
C ILE B 398 46.55 4.00 29.60
N GLN B 399 47.48 4.42 30.44
CA GLN B 399 48.76 3.76 30.54
C GLN B 399 48.60 2.40 31.21
N LEU B 400 49.04 1.35 30.52
CA LEU B 400 48.71 0.00 31.00
C LEU B 400 49.53 -0.44 32.20
N SER B 401 50.70 0.19 32.37
CA SER B 401 51.49 0.00 33.57
C SER B 401 50.97 0.78 34.78
N ASP B 402 50.08 1.74 34.58
CA ASP B 402 49.57 2.53 35.69
C ASP B 402 48.23 3.08 35.32
N TYR B 403 47.16 2.42 35.77
CA TYR B 403 45.81 2.78 35.31
C TYR B 403 45.30 4.14 35.79
N THR B 404 46.02 4.79 36.71
CA THR B 404 45.64 6.14 37.12
C THR B 404 46.23 7.22 36.20
N LYS B 405 47.18 6.83 35.33
CA LYS B 405 47.80 7.78 34.42
C LYS B 405 47.02 7.84 33.12
N VAL B 406 45.82 8.44 33.27
CA VAL B 406 44.92 8.71 32.16
C VAL B 406 45.12 10.15 31.73
N THR B 407 44.97 10.37 30.44
CA THR B 407 45.33 11.63 29.82
C THR B 407 44.44 11.84 28.60
N CYS B 408 43.81 13.01 28.56
CA CYS B 408 42.84 13.33 27.52
C CYS B 408 43.57 13.98 26.37
N LEU B 409 43.47 13.35 25.20
CA LEU B 409 44.27 13.80 24.07
C LEU B 409 43.60 14.87 23.23
N SER B 410 42.35 15.20 23.56
CA SER B 410 41.52 16.02 22.68
C SER B 410 40.70 17.10 23.37
N CYS B 411 40.45 16.91 24.67
CA CYS B 411 39.72 17.85 25.53
C CYS B 411 40.08 19.32 25.38
N GLU B 412 41.38 19.59 25.42
CA GLU B 412 41.84 20.97 25.51
C GLU B 412 42.32 21.54 24.18
N LEU B 413 42.22 20.79 23.09
CA LEU B 413 42.69 21.26 21.79
C LEU B 413 42.03 22.53 21.31
N ASN B 414 40.71 22.57 21.39
CA ASN B 414 39.95 23.72 20.94
C ASN B 414 38.65 23.73 21.73
N PRO B 415 38.67 24.01 23.04
CA PRO B 415 37.62 23.58 23.97
C PRO B 415 36.24 24.19 23.82
N GLU B 416 36.20 25.37 23.21
CA GLU B 416 34.94 26.02 22.90
C GLU B 416 34.36 25.47 21.61
N ARG B 417 35.23 25.25 20.62
CA ARG B 417 34.78 24.78 19.31
C ARG B 417 34.51 23.28 19.26
N CYS B 418 35.23 22.53 20.08
CA CYS B 418 35.38 21.10 19.89
C CYS B 418 35.14 20.34 21.17
N GLN B 419 33.94 19.72 21.21
CA GLN B 419 33.51 18.90 22.32
C GLN B 419 32.99 17.54 21.89
N TYR B 420 33.09 17.20 20.60
CA TYR B 420 32.60 15.92 20.10
C TYR B 420 33.59 15.33 19.11
N TYR B 421 34.36 14.34 19.55
CA TYR B 421 35.42 13.78 18.75
C TYR B 421 35.15 12.34 18.39
N SER B 422 35.80 11.96 17.31
CA SER B 422 36.07 10.57 16.97
C SER B 422 37.49 10.49 16.43
N VAL B 423 37.94 9.25 16.22
CA VAL B 423 39.34 9.04 15.95
C VAL B 423 39.50 7.90 14.98
N SER B 424 40.49 8.05 14.10
CA SER B 424 40.93 6.98 13.23
C SER B 424 42.44 6.84 13.36
N PHE B 425 42.88 5.69 13.84
CA PHE B 425 44.32 5.44 13.99
C PHE B 425 44.88 4.71 12.78
N SER B 426 46.15 5.00 12.48
CA SER B 426 46.96 4.21 11.55
C SER B 426 47.25 2.80 12.04
N LYS B 427 47.85 2.00 11.17
CA LYS B 427 48.18 0.62 11.53
C LYS B 427 49.29 0.60 12.57
N GLU B 428 49.05 -0.15 13.64
CA GLU B 428 49.99 -0.13 14.77
C GLU B 428 49.90 1.10 15.67
N ALA B 429 48.99 2.02 15.34
CA ALA B 429 48.64 3.19 16.16
C ALA B 429 49.76 4.19 16.33
N LYS B 430 50.43 4.46 15.22
CA LYS B 430 51.57 5.36 15.18
C LYS B 430 51.12 6.80 14.90
N TYR B 431 49.99 6.96 14.21
CA TYR B 431 49.39 8.26 13.93
C TYR B 431 47.91 8.19 14.20
N TYR B 432 47.29 9.34 14.43
CA TYR B 432 45.84 9.41 14.56
C TYR B 432 45.25 10.66 13.96
N GLN B 433 44.14 10.46 13.26
CA GLN B 433 43.31 11.57 12.86
C GLN B 433 42.27 11.82 13.94
N LEU B 434 42.20 13.05 14.45
CA LEU B 434 41.05 13.46 15.25
C LEU B 434 40.06 14.17 14.35
N ARG B 435 38.80 14.06 14.76
CA ARG B 435 37.66 14.36 13.92
C ARG B 435 36.60 15.01 14.81
N CYS B 436 36.74 16.33 15.00
CA CYS B 436 35.78 17.13 15.75
C CYS B 436 34.53 17.36 14.94
N SER B 437 33.40 17.27 15.62
CA SER B 437 32.09 17.25 14.99
C SER B 437 31.19 18.38 15.45
N GLY B 438 31.70 19.25 16.33
CA GLY B 438 30.91 20.30 16.97
C GLY B 438 31.32 20.59 18.41
N PRO B 439 30.79 21.67 19.02
CA PRO B 439 29.64 22.45 18.55
C PRO B 439 29.91 23.56 17.55
N GLY B 440 31.17 23.77 17.20
CA GLY B 440 31.46 24.70 16.11
C GLY B 440 31.59 23.95 14.81
N LEU B 441 32.11 24.60 13.78
CA LEU B 441 32.27 23.86 12.54
C LEU B 441 33.28 22.72 12.70
N PRO B 442 33.00 21.50 12.18
CA PRO B 442 33.95 20.38 12.15
C PRO B 442 35.39 20.72 11.79
N LEU B 443 36.33 20.10 12.49
CA LEU B 443 37.75 20.45 12.43
C LEU B 443 38.54 19.15 12.40
N TYR B 444 39.34 18.97 11.38
CA TYR B 444 40.06 17.73 11.16
C TYR B 444 41.55 18.00 11.26
N THR B 445 42.20 17.13 12.03
CA THR B 445 43.59 17.29 12.42
C THR B 445 44.27 15.93 12.42
N LEU B 446 45.58 15.94 12.16
CA LEU B 446 46.39 14.74 12.23
C LEU B 446 47.39 14.91 13.37
N HIS B 447 47.73 13.79 14.00
CA HIS B 447 48.59 13.75 15.17
C HIS B 447 49.51 12.54 15.14
N SER B 448 50.65 12.68 15.82
CA SER B 448 51.58 11.57 16.06
C SER B 448 51.34 10.97 17.44
N SER B 449 51.37 9.65 17.52
CA SER B 449 51.11 8.96 18.79
C SER B 449 52.28 8.92 19.75
N VAL B 450 53.53 9.00 19.23
CA VAL B 450 54.73 8.87 20.08
C VAL B 450 54.85 9.94 21.16
N ASN B 451 54.16 11.06 20.92
CA ASN B 451 54.34 12.30 21.66
C ASN B 451 53.07 13.06 21.87
N ASP B 452 52.06 12.78 21.03
CA ASP B 452 50.76 13.47 21.03
C ASP B 452 50.83 14.87 20.44
N LYS B 453 51.86 15.07 19.62
CA LYS B 453 52.08 16.33 18.93
C LYS B 453 51.11 16.45 17.77
N GLY B 454 50.53 17.64 17.62
CA GLY B 454 49.71 17.89 16.43
C GLY B 454 50.59 18.17 15.23
N LEU B 455 50.26 17.52 14.13
CA LEU B 455 51.08 17.61 12.93
C LEU B 455 50.53 18.69 12.02
N ARG B 456 49.23 18.61 11.74
CA ARG B 456 48.59 19.61 10.90
C ARG B 456 47.09 19.60 11.06
N VAL B 457 46.52 20.63 10.45
CA VAL B 457 45.09 20.73 10.20
C VAL B 457 44.88 20.23 8.77
N LEU B 458 43.91 19.35 8.65
CA LEU B 458 43.59 18.67 7.40
C LEU B 458 42.41 19.35 6.71
N GLU B 459 41.43 19.78 7.51
CA GLU B 459 40.25 20.48 7.01
C GLU B 459 39.69 21.28 8.18
N ASP B 460 39.29 22.51 7.93
CA ASP B 460 38.79 23.37 9.01
C ASP B 460 37.46 24.04 8.71
N ASN B 461 36.94 23.89 7.49
CA ASN B 461 35.65 24.46 7.15
C ASN B 461 35.62 25.98 7.12
N SER B 462 36.77 26.51 6.72
CA SER B 462 36.95 27.94 6.54
C SER B 462 35.97 28.54 5.53
N ALA B 463 35.79 27.87 4.38
CA ALA B 463 34.89 28.37 3.35
C ALA B 463 33.43 28.40 3.73
N LEU B 464 33.02 27.44 4.57
CA LEU B 464 31.67 27.42 5.11
C LEU B 464 31.47 28.55 6.13
N ASP B 465 32.49 28.84 6.94
CA ASP B 465 32.42 29.93 7.92
C ASP B 465 32.25 31.30 7.27
N LYS B 466 32.93 31.53 6.13
CA LYS B 466 32.76 32.76 5.36
C LYS B 466 31.36 32.90 4.79
N MET B 467 30.79 31.78 4.35
CA MET B 467 29.43 31.75 3.82
C MET B 467 28.35 32.03 4.86
N LEU B 468 28.60 31.59 6.10
CA LEU B 468 27.61 31.72 7.16
C LEU B 468 27.62 33.07 7.88
N GLN B 469 28.65 33.91 7.65
CA GLN B 469 28.64 35.26 8.22
C GLN B 469 27.54 36.17 7.65
N ASN B 470 27.12 35.90 6.42
CA ASN B 470 25.97 36.57 5.83
C ASN B 470 24.61 35.90 6.08
N VAL B 471 24.53 34.88 6.95
CA VAL B 471 23.25 34.20 7.22
C VAL B 471 22.95 34.21 8.72
N GLN B 472 21.69 34.51 9.04
CA GLN B 472 21.24 34.61 10.41
C GLN B 472 21.03 33.23 11.01
N MET B 473 22.10 32.69 11.61
CA MET B 473 22.04 31.32 12.10
C MET B 473 21.39 31.22 13.48
N PRO B 474 20.72 30.10 13.79
CA PRO B 474 20.23 29.81 15.13
C PRO B 474 21.34 29.33 16.06
N SER B 475 21.21 29.68 17.33
CA SER B 475 22.12 29.15 18.36
C SER B 475 21.59 27.84 18.95
N LYS B 476 22.40 27.21 19.80
CA LYS B 476 22.09 25.90 20.36
C LYS B 476 22.40 25.87 21.85
N LYS B 477 21.37 25.63 22.65
CA LYS B 477 21.52 25.42 24.07
C LYS B 477 21.57 23.92 24.31
N LEU B 478 22.44 23.49 25.20
CA LEU B 478 22.54 22.10 25.61
C LEU B 478 22.68 22.09 27.11
N ASP B 479 21.66 21.60 27.80
CA ASP B 479 21.56 21.74 29.24
C ASP B 479 20.73 20.60 29.82
N PHE B 480 20.22 20.76 31.04
CA PHE B 480 19.50 19.68 31.71
C PHE B 480 18.39 20.17 32.66
N ILE B 481 17.38 19.32 32.80
CA ILE B 481 16.41 19.40 33.90
C ILE B 481 16.73 18.32 34.91
N ILE B 482 16.07 18.39 36.07
CA ILE B 482 16.28 17.43 37.16
C ILE B 482 14.93 16.82 37.51
N LEU B 483 14.69 15.60 37.02
CA LEU B 483 13.49 14.86 37.41
C LEU B 483 13.93 13.76 38.36
N ASN B 484 13.28 13.69 39.52
CA ASN B 484 13.52 12.63 40.52
C ASN B 484 14.98 12.55 40.99
N GLU B 485 15.64 13.72 41.08
CA GLU B 485 17.05 13.80 41.50
C GLU B 485 18.12 13.49 40.43
N THR B 486 17.68 13.11 39.24
CA THR B 486 18.57 12.68 38.17
C THR B 486 18.61 13.77 37.13
N LYS B 487 19.78 13.97 36.50
CA LYS B 487 19.88 14.90 35.39
C LYS B 487 19.47 14.22 34.09
N PHE B 488 18.59 14.88 33.37
CA PHE B 488 18.16 14.43 32.05
C PHE B 488 18.41 15.56 31.08
N TRP B 489 19.09 15.26 29.98
CA TRP B 489 19.61 16.34 29.13
C TRP B 489 18.69 16.65 27.98
N TYR B 490 18.83 17.88 27.51
CA TYR B 490 18.04 18.42 26.43
C TYR B 490 18.87 19.33 25.57
N GLN B 491 18.38 19.55 24.37
CA GLN B 491 18.93 20.59 23.52
C GLN B 491 17.81 21.44 22.96
N MET B 492 18.13 22.72 22.73
CA MET B 492 17.22 23.63 22.05
C MET B 492 17.94 24.32 20.93
N ILE B 493 17.42 24.18 19.72
CA ILE B 493 17.86 24.98 18.58
C ILE B 493 16.99 26.22 18.56
N LEU B 494 17.60 27.32 19.00
CA LEU B 494 16.89 28.57 19.26
C LEU B 494 17.00 29.47 18.03
N PRO B 495 15.94 30.15 17.58
CA PRO B 495 15.98 31.10 16.46
C PRO B 495 17.04 32.21 16.53
N PRO B 496 17.39 32.84 15.40
CA PRO B 496 18.31 33.97 15.39
C PRO B 496 17.66 35.19 16.02
N HIS B 497 18.45 35.88 16.84
CA HIS B 497 17.97 37.06 17.56
C HIS B 497 16.96 36.73 18.64
N PHE B 498 17.06 35.52 19.19
CA PHE B 498 16.14 34.98 20.19
C PHE B 498 16.05 35.81 21.47
N ASP B 499 14.84 35.95 22.01
CA ASP B 499 14.64 36.72 23.24
C ASP B 499 13.73 36.02 24.24
N LYS B 500 13.94 36.37 25.50
CA LYS B 500 13.22 35.79 26.61
C LYS B 500 11.77 36.21 26.72
N SER B 501 11.41 37.32 26.07
CA SER B 501 10.10 37.92 26.32
C SER B 501 8.98 37.39 25.43
N LYS B 502 9.29 37.04 24.17
CA LYS B 502 8.28 36.51 23.27
C LYS B 502 7.96 35.05 23.57
N LYS B 503 6.76 34.64 23.14
CA LYS B 503 6.29 33.28 23.33
C LYS B 503 6.40 32.53 22.01
N TYR B 504 7.45 31.71 21.93
CA TYR B 504 7.83 31.03 20.70
C TYR B 504 7.15 29.66 20.57
N PRO B 505 6.72 29.25 19.37
CA PRO B 505 6.20 27.90 19.17
C PRO B 505 7.32 26.87 19.21
N LEU B 506 7.01 25.71 19.78
CA LEU B 506 8.03 24.72 20.09
C LEU B 506 7.72 23.40 19.42
N LEU B 507 8.60 22.97 18.52
CA LEU B 507 8.60 21.60 18.03
C LEU B 507 9.42 20.75 18.99
N LEU B 508 9.05 19.48 19.12
CA LEU B 508 9.81 18.52 19.92
C LEU B 508 10.19 17.35 19.04
N ASP B 509 11.38 17.44 18.47
CA ASP B 509 12.05 16.34 17.77
C ASP B 509 12.27 15.15 18.69
N VAL B 510 12.00 13.95 18.16
CA VAL B 510 12.06 12.74 18.99
C VAL B 510 12.64 11.55 18.27
N TYR B 511 13.37 10.77 19.05
CA TYR B 511 13.73 9.41 18.69
C TYR B 511 13.33 8.56 19.86
N ALA B 512 14.07 8.71 20.96
CA ALA B 512 13.63 8.22 22.27
C ALA B 512 13.85 6.75 22.52
N GLY B 513 14.44 6.05 21.55
CA GLY B 513 14.55 4.60 21.69
C GLY B 513 15.65 4.16 22.62
N PRO B 514 15.73 2.85 22.90
CA PRO B 514 16.65 2.31 23.88
C PRO B 514 18.10 2.52 23.46
N CYS B 515 18.77 3.34 24.25
CA CYS B 515 20.17 3.68 24.05
C CYS B 515 20.41 4.89 23.17
N SER B 516 19.39 5.73 22.97
CA SER B 516 19.49 6.84 22.03
C SER B 516 20.09 8.08 22.66
N GLN B 517 20.44 9.02 21.80
CA GLN B 517 20.98 10.28 22.27
C GLN B 517 20.72 11.37 21.26
N LYS B 518 19.59 12.07 21.48
CA LYS B 518 19.28 13.25 20.69
C LYS B 518 19.76 14.58 21.28
N ALA B 519 20.44 14.57 22.44
CA ALA B 519 21.04 15.79 23.01
C ALA B 519 22.56 15.67 23.10
N ASP B 520 23.21 16.41 22.22
CA ASP B 520 24.67 16.32 22.08
C ASP B 520 25.28 17.67 21.77
N THR B 521 26.60 17.65 21.63
CA THR B 521 27.38 18.83 21.29
C THR B 521 27.78 18.86 19.81
N VAL B 522 27.16 18.06 18.92
CA VAL B 522 27.57 18.05 17.51
C VAL B 522 26.81 19.11 16.71
N PHE B 523 27.49 19.62 15.69
CA PHE B 523 26.96 20.66 14.81
C PHE B 523 26.24 20.06 13.62
N ARG B 524 25.11 20.66 13.28
CA ARG B 524 24.24 20.17 12.21
C ARG B 524 23.64 21.33 11.44
N LEU B 525 23.56 21.15 10.12
CA LEU B 525 22.71 21.99 9.28
C LEU B 525 21.60 21.11 8.72
N ASN B 526 20.39 21.33 9.24
CA ASN B 526 19.29 20.40 9.00
C ASN B 526 17.94 21.08 8.83
N TRP B 527 16.89 20.27 8.83
CA TRP B 527 15.54 20.80 8.78
C TRP B 527 15.20 21.70 9.96
N ALA B 528 15.67 21.31 11.15
CA ALA B 528 15.46 22.11 12.36
C ALA B 528 16.19 23.45 12.34
N THR B 529 17.31 23.52 11.61
CA THR B 529 18.03 24.76 11.40
C THR B 529 17.23 25.76 10.57
N TYR B 530 16.42 25.27 9.62
CA TYR B 530 15.54 26.13 8.85
C TYR B 530 14.32 26.54 9.65
N LEU B 531 13.79 25.61 10.45
CA LEU B 531 12.61 25.90 11.24
C LEU B 531 12.88 27.00 12.27
N ALA B 532 14.08 26.99 12.84
CA ALA B 532 14.53 28.07 13.70
C ALA B 532 14.86 29.35 12.96
N SER B 533 15.75 29.25 11.97
CA SER B 533 16.23 30.40 11.20
C SER B 533 15.15 31.27 10.53
N THR B 534 14.30 30.62 9.75
CA THR B 534 13.34 31.34 8.92
C THR B 534 12.03 31.55 9.66
N GLU B 535 11.51 30.46 10.23
CA GLU B 535 10.13 30.43 10.70
C GLU B 535 9.99 30.70 12.20
N ASN B 536 11.11 30.85 12.92
CA ASN B 536 11.08 31.26 14.33
C ASN B 536 10.51 30.20 15.27
N ILE B 537 10.97 28.97 15.08
CA ILE B 537 10.47 27.82 15.83
C ILE B 537 11.62 27.31 16.66
N ILE B 538 11.40 27.18 17.96
CA ILE B 538 12.37 26.45 18.78
C ILE B 538 12.19 24.97 18.49
N VAL B 539 13.21 24.32 17.96
CA VAL B 539 13.14 22.87 17.86
C VAL B 539 13.93 22.27 18.99
N ALA B 540 13.27 21.37 19.72
CA ALA B 540 13.86 20.82 20.94
C ALA B 540 13.93 19.31 20.92
N SER B 541 14.75 18.79 21.84
CA SER B 541 15.04 17.38 21.89
C SER B 541 15.40 17.01 23.32
N PHE B 542 15.06 15.80 23.75
CA PHE B 542 15.20 15.42 25.15
C PHE B 542 15.49 13.93 25.27
N ASP B 543 16.47 13.59 26.10
CA ASP B 543 16.84 12.20 26.38
C ASP B 543 16.38 11.84 27.77
N GLY B 544 15.33 11.02 27.84
CA GLY B 544 14.73 10.64 29.10
C GLY B 544 15.15 9.26 29.52
N ARG B 545 14.26 8.54 30.18
CA ARG B 545 14.57 7.16 30.52
C ARG B 545 14.56 6.28 29.28
N GLY B 546 15.51 5.37 29.27
CA GLY B 546 15.69 4.51 28.13
C GLY B 546 16.92 4.86 27.34
N SER B 547 17.26 6.14 27.35
CA SER B 547 18.45 6.68 26.68
C SER B 547 19.76 6.11 27.22
N GLY B 548 20.81 6.28 26.43
CA GLY B 548 22.07 5.64 26.77
C GLY B 548 23.13 6.62 27.23
N TYR B 549 24.29 6.04 27.51
CA TYR B 549 25.51 6.84 27.74
C TYR B 549 25.65 7.35 29.17
N GLN B 550 24.60 7.17 29.95
CA GLN B 550 24.38 7.77 31.27
C GLN B 550 24.27 6.72 32.37
N GLY B 551 24.55 5.46 32.04
CA GLY B 551 24.39 4.36 32.99
C GLY B 551 23.24 3.46 32.61
N ASP B 552 23.21 2.29 33.24
CA ASP B 552 22.13 1.33 33.06
C ASP B 552 20.91 1.62 33.95
N LYS B 553 21.06 2.47 34.96
CA LYS B 553 19.91 2.90 35.76
C LYS B 553 18.90 3.72 34.94
N ILE B 554 19.39 4.40 33.92
CA ILE B 554 18.54 5.12 32.99
C ILE B 554 18.17 4.24 31.82
N MET B 555 19.12 3.50 31.26
CA MET B 555 18.83 2.72 30.06
C MET B 555 17.88 1.57 30.30
N HIS B 556 18.15 0.79 31.36
CA HIS B 556 17.34 -0.38 31.66
C HIS B 556 16.04 -0.10 32.40
N ALA B 557 15.67 1.18 32.53
CA ALA B 557 14.35 1.56 33.04
C ALA B 557 13.20 1.11 32.15
N ILE B 558 13.50 1.09 30.85
CA ILE B 558 12.58 0.74 29.79
C ILE B 558 12.51 -0.76 29.54
N ASN B 559 13.25 -1.57 30.28
CA ASN B 559 13.33 -3.00 30.04
C ASN B 559 12.00 -3.69 30.24
N ARG B 560 11.57 -4.34 29.16
CA ARG B 560 10.35 -5.13 29.11
C ARG B 560 9.09 -4.30 28.95
N ARG B 561 9.32 -3.05 28.53
CA ARG B 561 8.43 -1.96 28.90
C ARG B 561 8.49 -0.86 27.86
N LEU B 562 8.61 -1.20 26.58
CA LEU B 562 8.63 -0.19 25.52
C LEU B 562 7.27 0.48 25.39
N GLY B 563 7.26 1.79 25.27
CA GLY B 563 6.00 2.54 25.17
C GLY B 563 5.57 3.19 26.47
N THR B 564 6.50 3.23 27.43
CA THR B 564 6.18 3.56 28.79
C THR B 564 6.95 4.81 29.09
N PHE B 565 8.05 4.70 29.82
CA PHE B 565 8.68 5.88 30.40
C PHE B 565 9.29 6.85 29.41
N GLU B 566 9.77 6.34 28.28
CA GLU B 566 10.25 7.20 27.21
C GLU B 566 9.16 8.12 26.65
N VAL B 567 7.92 7.65 26.65
CA VAL B 567 6.80 8.46 26.22
C VAL B 567 6.47 9.51 27.29
N GLU B 568 6.33 9.05 28.53
CA GLU B 568 6.05 9.90 29.68
C GLU B 568 6.98 11.07 29.83
N ASP B 569 8.25 10.82 29.57
CA ASP B 569 9.28 11.81 29.76
C ASP B 569 9.44 12.79 28.60
N GLN B 570 9.04 12.48 27.35
CA GLN B 570 8.94 13.54 26.33
C GLN B 570 7.77 14.49 26.60
N ILE B 571 6.68 13.95 27.17
CA ILE B 571 5.57 14.79 27.61
C ILE B 571 5.97 15.68 28.77
N GLU B 572 6.73 15.13 29.73
CA GLU B 572 7.11 15.88 30.92
C GLU B 572 8.16 16.91 30.62
N ALA B 573 9.04 16.60 29.67
CA ALA B 573 9.97 17.57 29.13
C ALA B 573 9.31 18.73 28.43
N ALA B 574 8.18 18.49 27.79
CA ALA B 574 7.43 19.58 27.16
C ALA B 574 6.56 20.34 28.16
N ARG B 575 6.10 19.67 29.23
CA ARG B 575 5.52 20.39 30.38
C ARG B 575 6.54 21.32 30.99
N GLN B 576 7.74 20.78 31.20
CA GLN B 576 8.85 21.52 31.76
C GLN B 576 9.31 22.65 30.87
N PHE B 577 9.30 22.48 29.55
CA PHE B 577 9.77 23.54 28.66
C PHE B 577 8.81 24.70 28.58
N SER B 578 7.52 24.44 28.80
CA SER B 578 6.54 25.51 28.98
C SER B 578 6.74 26.28 30.28
N LYS B 579 7.28 25.63 31.32
CA LYS B 579 7.67 26.28 32.58
C LYS B 579 8.71 27.39 32.41
N MET B 580 9.49 27.28 31.35
CA MET B 580 10.36 28.36 30.91
C MET B 580 9.48 29.33 30.12
N GLY B 581 9.67 30.63 30.32
CA GLY B 581 8.59 31.54 29.93
C GLY B 581 8.61 32.03 28.50
N PHE B 582 9.55 31.53 27.70
CA PHE B 582 9.70 31.97 26.33
C PHE B 582 8.99 31.09 25.30
N VAL B 583 8.03 30.26 25.74
CA VAL B 583 7.37 29.32 24.83
C VAL B 583 5.87 29.38 24.95
N ASP B 584 5.28 29.43 23.75
CA ASP B 584 3.86 29.34 23.49
C ASP B 584 3.37 27.92 23.73
N ASN B 585 2.61 27.76 24.81
CA ASN B 585 2.05 26.47 25.17
C ASN B 585 0.78 26.08 24.42
N LYS B 586 0.21 27.01 23.66
CA LYS B 586 -0.81 26.69 22.66
C LYS B 586 -0.22 26.27 21.31
N ARG B 587 1.11 26.12 21.26
CA ARG B 587 1.82 25.78 20.04
C ARG B 587 2.98 24.85 20.33
N ILE B 588 2.74 23.79 21.10
CA ILE B 588 3.72 22.71 21.17
C ILE B 588 3.34 21.69 20.07
N ALA B 589 4.37 21.18 19.39
CA ALA B 589 4.22 20.05 18.47
C ALA B 589 5.25 18.99 18.76
N ILE B 590 5.09 17.85 18.12
CA ILE B 590 5.96 16.70 18.31
C ILE B 590 6.17 15.97 16.97
N TRP B 591 7.37 15.47 16.72
CA TRP B 591 7.59 14.73 15.50
C TRP B 591 8.78 13.81 15.65
N GLY B 592 8.66 12.62 15.09
CA GLY B 592 9.86 11.83 14.87
C GLY B 592 9.72 10.87 13.72
N TRP B 593 10.76 10.06 13.60
CA TRP B 593 10.87 9.08 12.53
C TRP B 593 11.19 7.75 13.14
N SER B 594 10.32 6.78 12.88
CA SER B 594 10.62 5.38 13.14
C SER B 594 10.33 4.95 14.55
N TYR B 595 11.34 4.85 15.42
CA TYR B 595 11.03 4.83 16.85
C TYR B 595 10.49 6.19 17.30
N GLY B 596 11.01 7.25 16.69
CA GLY B 596 10.52 8.59 17.00
C GLY B 596 9.11 8.86 16.52
N GLY B 597 8.69 8.13 15.49
CA GLY B 597 7.31 8.21 15.07
C GLY B 597 6.39 7.36 15.92
N TYR B 598 6.91 6.28 16.50
CA TYR B 598 6.19 5.50 17.50
C TYR B 598 5.95 6.29 18.77
N VAL B 599 6.97 7.00 19.25
CA VAL B 599 6.79 7.77 20.47
C VAL B 599 5.97 9.03 20.20
N THR B 600 6.14 9.69 19.05
CA THR B 600 5.20 10.72 18.60
C THR B 600 3.74 10.29 18.64
N SER B 601 3.48 9.09 18.15
CA SER B 601 2.13 8.54 18.13
C SER B 601 1.57 8.19 19.51
N MET B 602 2.40 7.61 20.36
CA MET B 602 2.03 7.31 21.74
C MET B 602 1.89 8.55 22.62
N VAL B 603 2.62 9.63 22.31
CA VAL B 603 2.40 10.94 22.94
C VAL B 603 1.10 11.58 22.46
N LEU B 604 0.92 11.62 21.13
CA LEU B 604 -0.28 12.20 20.55
C LEU B 604 -1.57 11.51 20.93
N GLY B 605 -1.49 10.23 21.29
CA GLY B 605 -2.68 9.51 21.75
C GLY B 605 -2.76 9.32 23.25
N SER B 606 -1.97 10.07 24.01
CA SER B 606 -2.02 10.00 25.47
C SER B 606 -3.17 10.80 26.08
N GLY B 607 -3.54 11.93 25.48
CA GLY B 607 -4.56 12.76 26.08
C GLY B 607 -4.06 13.88 26.97
N SER B 608 -2.75 14.13 26.98
CA SER B 608 -2.14 15.01 27.98
C SER B 608 -2.47 16.51 27.83
N GLY B 609 -2.97 16.89 26.67
CA GLY B 609 -3.30 18.28 26.41
C GLY B 609 -2.14 19.14 25.94
N VAL B 610 -0.93 18.59 25.98
CA VAL B 610 0.24 19.42 25.76
C VAL B 610 0.48 19.70 24.28
N PHE B 611 0.18 18.72 23.44
CA PHE B 611 0.60 18.79 22.04
C PHE B 611 -0.63 19.05 21.20
N LYS B 612 -0.55 20.11 20.41
CA LYS B 612 -1.60 20.47 19.48
C LYS B 612 -1.51 19.64 18.22
N CYS B 613 -0.29 19.29 17.81
CA CYS B 613 -0.10 18.57 16.57
C CYS B 613 1.14 17.70 16.58
N GLY B 614 1.22 16.78 15.61
CA GLY B 614 2.51 16.14 15.37
C GLY B 614 2.55 15.26 14.14
N ILE B 615 3.75 14.73 13.85
CA ILE B 615 4.01 14.01 12.60
C ILE B 615 4.76 12.72 12.90
N ALA B 616 4.14 11.57 12.67
CA ALA B 616 4.86 10.30 12.75
C ALA B 616 5.28 9.86 11.35
N VAL B 617 6.59 9.74 11.13
CA VAL B 617 7.11 9.25 9.84
C VAL B 617 7.64 7.84 10.04
N ALA B 618 7.22 6.95 9.14
CA ALA B 618 7.54 5.51 9.15
C ALA B 618 7.51 4.79 10.50
N PRO B 619 6.48 5.00 11.35
CA PRO B 619 6.52 4.64 12.75
C PRO B 619 6.32 3.15 12.99
N VAL B 620 6.93 2.63 14.07
CA VAL B 620 6.42 1.39 14.64
C VAL B 620 5.06 1.63 15.30
N SER B 621 4.19 0.63 15.28
CA SER B 621 2.85 0.74 15.88
C SER B 621 2.48 -0.41 16.81
N ARG B 622 3.18 -1.51 16.68
CA ARG B 622 2.91 -2.73 17.40
C ARG B 622 4.19 -3.55 17.33
N TRP B 623 4.68 -3.96 18.49
CA TRP B 623 5.97 -4.63 18.56
C TRP B 623 6.02 -6.02 17.94
N GLU B 624 4.86 -6.66 17.78
CA GLU B 624 4.81 -7.90 17.00
C GLU B 624 4.96 -7.74 15.49
N TYR B 625 4.92 -6.52 14.98
CA TYR B 625 5.16 -6.30 13.56
C TYR B 625 6.63 -5.98 13.27
N TYR B 626 7.39 -5.57 14.29
CA TYR B 626 8.81 -5.29 14.09
C TYR B 626 9.68 -6.53 14.35
N ASP B 627 10.93 -6.49 13.92
CA ASP B 627 11.72 -7.71 13.93
C ASP B 627 12.03 -8.26 15.32
N SER B 628 12.27 -9.56 15.34
CA SER B 628 12.56 -10.32 16.54
C SER B 628 13.79 -9.87 17.34
N VAL B 629 14.94 -9.74 16.68
CA VAL B 629 16.22 -9.47 17.35
C VAL B 629 16.24 -8.14 18.10
N TYR B 630 15.75 -7.10 17.46
CA TYR B 630 15.57 -5.80 18.10
C TYR B 630 14.51 -5.84 19.17
N THR B 631 13.32 -6.37 18.84
CA THR B 631 12.18 -6.25 19.74
C THR B 631 12.38 -7.03 21.03
N GLU B 632 12.81 -8.26 20.87
CA GLU B 632 12.92 -9.19 21.99
C GLU B 632 14.12 -8.91 22.87
N ARG B 633 15.08 -8.12 22.35
CA ARG B 633 16.16 -7.56 23.16
C ARG B 633 15.65 -6.76 24.37
N TYR B 634 14.62 -5.96 24.10
CA TYR B 634 14.02 -5.09 25.09
C TYR B 634 12.64 -5.55 25.56
N MET B 635 12.09 -6.66 25.05
CA MET B 635 10.68 -7.02 25.33
C MET B 635 10.46 -8.45 25.79
N GLY B 636 11.43 -9.34 25.54
CA GLY B 636 11.18 -10.76 25.76
C GLY B 636 10.43 -11.35 24.59
N LEU B 637 9.76 -12.48 24.82
CA LEU B 637 8.99 -13.08 23.75
C LEU B 637 7.50 -12.72 23.90
N PRO B 638 6.72 -12.64 22.81
CA PRO B 638 5.31 -12.25 22.86
C PRO B 638 4.34 -13.40 23.14
N THR B 639 4.71 -14.18 24.16
CA THR B 639 3.94 -15.34 24.62
C THR B 639 3.33 -15.03 25.98
N PRO B 640 2.20 -15.65 26.39
CA PRO B 640 1.61 -15.38 27.71
C PRO B 640 2.41 -15.91 28.90
N GLU B 641 3.43 -16.72 28.61
CA GLU B 641 4.43 -17.19 29.57
C GLU B 641 5.54 -16.14 29.78
N ASP B 642 5.50 -15.06 29.00
CA ASP B 642 6.58 -14.10 28.95
C ASP B 642 6.02 -12.71 29.07
N ASN B 643 5.79 -12.04 27.93
CA ASN B 643 5.54 -10.61 27.98
C ASN B 643 4.41 -10.16 27.09
N LEU B 644 3.57 -11.09 26.64
CA LEU B 644 2.44 -10.80 25.76
C LEU B 644 1.54 -9.65 26.17
N ASP B 645 1.23 -9.59 27.46
CA ASP B 645 0.34 -8.53 27.95
C ASP B 645 0.83 -7.12 27.65
N HIS B 646 2.14 -6.90 27.78
CA HIS B 646 2.69 -5.60 27.46
C HIS B 646 3.01 -5.37 25.99
N TYR B 647 3.18 -6.42 25.20
CA TYR B 647 3.07 -6.26 23.74
C TYR B 647 1.73 -5.68 23.31
N ARG B 648 0.64 -6.14 23.95
CA ARG B 648 -0.69 -5.64 23.60
C ARG B 648 -0.99 -4.26 24.16
N ASN B 649 -0.51 -3.94 25.36
CA ASN B 649 -0.83 -2.63 25.96
C ASN B 649 -0.16 -1.45 25.24
N SER B 650 0.93 -1.72 24.54
CA SER B 650 1.80 -0.68 24.03
C SER B 650 1.64 -0.38 22.53
N THR B 651 0.41 -0.53 22.01
CA THR B 651 0.20 -0.20 20.59
C THR B 651 -0.31 1.23 20.45
N VAL B 652 -0.02 1.81 19.28
CA VAL B 652 -0.67 3.05 18.87
C VAL B 652 -2.18 2.88 18.70
N MET B 653 -2.58 1.70 18.17
CA MET B 653 -3.97 1.41 17.88
C MET B 653 -4.91 1.46 19.08
N SER B 654 -4.42 1.00 20.22
CA SER B 654 -5.19 1.07 21.47
C SER B 654 -5.30 2.46 22.07
N ARG B 655 -4.64 3.43 21.45
CA ARG B 655 -4.72 4.83 21.87
C ARG B 655 -5.48 5.70 20.87
N ALA B 656 -5.98 5.10 19.78
CA ALA B 656 -6.68 5.79 18.69
C ALA B 656 -7.75 6.83 19.02
N GLU B 657 -8.62 6.53 20.00
CA GLU B 657 -9.73 7.42 20.37
C GLU B 657 -9.30 8.79 20.91
N ASN B 658 -8.11 8.85 21.49
CA ASN B 658 -7.62 10.08 22.09
C ASN B 658 -6.98 11.03 21.09
N PHE B 659 -6.69 10.55 19.87
CA PHE B 659 -6.13 11.39 18.81
C PHE B 659 -7.12 12.43 18.29
N LYS B 660 -8.40 12.29 18.64
CA LYS B 660 -9.40 13.31 18.34
C LYS B 660 -9.12 14.71 18.89
N GLN B 661 -8.23 14.76 19.88
CA GLN B 661 -7.82 16.00 20.52
C GLN B 661 -6.67 16.71 19.79
N VAL B 662 -6.04 16.07 18.79
CA VAL B 662 -4.80 16.57 18.20
C VAL B 662 -4.83 16.41 16.69
N GLU B 663 -4.30 17.40 15.99
CA GLU B 663 -4.01 17.25 14.57
C GLU B 663 -2.84 16.26 14.38
N TYR B 664 -2.87 15.51 13.27
CA TYR B 664 -1.99 14.35 13.12
C TYR B 664 -1.65 14.14 11.67
N LEU B 665 -0.38 13.84 11.39
CA LEU B 665 0.06 13.56 10.05
C LEU B 665 0.83 12.27 10.10
N LEU B 666 0.32 11.24 9.41
CA LEU B 666 0.98 9.95 9.36
C LEU B 666 1.67 9.79 8.01
N ILE B 667 2.97 9.44 8.02
CA ILE B 667 3.76 9.28 6.78
C ILE B 667 4.47 7.95 6.73
N HIS B 668 4.55 7.34 5.54
CA HIS B 668 5.16 6.00 5.41
C HIS B 668 5.50 5.70 3.96
N GLY B 669 6.60 5.03 3.70
CA GLY B 669 6.96 4.66 2.33
C GLY B 669 6.64 3.20 2.09
N THR B 670 5.99 2.93 0.96
CA THR B 670 5.37 1.61 0.73
C THR B 670 6.33 0.45 0.60
N ALA B 671 7.56 0.73 0.15
CA ALA B 671 8.61 -0.26 0.06
C ALA B 671 9.50 -0.34 1.29
N ASP B 672 9.02 0.13 2.45
CA ASP B 672 9.78 0.03 3.68
C ASP B 672 9.87 -1.40 4.16
N ASP B 673 11.06 -1.94 4.01
CA ASP B 673 11.38 -3.32 4.38
C ASP B 673 11.73 -3.50 5.85
N ASN B 674 11.96 -2.38 6.52
CA ASN B 674 12.36 -2.32 7.91
C ASN B 674 11.10 -2.27 8.80
N VAL B 675 10.51 -1.11 8.94
CA VAL B 675 9.29 -0.97 9.71
C VAL B 675 8.20 -0.98 8.65
N HIS B 676 7.44 -2.07 8.55
CA HIS B 676 6.64 -2.23 7.33
C HIS B 676 5.51 -1.25 7.19
N PHE B 677 5.11 -0.99 5.95
CA PHE B 677 3.92 -0.16 5.69
C PHE B 677 2.64 -0.68 6.32
N GLN B 678 2.59 -2.00 6.58
CA GLN B 678 1.67 -2.59 7.56
C GLN B 678 1.46 -1.82 8.87
N GLN B 679 2.52 -1.24 9.41
CA GLN B 679 2.46 -0.62 10.73
C GLN B 679 1.67 0.70 10.71
N SER B 680 1.86 1.54 9.70
CA SER B 680 0.98 2.70 9.52
C SER B 680 -0.42 2.35 9.00
N ALA B 681 -0.51 1.25 8.24
CA ALA B 681 -1.79 0.80 7.75
C ALA B 681 -2.72 0.30 8.84
N GLN B 682 -2.16 -0.08 9.99
CA GLN B 682 -2.99 -0.52 11.12
C GLN B 682 -3.29 0.64 12.06
N ILE B 683 -2.44 1.68 12.11
CA ILE B 683 -2.80 2.97 12.71
C ILE B 683 -4.01 3.61 12.03
N SER B 684 -3.97 3.70 10.70
CA SER B 684 -5.07 4.31 9.97
C SER B 684 -6.40 3.55 10.06
N LYS B 685 -6.33 2.21 10.14
CA LYS B 685 -7.53 1.39 10.35
C LYS B 685 -8.13 1.71 11.71
N ALA B 686 -7.28 1.81 12.72
CA ALA B 686 -7.70 2.14 14.07
C ALA B 686 -8.37 3.50 14.22
N LEU B 687 -7.75 4.51 13.60
CA LEU B 687 -8.35 5.84 13.56
C LEU B 687 -9.67 5.92 12.81
N VAL B 688 -9.77 5.15 11.73
CA VAL B 688 -10.99 5.12 10.92
C VAL B 688 -12.13 4.44 11.65
N ASP B 689 -11.84 3.32 12.31
CA ASP B 689 -12.84 2.54 13.04
C ASP B 689 -13.26 3.17 14.36
N VAL B 690 -12.92 4.44 14.52
CA VAL B 690 -13.15 5.17 15.75
C VAL B 690 -13.53 6.62 15.47
N GLY B 691 -13.38 7.08 14.23
CA GLY B 691 -13.99 8.33 13.82
C GLY B 691 -13.09 9.55 13.75
N VAL B 692 -11.78 9.37 13.97
CA VAL B 692 -10.85 10.48 14.12
C VAL B 692 -10.25 10.83 12.77
N ASP B 693 -10.39 12.08 12.34
CA ASP B 693 -9.73 12.55 11.12
C ASP B 693 -8.23 12.74 11.34
N PHE B 694 -7.48 12.59 10.27
CA PHE B 694 -6.03 12.72 10.29
C PHE B 694 -5.54 12.97 8.87
N GLN B 695 -4.39 13.62 8.75
CA GLN B 695 -3.75 13.78 7.44
C GLN B 695 -2.94 12.54 7.14
N ALA B 696 -2.88 12.16 5.86
CA ALA B 696 -1.99 11.05 5.48
C ALA B 696 -1.10 11.41 4.30
N MET B 697 -0.01 10.66 4.22
CA MET B 697 0.89 10.76 3.07
C MET B 697 1.63 9.43 2.89
N TRP B 698 1.58 8.85 1.70
CA TRP B 698 2.37 7.65 1.40
C TRP B 698 3.44 8.01 0.38
N TYR B 699 4.40 7.10 0.22
CA TYR B 699 5.50 7.34 -0.72
C TYR B 699 5.77 6.07 -1.49
N THR B 700 5.51 6.15 -2.80
CA THR B 700 5.45 4.95 -3.63
C THR B 700 6.86 4.51 -3.92
N ASP B 701 7.20 3.39 -3.31
CA ASP B 701 8.48 2.74 -3.59
C ASP B 701 9.66 3.25 -2.80
N GLU B 702 9.41 4.20 -1.91
CA GLU B 702 10.39 4.64 -0.94
C GLU B 702 10.46 3.65 0.20
N ASP B 703 11.68 3.50 0.73
CA ASP B 703 11.92 2.60 1.84
C ASP B 703 11.94 3.37 3.17
N HIS B 704 12.58 2.75 4.15
CA HIS B 704 12.75 3.34 5.47
C HIS B 704 13.39 4.72 5.53
N GLY B 705 14.18 5.05 4.51
CA GLY B 705 14.83 6.34 4.47
C GLY B 705 14.05 7.45 3.79
N ILE B 706 13.16 7.12 2.84
CA ILE B 706 12.39 8.13 2.08
C ILE B 706 13.33 9.15 1.44
N ALA B 707 14.37 8.59 0.83
CA ALA B 707 15.65 9.26 0.70
C ALA B 707 16.12 9.40 -0.72
N SER B 708 15.24 9.19 -1.70
CA SER B 708 15.52 9.71 -3.03
C SER B 708 15.58 11.25 -3.02
N SER B 709 16.21 11.83 -4.03
CA SER B 709 16.24 13.28 -4.15
C SER B 709 14.87 13.95 -4.18
N THR B 710 13.96 13.36 -4.96
CA THR B 710 12.62 13.89 -5.11
C THR B 710 11.76 13.66 -3.89
N ALA B 711 11.86 12.48 -3.27
CA ALA B 711 10.99 12.19 -2.12
C ALA B 711 11.52 12.80 -0.83
N HIS B 712 12.80 13.14 -0.80
CA HIS B 712 13.36 13.91 0.31
C HIS B 712 12.91 15.36 0.27
N GLN B 713 12.88 15.92 -0.94
CA GLN B 713 12.38 17.29 -1.10
C GLN B 713 10.90 17.39 -0.77
N HIS B 714 10.16 16.39 -1.24
CA HIS B 714 8.72 16.35 -1.07
C HIS B 714 8.23 16.06 0.35
N ILE B 715 8.82 15.08 1.06
CA ILE B 715 8.46 14.84 2.47
C ILE B 715 8.70 16.05 3.37
N TYR B 716 9.89 16.66 3.27
CA TYR B 716 10.17 17.80 4.13
C TYR B 716 9.40 19.06 3.74
N THR B 717 8.99 19.19 2.47
CA THR B 717 8.11 20.30 2.09
C THR B 717 6.71 20.12 2.67
N HIS B 718 6.18 18.91 2.57
CA HIS B 718 4.85 18.59 3.08
C HIS B 718 4.73 18.70 4.61
N MET B 719 5.78 18.26 5.31
CA MET B 719 5.85 18.39 6.75
C MET B 719 6.01 19.83 7.20
N SER B 720 6.73 20.62 6.40
CA SER B 720 6.91 22.06 6.66
C SER B 720 5.61 22.83 6.61
N HIS B 721 4.79 22.48 5.61
CA HIS B 721 3.43 22.97 5.53
C HIS B 721 2.62 22.62 6.77
N PHE B 722 2.69 21.37 7.23
CA PHE B 722 1.91 20.96 8.40
C PHE B 722 2.29 21.65 9.71
N ILE B 723 3.57 21.92 9.93
CA ILE B 723 3.99 22.60 11.17
C ILE B 723 3.72 24.10 11.09
N LYS B 724 3.83 24.67 9.88
CA LYS B 724 3.44 26.06 9.68
C LYS B 724 1.96 26.33 9.85
N GLN B 725 1.10 25.49 9.26
CA GLN B 725 -0.34 25.68 9.39
C GLN B 725 -0.87 25.33 10.78
N CYS B 726 -0.21 24.41 11.49
CA CYS B 726 -0.53 24.14 12.89
C CYS B 726 -0.19 25.30 13.81
N PHE B 727 0.98 25.87 13.60
CA PHE B 727 1.44 26.99 14.40
C PHE B 727 0.96 28.34 13.89
N SER B 728 0.07 28.33 12.88
CA SER B 728 -0.60 29.54 12.39
C SER B 728 0.30 30.49 11.58
N LEU B 729 1.54 30.08 11.34
CA LEU B 729 2.52 30.87 10.62
C LEU B 729 2.17 30.96 9.13
N PRO B 730 2.25 32.16 8.51
CA PRO B 730 1.87 32.34 7.09
C PRO B 730 2.47 31.32 6.09
C1 NAG C . -56.50 -14.13 -0.47
C2 NAG C . -55.55 -15.22 0.13
C3 NAG C . -56.03 -16.65 -0.27
C4 NAG C . -57.12 -16.66 -1.34
C5 NAG C . -58.26 -15.67 -1.02
C6 NAG C . -59.35 -16.32 -0.15
C7 NAG C . -53.29 -14.26 0.18
C8 NAG C . -51.96 -14.10 -0.55
N2 NAG C . -54.22 -15.00 -0.43
O3 NAG C . -56.54 -17.33 0.87
O4 NAG C . -56.56 -16.35 -2.63
O5 NAG C . -57.81 -14.54 -0.28
O6 NAG C . -60.55 -15.62 -0.32
O7 NAG C . -53.46 -13.71 1.28
C1 NAG D . -21.43 -25.11 8.26
C2 NAG D . -22.36 -24.33 9.25
C3 NAG D . -22.63 -25.12 10.57
C4 NAG D . -22.89 -26.61 10.30
C5 NAG D . -21.78 -27.15 9.37
C6 NAG D . -21.93 -28.65 9.00
C7 NAG D . -20.70 -22.68 10.10
C8 NAG D . -20.36 -21.20 10.28
N2 NAG D . -21.88 -22.95 9.51
O3 NAG D . -23.78 -24.57 11.19
O4 NAG D . -22.89 -27.29 11.54
O5 NAG D . -21.89 -26.42 8.15
O6 NAG D . -20.66 -29.20 8.71
O7 NAG D . -19.91 -23.54 10.49
C1 NAG E . -39.21 -30.18 -21.18
C2 NAG E . -40.08 -31.45 -20.97
C3 NAG E . -39.34 -32.66 -21.59
C4 NAG E . -38.75 -32.38 -22.99
C5 NAG E . -38.07 -30.99 -23.04
C6 NAG E . -37.49 -30.58 -24.41
C7 NAG E . -41.20 -31.18 -18.77
C8 NAG E . -41.15 -31.44 -17.28
N2 NAG E . -40.19 -31.67 -19.51
O3 NAG E . -40.24 -33.74 -21.75
O4 NAG E . -37.76 -33.36 -23.23
O5 NAG E . -38.94 -29.96 -22.53
O6 NAG E . -38.37 -30.91 -25.46
O7 NAG E . -42.14 -30.55 -19.27
C1 NAG F . -7.22 -24.46 -19.60
C2 NAG F . -7.31 -25.93 -20.10
C3 NAG F . -5.87 -26.44 -20.18
C4 NAG F . -5.01 -25.53 -21.09
C5 NAG F . -5.11 -24.06 -20.63
C6 NAG F . -4.50 -23.10 -21.66
C7 NAG F . -9.38 -27.09 -19.35
C8 NAG F . -10.02 -27.95 -18.29
N2 NAG F . -8.08 -26.75 -19.15
O3 NAG F . -5.87 -27.73 -20.76
O4 NAG F . -3.67 -25.93 -21.02
O5 NAG F . -6.48 -23.72 -20.52
O6 NAG F . -4.58 -21.78 -21.16
O7 NAG F . -10.03 -26.72 -20.33
C1 NAG G . -16.76 -39.52 -13.42
C2 NAG G . -16.29 -40.61 -12.43
C3 NAG G . -15.03 -40.11 -11.68
C4 NAG G . -13.98 -39.52 -12.64
C5 NAG G . -14.63 -38.49 -13.59
C6 NAG G . -13.68 -38.00 -14.70
C7 NAG G . -18.07 -41.93 -11.34
C8 NAG G . -19.13 -41.96 -10.25
N2 NAG G . -17.36 -40.80 -11.44
O3 NAG G . -14.45 -41.21 -11.01
O4 NAG G . -12.97 -38.91 -11.86
O5 NAG G . -15.70 -39.14 -14.24
O6 NAG G . -14.20 -36.84 -15.32
O7 NAG G . -17.90 -42.90 -12.06
C1 NAG H . -13.69 -2.30 -35.75
C2 NAG H . -13.96 -2.00 -37.24
C3 NAG H . -12.60 -2.07 -37.98
C4 NAG H . -11.63 -1.05 -37.34
C5 NAG H . -11.53 -1.32 -35.82
C6 NAG H . -10.72 -0.32 -34.98
C7 NAG H . -14.98 -4.19 -37.92
C8 NAG H . -16.21 -4.88 -38.49
N2 NAG H . -15.04 -2.84 -37.82
O3 NAG H . -12.78 -1.70 -39.33
O4 NAG H . -10.35 -1.17 -37.95
O5 NAG H . -12.82 -1.37 -35.22
O6 NAG H . -11.18 1.01 -35.15
O7 NAG H . -14.00 -4.84 -37.58
C1 NAG I . 0.00 -28.30 -25.79
C2 NAG I . -0.90 -29.27 -24.96
C3 NAG I . -0.27 -30.70 -24.93
C4 NAG I . 0.21 -31.16 -26.32
C5 NAG I . 1.19 -30.09 -26.81
C6 NAG I . 2.02 -30.37 -28.10
C7 NAG I . -2.01 -28.75 -22.81
C8 NAG I . -1.82 -28.29 -21.37
N2 NAG I . -0.90 -28.78 -23.57
O1 NAG I . -0.73 -27.14 -26.09
O3 NAG I . -1.24 -31.60 -24.46
O4 NAG I . 0.83 -32.43 -26.21
O5 NAG I . 0.43 -28.90 -26.98
O6 NAG I . 1.21 -30.64 -29.23
O7 NAG I . -3.13 -29.08 -23.21
N1 SKK J . -16.66 2.73 -11.59
N2 SKK J . -14.99 1.04 -14.03
N3 SKK J . -17.33 -1.76 -14.70
N4 SKK J . -20.98 -1.82 -15.44
N5 SKK J . -25.13 -1.92 -17.97
N6 SKK J . -24.73 -0.22 -16.32
N7 SKK J . -25.38 0.87 -15.75
O8 SKK J . -16.02 -0.40 -12.61
O9 SKK J . -21.19 -3.21 -17.23
C10 SKK J . -15.74 2.41 -12.20
C11 SKK J . -14.58 1.96 -13.00
C12 SKK J . -13.87 3.07 -13.78
C13 SKK J . -13.46 2.43 -15.10
C14 SKK J . -14.57 1.40 -15.36
C15 SKK J . -15.71 -0.07 -13.76
C16 SKK J . -16.13 -0.95 -14.94
C17 SKK J . -18.66 -1.11 -14.82
C18 SKK J . -19.03 -0.38 -13.52
C19 SKK J . -18.73 -0.12 -16.00
C20 SKK J . -19.65 -2.27 -15.05
C21 SKK J . -21.65 -2.33 -16.50
C22 SKK J . -23.03 -1.77 -16.74
C23 SKK J . -23.48 -0.66 -16.03
C24 SKK J . -23.90 -2.35 -17.69
C25 SKK J . -25.56 -0.84 -17.29
C26 SKK J . -26.71 -0.12 -17.30
C27 SKK J . -26.55 0.91 -16.34
C28 SKK J . -27.56 1.96 -16.00
C1 NAG K . 57.18 11.60 0.64
C2 NAG K . 56.89 10.39 -0.28
C3 NAG K . 57.98 9.34 -0.08
C4 NAG K . 59.35 9.95 -0.43
C5 NAG K . 59.56 11.18 0.49
C6 NAG K . 60.80 12.00 0.16
C7 NAG K . 54.47 10.12 -0.67
C8 NAG K . 53.17 9.47 -0.24
N2 NAG K . 55.57 9.84 0.04
O3 NAG K . 57.77 8.26 -0.96
O4 NAG K . 60.41 9.01 -0.24
O5 NAG K . 58.47 12.09 0.39
O6 NAG K . 60.80 12.37 -1.19
O7 NAG K . 54.48 10.89 -1.65
C1 NAG L . 29.40 -6.86 -15.48
C2 NAG L . 30.80 -6.85 -16.15
C3 NAG L . 30.93 -5.54 -16.96
C4 NAG L . 29.70 -5.28 -17.87
C5 NAG L . 28.39 -5.42 -17.07
C6 NAG L . 27.14 -5.36 -17.95
C7 NAG L . 32.42 -8.03 -14.72
C8 NAG L . 33.42 -7.92 -13.57
N2 NAG L . 31.81 -6.91 -15.09
O3 NAG L . 32.07 -5.64 -17.80
O4 NAG L . 29.78 -3.96 -18.37
O5 NAG L . 28.42 -6.71 -16.47
O6 NAG L . 26.01 -5.05 -17.16
O7 NAG L . 32.21 -9.13 -15.25
C1 NAG M . 50.08 -17.90 9.39
C2 NAG M . 51.34 -18.46 8.68
C3 NAG M . 51.17 -19.99 8.56
C4 NAG M . 50.72 -20.66 9.88
C5 NAG M . 49.62 -19.84 10.59
C6 NAG M . 49.26 -20.34 11.99
C7 NAG M . 52.00 -16.70 7.05
C8 NAG M . 51.85 -16.16 5.64
N2 NAG M . 51.37 -17.86 7.32
O3 NAG M . 52.40 -20.59 8.25
O4 NAG M . 50.16 -21.93 9.55
O5 NAG M . 49.95 -18.44 10.66
O6 NAG M . 50.39 -20.35 12.82
O7 NAG M . 52.65 -16.07 7.89
C1 NAG N . 18.46 -25.62 6.75
C2 NAG N . 19.25 -26.90 6.45
C3 NAG N . 18.24 -27.96 5.96
C4 NAG N . 17.05 -28.13 6.94
C5 NAG N . 16.42 -26.76 7.25
C6 NAG N . 15.43 -26.83 8.42
C7 NAG N . 21.55 -26.45 5.67
C8 NAG N . 22.45 -26.10 4.49
N2 NAG N . 20.24 -26.60 5.41
O3 NAG N . 18.93 -29.19 5.91
O4 NAG N . 16.05 -28.97 6.39
O5 NAG N . 17.46 -25.88 7.69
O6 NAG N . 14.67 -25.65 8.45
O7 NAG N . 22.02 -26.57 6.81
C1 NAG O . 32.79 -31.89 -4.08
C2 NAG O . 31.58 -31.12 -4.68
C3 NAG O . 31.16 -31.83 -6.01
C4 NAG O . 32.33 -32.30 -6.88
C5 NAG O . 33.42 -33.01 -6.06
C6 NAG O . 34.74 -33.21 -6.81
C7 NAG O . 29.30 -30.72 -3.77
C8 NAG O . 28.34 -31.00 -2.63
N2 NAG O . 30.52 -31.27 -3.67
O3 NAG O . 30.45 -30.93 -6.85
O4 NAG O . 31.81 -33.19 -7.86
O5 NAG O . 33.77 -32.12 -5.02
O6 NAG O . 35.59 -34.03 -6.03
O7 NAG O . 28.94 -30.04 -4.73
C1 NAG P . 16.64 -12.98 31.72
C2 NAG P . 17.04 -13.62 33.08
C3 NAG P . 15.84 -14.08 33.94
C4 NAG P . 14.55 -13.24 33.76
C5 NAG P . 14.31 -13.05 32.25
C6 NAG P . 13.04 -12.26 31.85
C7 NAG P . 19.15 -14.90 32.84
C8 NAG P . 19.79 -16.20 32.38
N2 NAG P . 17.82 -14.81 32.72
O3 NAG P . 16.25 -13.98 35.29
O4 NAG P . 13.45 -13.90 34.37
O5 NAG P . 15.41 -12.33 31.73
O6 NAG P . 12.92 -11.04 32.56
O7 NAG P . 19.84 -13.97 33.28
N1 SKK Q . 14.87 3.76 13.47
N2 SKK Q . 14.54 0.48 14.36
N3 SKK Q . 17.81 -1.16 13.65
N4 SKK Q . 20.70 -0.38 15.88
N5 SKK Q . 25.35 0.84 16.45
N6 SKK Q . 23.56 2.31 17.13
N7 SKK Q . 23.39 3.57 17.68
O8 SKK Q . 15.99 0.59 12.62
O9 SKK Q . 22.32 -1.86 15.29
C10 SKK Q . 14.32 2.75 13.62
C11 SKK Q . 13.63 1.46 13.81
C12 SKK Q . 12.50 1.52 14.84
C13 SKK Q . 12.66 0.26 15.71
C14 SKK Q . 14.14 -0.05 15.64
C15 SKK Q . 15.67 0.12 13.71
C16 SKK Q . 16.56 -0.91 14.40
C17 SKK Q . 19.01 -0.43 14.10
C18 SKK Q . 20.05 -0.47 12.96
C19 SKK Q . 18.71 1.07 14.36
C20 SKK Q . 19.58 -1.14 15.36
C21 SKK Q . 21.98 -0.78 15.76
C22 SKK Q . 23.00 0.23 16.23
C23 SKK Q . 22.60 1.43 16.78
C24 SKK Q . 24.39 -0.02 16.09
C25 SKK Q . 24.94 2.02 16.96
C26 SKK Q . 25.60 3.13 17.40
C27 SKK Q . 24.61 4.06 17.82
C28 SKK Q . 24.84 5.43 18.36
#